data_5BQ2
#
_entry.id   5BQ2
#
_cell.length_a   130.170
_cell.length_b   166.810
_cell.length_c   81.450
_cell.angle_alpha   90.000
_cell.angle_beta   90.000
_cell.angle_gamma   90.000
#
_symmetry.space_group_name_H-M   'P 21 21 2'
#
loop_
_entity.id
_entity.type
_entity.pdbx_description
1 polymer 'UDP-N-acetylglucosamine 1-carboxyvinyltransferase'
2 non-polymer 'URIDINE-DIPHOSPHATE-2(N-ACETYLGLUCOSAMINYL) BUTYRIC ACID'
3 non-polymer 'MAGNESIUM ION'
4 water water
#
_entity_poly.entity_id   1
_entity_poly.type   'polypeptide(L)'
_entity_poly.pdbx_seq_one_letter_code
;MAHHHHHHMDKLIITGGNRLDGEIRISGAKNSALPILAATLLADTPVTVCNLPHLHDITTMIELFGRMGVQPIIDEKLNV
EVDASSIKTLVAPYELVKTMRASILVLGPMLARFGEAEVALPGG(QPA)AIGSRPVDLHIRGLEAMGAQIEVEGGYIKAK
APAGGLRGGHFFFDTVSVTGTENLMMAAALANGRTVLQNAAREPEVVDLANCLNAMGANVQGAGSDTIVIEGVKRLGGAR
YDVLPDRIETGTYLVAAAATGGRVKLKDTDPTILEAVLQKLEEAGAHISTGSNWIELDMKGNRPKAVNVRTAPYPAFPTD
MQAQFISMNAVAEGTGAVIETVFENRFMHVYEMNRMGAQILVEGNTAIVTGVPKLKGAPVMATDLRASASLVIAGLVAEG
DTLIDRIYHIDRGYECIEEKLQLLGAKIRRVPG
;
_entity_poly.pdbx_strand_id   A,B,C,D
#
# COMPACT_ATOMS: atom_id res chain seq x y z
N HIS A 5 31.61 -29.60 3.59
CA HIS A 5 32.35 -28.51 4.20
C HIS A 5 32.05 -27.17 3.51
N HIS A 6 30.93 -26.57 3.86
CA HIS A 6 30.49 -25.32 3.21
C HIS A 6 31.50 -24.20 3.42
N HIS A 7 31.62 -23.33 2.42
CA HIS A 7 32.49 -22.16 2.45
C HIS A 7 31.69 -20.93 2.03
N HIS A 8 32.05 -19.77 2.57
CA HIS A 8 31.31 -18.53 2.31
C HIS A 8 31.11 -18.25 0.82
N MET A 9 32.09 -18.63 0.00
CA MET A 9 32.09 -18.30 -1.42
C MET A 9 31.54 -19.41 -2.31
N ASP A 10 30.90 -20.43 -1.72
CA ASP A 10 30.31 -21.53 -2.49
C ASP A 10 29.26 -21.04 -3.48
N LYS A 11 29.10 -21.77 -4.58
CA LYS A 11 28.00 -21.54 -5.52
C LYS A 11 27.26 -22.86 -5.75
N LEU A 12 26.04 -22.76 -6.27
CA LEU A 12 25.35 -23.96 -6.76
C LEU A 12 25.17 -23.87 -8.27
N ILE A 13 25.42 -24.96 -8.98
CA ILE A 13 25.11 -24.99 -10.41
C ILE A 13 24.04 -26.05 -10.65
N ILE A 14 22.97 -25.63 -11.30
CA ILE A 14 21.81 -26.49 -11.52
C ILE A 14 21.60 -26.68 -13.00
N THR A 15 21.24 -27.88 -13.41
CA THR A 15 20.76 -28.07 -14.79
C THR A 15 19.30 -28.45 -14.72
N GLY A 16 18.43 -27.68 -15.39
CA GLY A 16 17.00 -27.94 -15.28
C GLY A 16 16.52 -29.06 -16.18
N GLY A 17 15.26 -29.47 -15.99
CA GLY A 17 14.64 -30.39 -16.94
C GLY A 17 14.31 -31.78 -16.46
N ASN A 18 14.59 -32.07 -15.20
CA ASN A 18 14.31 -33.39 -14.64
C ASN A 18 13.09 -33.39 -13.72
N ARG A 19 12.17 -34.32 -13.91
CA ARG A 19 11.10 -34.50 -12.94
C ARG A 19 11.66 -35.16 -11.68
N LEU A 20 11.50 -34.51 -10.52
CA LEU A 20 12.02 -35.09 -9.29
C LEU A 20 11.31 -36.40 -8.95
N ASP A 21 12.02 -37.29 -8.26
CA ASP A 21 11.46 -38.58 -7.86
C ASP A 21 12.36 -39.15 -6.77
N GLY A 22 11.80 -39.38 -5.58
CA GLY A 22 12.59 -40.04 -4.55
C GLY A 22 12.04 -39.76 -3.18
N GLU A 23 12.79 -40.13 -2.15
CA GLU A 23 12.36 -39.84 -0.78
C GLU A 23 13.51 -39.27 0.03
N ILE A 24 13.19 -38.30 0.87
CA ILE A 24 14.18 -37.75 1.79
C ILE A 24 13.56 -37.55 3.16
N ARG A 25 14.44 -37.37 4.14
CA ARG A 25 14.00 -37.10 5.49
CA ARG A 25 14.04 -37.10 5.51
C ARG A 25 14.08 -35.60 5.78
N ILE A 26 13.02 -35.10 6.41
CA ILE A 26 12.92 -33.71 6.83
C ILE A 26 13.68 -33.54 8.15
N SER A 27 14.44 -32.45 8.24
CA SER A 27 15.24 -32.13 9.41
C SER A 27 14.42 -31.36 10.44
N GLY A 28 14.95 -31.22 11.65
CA GLY A 28 14.30 -30.43 12.69
C GLY A 28 14.18 -28.96 12.31
N ALA A 29 13.19 -28.28 12.89
CA ALA A 29 12.92 -26.88 12.52
C ALA A 29 13.98 -25.91 13.00
N LYS A 30 14.57 -25.20 12.05
CA LYS A 30 15.56 -24.16 12.39
C LYS A 30 14.99 -23.16 13.40
N ASN A 31 13.74 -22.76 13.19
CA ASN A 31 13.16 -21.71 14.03
C ASN A 31 12.48 -22.23 15.29
N SER A 32 12.59 -23.53 15.55
CA SER A 32 12.35 -24.06 16.89
C SER A 32 13.69 -24.23 17.62
N ALA A 33 14.71 -24.70 16.89
CA ALA A 33 16.05 -24.88 17.45
C ALA A 33 16.58 -23.58 18.06
N LEU A 34 16.38 -22.47 17.36
CA LEU A 34 16.94 -21.20 17.81
C LEU A 34 16.32 -20.76 19.16
N PRO A 35 14.98 -20.68 19.25
CA PRO A 35 14.47 -20.29 20.58
C PRO A 35 14.74 -21.33 21.67
N ILE A 36 14.71 -22.62 21.35
CA ILE A 36 14.98 -23.63 22.38
C ILE A 36 16.43 -23.56 22.84
N LEU A 37 17.37 -23.31 21.93
CA LEU A 37 18.76 -23.08 22.37
C LEU A 37 18.84 -21.87 23.29
N ALA A 38 18.15 -20.78 22.95
CA ALA A 38 18.12 -19.63 23.86
C ALA A 38 17.54 -20.03 25.23
N ALA A 39 16.51 -20.87 25.21
CA ALA A 39 15.86 -21.32 26.44
C ALA A 39 16.80 -22.06 27.39
N THR A 40 17.91 -22.60 26.87
CA THR A 40 18.81 -23.37 27.73
C THR A 40 19.45 -22.45 28.76
N LEU A 41 19.45 -21.13 28.51
CA LEU A 41 19.89 -20.17 29.51
C LEU A 41 19.09 -20.21 30.81
N LEU A 42 17.87 -20.74 30.76
CA LEU A 42 17.00 -20.79 31.93
C LEU A 42 17.32 -21.94 32.88
N ALA A 43 18.02 -22.96 32.36
CA ALA A 43 18.10 -24.23 33.10
C ALA A 43 19.29 -24.28 34.05
N ASP A 44 19.12 -24.91 35.21
CA ASP A 44 20.27 -25.01 36.12
C ASP A 44 20.95 -26.39 36.08
N THR A 45 20.51 -27.26 35.17
CA THR A 45 21.24 -28.48 34.82
C THR A 45 21.26 -28.55 33.29
N PRO A 46 22.15 -29.34 32.68
CA PRO A 46 22.33 -29.20 31.23
C PRO A 46 21.12 -29.65 30.39
N VAL A 47 20.91 -28.95 29.28
CA VAL A 47 19.86 -29.27 28.31
C VAL A 47 20.50 -29.90 27.08
N THR A 48 19.92 -30.98 26.56
CA THR A 48 20.39 -31.55 25.31
C THR A 48 19.33 -31.38 24.24
N VAL A 49 19.66 -30.65 23.18
CA VAL A 49 18.71 -30.35 22.11
C VAL A 49 18.99 -31.30 20.96
N CYS A 50 17.96 -31.98 20.49
CA CYS A 50 18.15 -33.03 19.49
C CYS A 50 17.31 -32.77 18.23
N ASN A 51 17.56 -33.60 17.23
CA ASN A 51 16.99 -33.43 15.89
C ASN A 51 17.32 -32.08 15.30
N LEU A 52 18.51 -31.56 15.58
CA LEU A 52 18.90 -30.28 15.01
C LEU A 52 19.21 -30.39 13.51
N PRO A 53 18.80 -29.39 12.73
CA PRO A 53 19.22 -29.30 11.34
C PRO A 53 20.66 -28.84 11.26
N HIS A 54 21.40 -29.33 10.27
CA HIS A 54 22.79 -28.90 10.16
C HIS A 54 22.87 -27.75 9.20
N LEU A 55 22.69 -26.55 9.74
CA LEU A 55 22.69 -25.34 8.95
C LEU A 55 23.30 -24.21 9.77
N HIS A 56 23.62 -23.10 9.12
CA HIS A 56 24.56 -22.17 9.75
C HIS A 56 23.97 -21.33 10.89
N ASP A 57 22.64 -21.13 10.93
CA ASP A 57 22.07 -20.34 12.03
C ASP A 57 22.33 -21.02 13.39
N ILE A 58 22.41 -22.35 13.41
CA ILE A 58 22.71 -23.10 14.64
CA ILE A 58 22.67 -23.02 14.67
C ILE A 58 24.13 -22.79 15.07
N THR A 59 25.04 -22.79 14.09
CA THR A 59 26.45 -22.50 14.33
C THR A 59 26.60 -21.10 14.93
N THR A 60 25.87 -20.13 14.38
CA THR A 60 25.92 -18.77 14.91
C THR A 60 25.40 -18.70 16.35
N MET A 61 24.32 -19.40 16.65
CA MET A 61 23.78 -19.40 18.01
C MET A 61 24.80 -20.02 18.98
N ILE A 62 25.45 -21.10 18.55
CA ILE A 62 26.48 -21.72 19.36
C ILE A 62 27.65 -20.76 19.58
N GLU A 63 28.03 -20.04 18.54
CA GLU A 63 29.08 -19.03 18.66
C GLU A 63 28.69 -17.96 19.67
N LEU A 64 27.42 -17.56 19.63
CA LEU A 64 26.94 -16.50 20.54
C LEU A 64 27.09 -16.95 21.99
N PHE A 65 26.74 -18.19 22.25
CA PHE A 65 26.86 -18.72 23.61
CA PHE A 65 26.86 -18.74 23.61
C PHE A 65 28.33 -18.73 24.02
N GLY A 66 29.21 -19.10 23.10
CA GLY A 66 30.63 -19.07 23.38
C GLY A 66 31.12 -17.70 23.81
N ARG A 67 30.62 -16.66 23.15
CA ARG A 67 31.00 -15.29 23.51
C ARG A 67 30.49 -14.89 24.89
N MET A 68 29.51 -15.62 25.39
CA MET A 68 28.99 -15.34 26.73
C MET A 68 29.69 -16.18 27.80
N GLY A 69 30.58 -17.06 27.35
CA GLY A 69 31.33 -17.91 28.27
C GLY A 69 30.73 -19.29 28.45
N VAL A 70 29.72 -19.61 27.65
CA VAL A 70 29.07 -20.92 27.67
C VAL A 70 29.56 -21.73 26.47
N GLN A 71 30.15 -22.90 26.73
CA GLN A 71 30.65 -23.73 25.64
C GLN A 71 29.75 -24.94 25.35
N PRO A 72 28.81 -24.81 24.40
CA PRO A 72 28.00 -25.97 24.05
C PRO A 72 28.84 -27.11 23.52
N ILE A 73 28.36 -28.33 23.72
CA ILE A 73 29.09 -29.51 23.26
C ILE A 73 28.26 -30.22 22.20
N ILE A 74 28.87 -30.46 21.04
CA ILE A 74 28.20 -31.18 19.98
C ILE A 74 28.65 -32.63 20.09
N ASP A 75 27.72 -33.55 20.35
CA ASP A 75 28.14 -34.93 20.54
C ASP A 75 28.21 -35.65 19.20
N GLU A 76 28.50 -36.94 19.24
CA GLU A 76 28.70 -37.76 18.06
C GLU A 76 27.42 -37.90 17.24
N LYS A 77 26.28 -37.77 17.91
CA LYS A 77 24.97 -37.86 17.25
C LYS A 77 24.53 -36.50 16.74
N LEU A 78 25.43 -35.53 16.91
CA LEU A 78 25.24 -34.14 16.45
C LEU A 78 24.14 -33.41 17.23
N ASN A 79 23.86 -33.90 18.43
CA ASN A 79 23.00 -33.17 19.35
C ASN A 79 23.83 -32.14 20.11
N VAL A 80 23.19 -31.13 20.68
CA VAL A 80 23.94 -30.08 21.37
C VAL A 80 23.57 -30.02 22.85
N GLU A 81 24.57 -30.18 23.70
CA GLU A 81 24.38 -30.05 25.14
C GLU A 81 24.83 -28.68 25.58
N VAL A 82 23.97 -27.97 26.31
CA VAL A 82 24.30 -26.63 26.81
C VAL A 82 24.19 -26.59 28.32
N ASP A 83 25.29 -26.23 28.99
CA ASP A 83 25.28 -26.02 30.44
C ASP A 83 25.53 -24.54 30.72
N ALA A 84 24.46 -23.78 30.94
CA ALA A 84 24.55 -22.32 31.01
C ALA A 84 25.08 -21.79 32.34
N SER A 85 25.32 -22.70 33.27
N SER A 85 25.32 -22.66 33.31
CA SER A 85 25.78 -22.35 34.63
CA SER A 85 25.72 -22.16 34.62
C SER A 85 27.15 -21.70 34.62
C SER A 85 27.22 -21.89 34.70
N SER A 86 27.91 -21.94 33.56
CA SER A 86 29.29 -21.46 33.49
C SER A 86 29.34 -20.06 32.87
N ILE A 87 28.18 -19.44 32.62
CA ILE A 87 28.12 -18.17 31.89
C ILE A 87 28.95 -17.10 32.61
N LYS A 88 29.65 -16.29 31.82
CA LYS A 88 30.62 -15.32 32.32
C LYS A 88 30.21 -13.88 32.06
N THR A 89 29.65 -13.66 30.88
CA THR A 89 29.40 -12.32 30.38
C THR A 89 27.97 -12.22 29.86
N LEU A 90 27.15 -11.39 30.51
CA LEU A 90 25.74 -11.29 30.17
C LEU A 90 25.56 -10.28 29.07
N VAL A 91 26.15 -10.58 27.92
CA VAL A 91 26.17 -9.65 26.79
C VAL A 91 26.06 -10.43 25.49
N ALA A 92 25.12 -10.03 24.63
CA ALA A 92 25.09 -10.56 23.28
C ALA A 92 25.66 -9.47 22.38
N PRO A 93 26.92 -9.64 21.94
CA PRO A 93 27.67 -8.58 21.24
C PRO A 93 27.14 -8.24 19.85
N TYR A 94 27.21 -6.96 19.51
CA TYR A 94 26.80 -6.48 18.20
C TYR A 94 27.53 -7.23 17.09
N GLU A 95 28.81 -7.51 17.30
CA GLU A 95 29.59 -8.25 16.31
C GLU A 95 28.88 -9.53 15.86
N LEU A 96 28.18 -10.20 16.78
CA LEU A 96 27.43 -11.39 16.38
C LEU A 96 26.00 -11.07 16.00
N VAL A 97 25.34 -10.22 16.79
CA VAL A 97 23.92 -9.94 16.58
C VAL A 97 23.68 -9.36 15.19
N LYS A 98 24.64 -8.59 14.69
CA LYS A 98 24.47 -7.95 13.39
C LYS A 98 24.41 -8.97 12.26
N THR A 99 24.83 -10.21 12.54
CA THR A 99 24.84 -11.27 11.53
C THR A 99 23.59 -12.13 11.60
N MET A 100 22.85 -12.05 12.70
CA MET A 100 21.68 -12.90 12.89
C MET A 100 20.75 -12.28 13.94
N ARG A 101 19.75 -11.52 13.48
CA ARG A 101 18.88 -10.81 14.41
C ARG A 101 18.09 -11.74 15.36
N ALA A 102 17.93 -13.02 15.00
CA ALA A 102 17.25 -13.97 15.91
C ALA A 102 18.02 -14.14 17.23
N SER A 103 19.26 -13.66 17.26
CA SER A 103 20.05 -13.62 18.48
C SER A 103 19.33 -12.93 19.62
N ILE A 104 18.38 -12.05 19.30
CA ILE A 104 17.64 -11.33 20.31
C ILE A 104 16.85 -12.27 21.22
N LEU A 105 16.66 -13.51 20.79
CA LEU A 105 15.97 -14.52 21.60
C LEU A 105 16.67 -14.79 22.95
N VAL A 106 17.95 -14.40 23.11
CA VAL A 106 18.58 -14.64 24.41
C VAL A 106 18.20 -13.54 25.41
N LEU A 107 17.60 -12.45 24.95
CA LEU A 107 17.25 -11.33 25.86
C LEU A 107 16.29 -11.75 26.98
N GLY A 108 15.16 -12.35 26.60
CA GLY A 108 14.18 -12.78 27.59
C GLY A 108 14.73 -13.72 28.66
N PRO A 109 15.33 -14.84 28.23
CA PRO A 109 15.81 -15.80 29.23
C PRO A 109 16.98 -15.28 30.05
N MET A 110 17.92 -14.56 29.43
CA MET A 110 19.04 -14.04 30.18
CA MET A 110 19.04 -14.01 30.17
C MET A 110 18.55 -13.09 31.29
N LEU A 111 17.63 -12.20 30.93
CA LEU A 111 17.11 -11.23 31.88
C LEU A 111 16.37 -11.94 33.02
N ALA A 112 15.56 -12.95 32.70
CA ALA A 112 14.75 -13.63 33.70
C ALA A 112 15.59 -14.48 34.63
N ARG A 113 16.61 -15.12 34.07
CA ARG A 113 17.45 -16.02 34.85
C ARG A 113 18.48 -15.24 35.67
N PHE A 114 19.12 -14.26 35.05
CA PHE A 114 20.29 -13.64 35.68
C PHE A 114 20.07 -12.21 36.16
N GLY A 115 18.88 -11.67 35.93
CA GLY A 115 18.52 -10.36 36.46
C GLY A 115 18.97 -9.17 35.63
N GLU A 116 19.74 -9.43 34.57
CA GLU A 116 20.21 -8.35 33.70
C GLU A 116 20.63 -8.93 32.37
N ALA A 117 20.68 -8.07 31.36
CA ALA A 117 21.10 -8.50 30.03
C ALA A 117 21.42 -7.28 29.18
N GLU A 118 22.50 -7.34 28.41
CA GLU A 118 22.78 -6.33 27.41
C GLU A 118 22.79 -7.04 26.06
N VAL A 119 21.85 -6.71 25.19
CA VAL A 119 21.72 -7.40 23.90
C VAL A 119 21.69 -6.37 22.80
N ALA A 120 22.56 -6.51 21.80
CA ALA A 120 22.62 -5.52 20.72
C ALA A 120 21.26 -5.39 20.04
N LEU A 121 20.85 -4.16 19.80
CA LEU A 121 19.58 -3.90 19.13
C LEU A 121 19.74 -4.19 17.63
N PRO A 122 18.96 -5.13 17.11
CA PRO A 122 19.11 -5.40 15.67
C PRO A 122 18.83 -4.18 14.79
N GLY A 123 19.67 -4.01 13.77
CA GLY A 123 19.47 -2.95 12.81
C GLY A 123 18.63 -3.43 11.64
N GLY A 124 19.05 -3.09 10.44
CA GLY A 124 18.28 -3.44 9.26
C GLY A 124 18.51 -4.85 8.78
N ALA A 126 17.42 -6.96 5.11
CA ALA A 126 16.93 -6.62 3.77
C ALA A 126 15.52 -7.13 3.47
N ILE A 127 15.03 -8.07 4.27
CA ILE A 127 13.68 -8.61 4.10
C ILE A 127 12.59 -7.53 4.21
N GLY A 128 12.73 -6.63 5.16
CA GLY A 128 11.75 -5.58 5.36
C GLY A 128 11.79 -4.95 6.75
N SER A 129 10.71 -4.27 7.11
CA SER A 129 10.55 -3.65 8.42
C SER A 129 10.42 -4.69 9.53
N ARG A 130 11.38 -4.72 10.46
CA ARG A 130 11.40 -5.73 11.52
C ARG A 130 11.80 -5.17 12.89
N PRO A 131 11.08 -4.15 13.39
CA PRO A 131 11.45 -3.61 14.70
C PRO A 131 11.20 -4.61 15.83
N VAL A 132 11.74 -4.34 17.02
CA VAL A 132 11.56 -5.26 18.15
C VAL A 132 10.96 -4.53 19.36
N ASP A 133 10.21 -3.46 19.11
CA ASP A 133 9.60 -2.67 20.18
C ASP A 133 8.70 -3.49 21.09
N LEU A 134 8.03 -4.49 20.55
CA LEU A 134 7.12 -5.29 21.36
C LEU A 134 7.89 -6.21 22.30
N HIS A 135 9.10 -6.62 21.91
CA HIS A 135 9.97 -7.39 22.81
C HIS A 135 10.27 -6.56 24.05
N ILE A 136 10.68 -5.31 23.80
CA ILE A 136 11.06 -4.37 24.87
C ILE A 136 9.84 -4.03 25.75
N ARG A 137 8.73 -3.65 25.16
CA ARG A 137 7.54 -3.29 25.93
C ARG A 137 7.01 -4.47 26.75
N GLY A 138 7.06 -5.66 26.18
CA GLY A 138 6.59 -6.86 26.88
C GLY A 138 7.41 -7.09 28.14
N LEU A 139 8.72 -6.93 28.02
CA LEU A 139 9.60 -7.13 29.17
C LEU A 139 9.38 -6.02 30.20
N GLU A 140 9.16 -4.80 29.73
CA GLU A 140 8.84 -3.71 30.66
C GLU A 140 7.54 -4.01 31.42
N ALA A 141 6.65 -4.78 30.80
CA ALA A 141 5.38 -5.11 31.43
C ALA A 141 5.59 -6.10 32.57
N MET A 142 6.79 -6.69 32.59
CA MET A 142 7.20 -7.62 33.64
C MET A 142 8.08 -6.95 34.68
N GLY A 143 8.16 -5.62 34.59
CA GLY A 143 8.89 -4.83 35.58
C GLY A 143 10.31 -4.46 35.17
N ALA A 144 10.73 -4.92 33.99
CA ALA A 144 12.08 -4.64 33.51
C ALA A 144 12.33 -3.14 33.30
N GLN A 145 13.52 -2.69 33.71
CA GLN A 145 13.99 -1.35 33.37
C GLN A 145 14.92 -1.45 32.18
N ILE A 146 14.56 -0.80 31.08
CA ILE A 146 15.31 -0.95 29.84
C ILE A 146 15.69 0.40 29.23
N GLU A 147 16.96 0.53 28.84
CA GLU A 147 17.38 1.70 28.04
C GLU A 147 18.15 1.22 26.83
N VAL A 148 18.21 2.07 25.81
CA VAL A 148 19.04 1.82 24.64
C VAL A 148 20.23 2.75 24.72
N GLU A 149 21.43 2.19 24.69
CA GLU A 149 22.65 2.97 24.80
C GLU A 149 23.76 2.22 24.06
N GLY A 150 24.55 2.94 23.28
CA GLY A 150 25.62 2.33 22.51
C GLY A 150 25.14 1.26 21.55
N GLY A 151 23.87 1.33 21.17
CA GLY A 151 23.30 0.30 20.29
C GLY A 151 22.93 -0.98 21.01
N TYR A 152 22.90 -0.95 22.34
CA TYR A 152 22.52 -2.11 23.13
C TYR A 152 21.18 -1.88 23.83
N ILE A 153 20.36 -2.93 23.84
CA ILE A 153 19.25 -3.01 24.79
C ILE A 153 19.85 -3.35 26.14
N LYS A 154 19.72 -2.45 27.11
CA LYS A 154 20.31 -2.66 28.43
C LYS A 154 19.19 -2.85 29.45
N ALA A 155 19.02 -4.09 29.89
CA ALA A 155 17.87 -4.47 30.69
C ALA A 155 18.26 -4.91 32.09
N LYS A 156 17.48 -4.47 33.06
CA LYS A 156 17.67 -4.86 34.45
C LYS A 156 16.32 -5.25 35.06
N ALA A 157 16.29 -6.39 35.73
CA ALA A 157 15.08 -6.84 36.41
C ALA A 157 14.89 -6.07 37.72
N PRO A 158 13.63 -5.96 38.20
CA PRO A 158 13.45 -5.36 39.52
C PRO A 158 14.10 -6.22 40.60
N ALA A 159 14.30 -5.66 41.78
CA ALA A 159 14.77 -6.46 42.89
C ALA A 159 13.76 -7.57 43.16
N GLY A 160 14.26 -8.79 43.30
CA GLY A 160 13.38 -9.93 43.46
C GLY A 160 13.07 -10.60 42.14
N GLY A 161 13.44 -9.95 41.04
CA GLY A 161 13.27 -10.54 39.72
C GLY A 161 12.07 -10.05 38.93
N LEU A 162 11.95 -10.51 37.69
CA LEU A 162 10.79 -10.17 36.87
C LEU A 162 9.48 -10.60 37.53
N ARG A 163 8.41 -9.84 37.27
CA ARG A 163 7.10 -10.19 37.81
C ARG A 163 6.12 -10.52 36.70
N GLY A 164 5.16 -11.39 36.98
CA GLY A 164 4.17 -11.74 35.98
C GLY A 164 3.38 -10.51 35.57
N GLY A 165 3.00 -10.43 34.30
CA GLY A 165 2.17 -9.32 33.86
C GLY A 165 1.27 -9.72 32.70
N HIS A 166 0.35 -8.84 32.34
CA HIS A 166 -0.45 -8.99 31.14
C HIS A 166 0.23 -8.22 30.03
N PHE A 167 0.34 -8.81 28.84
CA PHE A 167 0.82 -8.05 27.69
C PHE A 167 0.03 -8.40 26.44
N PHE A 168 -0.47 -7.37 25.77
CA PHE A 168 -1.22 -7.55 24.53
C PHE A 168 -0.36 -7.17 23.35
N PHE A 169 -0.13 -8.10 22.44
CA PHE A 169 0.64 -7.81 21.21
C PHE A 169 -0.20 -7.06 20.18
N ASP A 170 0.20 -5.84 19.84
CA ASP A 170 -0.52 -5.05 18.83
C ASP A 170 -0.39 -5.67 17.44
N THR A 171 0.76 -6.29 17.21
CA THR A 171 1.03 -7.04 16.00
C THR A 171 1.50 -8.42 16.44
N VAL A 172 1.08 -9.47 15.73
CA VAL A 172 1.52 -10.81 16.07
C VAL A 172 3.01 -10.91 15.85
N SER A 173 3.75 -11.38 16.85
CA SER A 173 5.20 -11.52 16.74
C SER A 173 5.66 -12.90 17.22
N VAL A 174 6.28 -13.65 16.32
CA VAL A 174 6.77 -15.00 16.64
C VAL A 174 7.84 -14.95 17.72
N THR A 175 8.96 -14.28 17.43
CA THR A 175 10.05 -14.27 18.41
C THR A 175 9.70 -13.38 19.59
N GLY A 176 8.83 -12.39 19.39
CA GLY A 176 8.32 -11.61 20.51
C GLY A 176 7.56 -12.49 21.50
N THR A 177 6.66 -13.34 20.98
CA THR A 177 5.96 -14.29 21.82
C THR A 177 6.92 -15.23 22.53
N GLU A 178 7.91 -15.72 21.80
CA GLU A 178 8.91 -16.62 22.37
C GLU A 178 9.74 -15.96 23.48
N ASN A 179 10.19 -14.74 23.23
CA ASN A 179 10.98 -14.01 24.21
C ASN A 179 10.20 -13.82 25.50
N LEU A 180 8.94 -13.40 25.40
CA LEU A 180 8.17 -13.15 26.62
C LEU A 180 7.78 -14.45 27.33
N MET A 181 7.52 -15.51 26.56
CA MET A 181 7.25 -16.81 27.16
C MET A 181 8.43 -17.29 28.01
N MET A 182 9.64 -17.16 27.48
CA MET A 182 10.83 -17.57 28.22
C MET A 182 11.05 -16.71 29.46
N ALA A 183 10.88 -15.41 29.33
CA ALA A 183 11.03 -14.53 30.50
C ALA A 183 9.98 -14.85 31.56
N ALA A 184 8.76 -15.13 31.12
CA ALA A 184 7.64 -15.38 32.03
C ALA A 184 7.85 -16.66 32.81
N ALA A 185 8.62 -17.58 32.24
CA ALA A 185 8.79 -18.91 32.82
C ALA A 185 9.45 -18.85 34.19
N LEU A 186 10.30 -17.83 34.41
CA LEU A 186 11.00 -17.67 35.69
C LEU A 186 10.53 -16.43 36.45
N ALA A 187 9.51 -15.75 35.93
CA ALA A 187 8.98 -14.56 36.61
C ALA A 187 8.19 -14.94 37.86
N ASN A 188 8.00 -13.97 38.74
CA ASN A 188 7.20 -14.20 39.94
C ASN A 188 5.74 -13.92 39.62
N GLY A 189 4.95 -14.97 39.52
CA GLY A 189 3.52 -14.83 39.34
C GLY A 189 3.04 -15.23 37.97
N ARG A 190 1.82 -14.81 37.66
CA ARG A 190 1.15 -15.21 36.44
C ARG A 190 1.36 -14.21 35.29
N THR A 191 1.78 -14.70 34.14
CA THR A 191 1.84 -13.88 32.93
C THR A 191 0.76 -14.32 31.95
N VAL A 192 0.08 -13.34 31.34
CA VAL A 192 -0.86 -13.64 30.28
C VAL A 192 -0.45 -12.89 29.02
N LEU A 193 -0.16 -13.64 27.96
CA LEU A 193 0.21 -13.05 26.67
C LEU A 193 -1.01 -13.15 25.76
N GLN A 194 -1.47 -12.01 25.27
CA GLN A 194 -2.66 -11.98 24.42
CA GLN A 194 -2.66 -12.00 24.42
C GLN A 194 -2.28 -11.60 22.99
N ASN A 195 -3.10 -12.07 22.04
CA ASN A 195 -2.78 -11.99 20.61
C ASN A 195 -1.41 -12.62 20.35
N ALA A 196 -1.18 -13.77 20.98
CA ALA A 196 0.08 -14.49 20.85
C ALA A 196 0.22 -15.16 19.49
N ALA A 197 1.47 -15.28 19.03
CA ALA A 197 1.78 -16.07 17.82
C ALA A 197 1.42 -17.53 18.03
N ARG A 198 0.82 -18.13 17.02
CA ARG A 198 0.33 -19.51 17.08
C ARG A 198 1.24 -20.48 16.32
N GLU A 199 2.32 -19.96 15.74
CA GLU A 199 3.31 -20.76 15.00
C GLU A 199 3.74 -22.02 15.76
N PRO A 200 3.87 -23.15 15.04
CA PRO A 200 4.19 -24.43 15.68
C PRO A 200 5.49 -24.39 16.50
N GLU A 201 6.40 -23.48 16.15
CA GLU A 201 7.66 -23.36 16.88
C GLU A 201 7.41 -22.75 18.26
N VAL A 202 6.40 -21.89 18.35
CA VAL A 202 5.99 -21.35 19.65
C VAL A 202 5.47 -22.49 20.56
N VAL A 203 4.66 -23.38 19.99
CA VAL A 203 4.19 -24.54 20.76
C VAL A 203 5.35 -25.46 21.15
N ASP A 204 6.27 -25.69 20.21
CA ASP A 204 7.42 -26.53 20.50
C ASP A 204 8.26 -25.96 21.65
N LEU A 205 8.49 -24.64 21.65
CA LEU A 205 9.21 -23.99 22.76
C LEU A 205 8.47 -24.20 24.08
N ALA A 206 7.14 -24.03 24.07
CA ALA A 206 6.37 -24.21 25.29
C ALA A 206 6.50 -25.64 25.79
N ASN A 207 6.45 -26.60 24.88
CA ASN A 207 6.55 -28.00 25.27
C ASN A 207 7.94 -28.29 25.84
N CYS A 208 8.97 -27.65 25.30
CA CYS A 208 10.31 -27.84 25.82
C CYS A 208 10.41 -27.26 27.23
N LEU A 209 9.89 -26.05 27.39
CA LEU A 209 9.89 -25.41 28.71
C LEU A 209 9.17 -26.26 29.72
N ASN A 210 8.04 -26.84 29.34
CA ASN A 210 7.31 -27.70 30.28
C ASN A 210 8.13 -28.95 30.64
N ALA A 211 8.85 -29.49 29.66
CA ALA A 211 9.74 -30.63 29.90
C ALA A 211 10.84 -30.27 30.90
N MET A 212 11.19 -28.99 30.95
CA MET A 212 12.21 -28.47 31.85
C MET A 212 11.63 -28.10 33.22
N GLY A 213 10.31 -28.21 33.34
CA GLY A 213 9.62 -27.94 34.59
C GLY A 213 8.80 -26.65 34.68
N ALA A 214 8.59 -26.00 33.53
CA ALA A 214 7.80 -24.78 33.49
C ALA A 214 6.31 -25.07 33.54
N ASN A 215 5.51 -24.01 33.52
CA ASN A 215 4.07 -24.15 33.48
C ASN A 215 3.54 -23.17 32.44
N VAL A 216 3.56 -23.60 31.18
CA VAL A 216 3.17 -22.78 30.04
C VAL A 216 1.96 -23.44 29.40
N GLN A 217 0.83 -22.76 29.42
CA GLN A 217 -0.42 -23.32 28.90
CA GLN A 217 -0.39 -23.34 28.88
C GLN A 217 -1.00 -22.43 27.82
N GLY A 218 -1.66 -23.04 26.84
CA GLY A 218 -2.33 -22.28 25.81
C GLY A 218 -1.54 -21.99 24.56
N ALA A 219 -0.28 -22.44 24.48
CA ALA A 219 0.52 -22.22 23.28
C ALA A 219 -0.18 -22.86 22.10
N GLY A 220 -0.24 -22.12 20.99
CA GLY A 220 -0.99 -22.57 19.84
C GLY A 220 -2.34 -21.88 19.70
N SER A 221 -2.74 -21.20 20.76
CA SER A 221 -3.93 -20.36 20.77
C SER A 221 -3.54 -18.89 20.89
N ASP A 222 -4.52 -18.01 20.86
CA ASP A 222 -4.22 -16.58 20.92
C ASP A 222 -3.78 -16.13 22.30
N THR A 223 -3.94 -17.00 23.30
CA THR A 223 -3.67 -16.59 24.67
C THR A 223 -2.79 -17.60 25.40
N ILE A 224 -1.61 -17.17 25.82
CA ILE A 224 -0.71 -18.06 26.55
C ILE A 224 -0.67 -17.66 28.02
N VAL A 225 -0.89 -18.64 28.90
CA VAL A 225 -0.85 -18.39 30.34
C VAL A 225 0.40 -19.06 30.90
N ILE A 226 1.24 -18.28 31.59
CA ILE A 226 2.44 -18.83 32.20
C ILE A 226 2.36 -18.60 33.69
N GLU A 227 2.51 -19.68 34.46
CA GLU A 227 2.72 -19.53 35.89
C GLU A 227 4.21 -19.67 36.15
N GLY A 228 4.86 -18.59 36.55
CA GLY A 228 6.31 -18.62 36.72
C GLY A 228 6.77 -19.58 37.81
N VAL A 229 7.95 -20.17 37.63
CA VAL A 229 8.53 -21.02 38.68
C VAL A 229 9.89 -20.48 39.11
N LYS A 230 10.40 -20.90 40.25
CA LYS A 230 11.66 -20.36 40.77
C LYS A 230 12.87 -20.81 39.96
N ARG A 231 12.83 -22.03 39.47
CA ARG A 231 13.95 -22.61 38.73
C ARG A 231 13.47 -23.62 37.71
N LEU A 232 14.30 -23.85 36.70
CA LEU A 232 14.04 -24.86 35.68
C LEU A 232 15.25 -25.77 35.57
N GLY A 233 15.00 -27.04 35.28
CA GLY A 233 16.07 -28.01 35.11
C GLY A 233 16.34 -28.27 33.65
N GLY A 234 17.36 -29.09 33.38
CA GLY A 234 17.67 -29.46 32.01
C GLY A 234 17.03 -30.78 31.61
N ALA A 235 16.65 -30.85 30.34
CA ALA A 235 15.95 -31.97 29.77
C ALA A 235 16.60 -32.38 28.46
N ARG A 236 16.10 -33.44 27.86
CA ARG A 236 16.49 -33.81 26.52
C ARG A 236 15.28 -33.59 25.63
N TYR A 237 15.43 -32.79 24.58
CA TYR A 237 14.30 -32.42 23.74
C TYR A 237 14.59 -32.53 22.24
N ASP A 238 13.70 -33.25 21.54
CA ASP A 238 13.73 -33.38 20.08
CA ASP A 238 13.78 -33.34 20.09
C ASP A 238 12.88 -32.29 19.44
N VAL A 239 13.51 -31.36 18.69
CA VAL A 239 12.71 -30.30 18.04
C VAL A 239 11.82 -30.89 16.94
N LEU A 240 10.70 -30.23 16.69
CA LEU A 240 9.71 -30.72 15.72
C LEU A 240 10.26 -30.57 14.29
N PRO A 241 9.63 -31.22 13.30
CA PRO A 241 10.11 -31.11 11.92
C PRO A 241 9.98 -29.69 11.37
N ASP A 242 10.79 -29.38 10.37
CA ASP A 242 10.77 -28.06 9.77
C ASP A 242 9.71 -27.97 8.68
N ARG A 243 8.65 -27.20 8.93
CA ARG A 243 7.56 -27.11 7.97
C ARG A 243 7.92 -26.33 6.71
N ILE A 244 8.91 -25.44 6.81
CA ILE A 244 9.31 -24.64 5.67
C ILE A 244 10.18 -25.48 4.72
N GLU A 245 11.11 -26.23 5.30
CA GLU A 245 11.87 -27.21 4.51
C GLU A 245 10.90 -28.21 3.83
N THR A 246 9.93 -28.70 4.60
CA THR A 246 8.92 -29.65 4.08
C THR A 246 8.21 -29.03 2.90
N GLY A 247 7.64 -27.85 3.08
CA GLY A 247 6.97 -27.17 1.98
C GLY A 247 7.86 -26.91 0.77
N THR A 248 9.12 -26.55 1.02
CA THR A 248 10.06 -26.29 -0.06
C THR A 248 10.30 -27.50 -0.94
N TYR A 249 10.47 -28.70 -0.35
CA TYR A 249 10.71 -29.85 -1.21
C TYR A 249 9.42 -30.29 -1.90
N LEU A 250 8.26 -30.13 -1.26
CA LEU A 250 7.00 -30.40 -1.95
C LEU A 250 6.83 -29.51 -3.18
N VAL A 251 7.14 -28.22 -3.05
CA VAL A 251 7.05 -27.29 -4.19
C VAL A 251 8.06 -27.64 -5.28
N ALA A 252 9.28 -28.03 -4.90
CA ALA A 252 10.28 -28.39 -5.90
C ALA A 252 9.78 -29.58 -6.73
N ALA A 253 9.17 -30.55 -6.05
CA ALA A 253 8.64 -31.70 -6.78
C ALA A 253 7.48 -31.28 -7.67
N ALA A 254 6.56 -30.47 -7.14
CA ALA A 254 5.41 -30.03 -7.93
C ALA A 254 5.83 -29.21 -9.15
N ALA A 255 6.76 -28.27 -8.95
CA ALA A 255 7.18 -27.38 -10.02
C ALA A 255 7.79 -28.15 -11.20
N THR A 256 8.53 -29.23 -10.89
CA THR A 256 9.17 -30.02 -11.93
C THR A 256 8.23 -31.06 -12.53
N GLY A 257 7.00 -31.13 -12.02
CA GLY A 257 6.03 -32.11 -12.51
C GLY A 257 6.34 -33.52 -12.07
N GLY A 258 7.08 -33.64 -10.97
CA GLY A 258 7.53 -34.93 -10.49
C GLY A 258 6.81 -35.33 -9.22
N ARG A 259 7.55 -35.96 -8.31
CA ARG A 259 6.93 -36.47 -7.09
C ARG A 259 7.96 -36.62 -5.98
N VAL A 260 7.49 -36.72 -4.74
CA VAL A 260 8.41 -36.87 -3.62
C VAL A 260 7.69 -37.48 -2.42
N LYS A 261 8.42 -38.30 -1.68
CA LYS A 261 7.92 -38.73 -0.38
C LYS A 261 8.81 -38.13 0.68
N LEU A 262 8.20 -37.38 1.60
CA LEU A 262 8.94 -36.77 2.70
C LEU A 262 8.69 -37.53 4.00
N LYS A 263 9.77 -37.92 4.67
CA LYS A 263 9.69 -38.67 5.92
C LYS A 263 10.09 -37.81 7.11
N ASP A 264 9.66 -38.23 8.30
CA ASP A 264 9.93 -37.52 9.55
C ASP A 264 9.44 -36.08 9.51
N THR A 265 8.26 -35.87 8.95
CA THR A 265 7.66 -34.55 8.95
C THR A 265 6.28 -34.64 9.63
N ASP A 266 5.41 -33.66 9.39
CA ASP A 266 4.10 -33.59 10.05
C ASP A 266 3.18 -32.75 9.20
N PRO A 267 2.19 -33.38 8.54
CA PRO A 267 1.33 -32.61 7.65
C PRO A 267 0.52 -31.55 8.37
N THR A 268 0.30 -31.75 9.67
CA THR A 268 -0.60 -30.85 10.39
C THR A 268 0.05 -29.51 10.70
N ILE A 269 1.32 -29.32 10.34
CA ILE A 269 1.92 -28.00 10.55
C ILE A 269 2.14 -27.20 9.24
N LEU A 270 1.51 -27.65 8.15
CA LEU A 270 1.52 -26.86 6.90
C LEU A 270 0.24 -27.08 6.07
N GLU A 271 -0.91 -27.11 6.75
CA GLU A 271 -2.17 -27.33 6.04
C GLU A 271 -2.42 -26.31 4.93
N ALA A 272 -2.06 -25.04 5.17
CA ALA A 272 -2.29 -24.00 4.17
C ALA A 272 -1.52 -24.33 2.89
N VAL A 273 -0.29 -24.78 3.05
CA VAL A 273 0.58 -25.13 1.94
C VAL A 273 0.06 -26.36 1.20
N LEU A 274 -0.36 -27.38 1.94
CA LEU A 274 -0.87 -28.59 1.31
C LEU A 274 -2.11 -28.28 0.48
N GLN A 275 -3.00 -27.44 1.00
CA GLN A 275 -4.22 -27.09 0.26
C GLN A 275 -3.90 -26.31 -1.01
N LYS A 276 -2.94 -25.39 -0.92
CA LYS A 276 -2.54 -24.65 -2.11
C LYS A 276 -1.91 -25.57 -3.15
N LEU A 277 -1.14 -26.58 -2.70
CA LEU A 277 -0.57 -27.55 -3.65
C LEU A 277 -1.65 -28.39 -4.31
N GLU A 278 -2.70 -28.75 -3.57
CA GLU A 278 -3.81 -29.46 -4.18
C GLU A 278 -4.51 -28.57 -5.20
N GLU A 279 -4.64 -27.28 -4.88
CA GLU A 279 -5.21 -26.33 -5.84
C GLU A 279 -4.38 -26.28 -7.12
N ALA A 280 -3.07 -26.48 -7.00
CA ALA A 280 -2.17 -26.45 -8.15
C ALA A 280 -2.22 -27.77 -8.92
N GLY A 281 -2.96 -28.74 -8.40
CA GLY A 281 -3.19 -29.99 -9.11
C GLY A 281 -2.40 -31.18 -8.58
N ALA A 282 -1.65 -30.97 -7.49
CA ALA A 282 -0.86 -32.05 -6.91
C ALA A 282 -1.76 -33.07 -6.26
N HIS A 283 -1.40 -34.33 -6.42
CA HIS A 283 -2.01 -35.42 -5.68
C HIS A 283 -1.23 -35.65 -4.39
N ILE A 284 -1.89 -35.44 -3.25
CA ILE A 284 -1.22 -35.50 -1.96
C ILE A 284 -1.83 -36.56 -1.07
N SER A 285 -1.00 -37.41 -0.47
CA SER A 285 -1.46 -38.31 0.56
C SER A 285 -0.54 -38.17 1.77
N THR A 286 -1.06 -38.47 2.96
CA THR A 286 -0.28 -38.22 4.16
C THR A 286 -0.45 -39.32 5.19
N GLY A 287 0.49 -39.36 6.11
CA GLY A 287 0.39 -40.21 7.28
C GLY A 287 0.81 -39.38 8.47
N SER A 288 0.90 -40.01 9.63
CA SER A 288 1.23 -39.29 10.85
C SER A 288 2.53 -38.48 10.74
N ASN A 289 3.54 -39.06 10.07
CA ASN A 289 4.83 -38.40 9.96
C ASN A 289 5.41 -38.42 8.55
N TRP A 290 4.55 -38.50 7.54
CA TRP A 290 5.03 -38.48 6.17
C TRP A 290 4.04 -37.83 5.21
N ILE A 291 4.57 -37.32 4.11
CA ILE A 291 3.76 -36.70 3.07
C ILE A 291 4.26 -37.22 1.73
N GLU A 292 3.35 -37.66 0.86
CA GLU A 292 3.71 -38.00 -0.50
C GLU A 292 3.00 -37.08 -1.49
N LEU A 293 3.76 -36.47 -2.40
CA LEU A 293 3.15 -35.61 -3.42
C LEU A 293 3.49 -36.18 -4.80
N ASP A 294 2.52 -36.21 -5.70
CA ASP A 294 2.75 -36.72 -7.06
C ASP A 294 1.96 -35.89 -8.07
N MET A 295 2.64 -35.30 -9.06
CA MET A 295 1.95 -34.49 -10.08
C MET A 295 1.33 -35.37 -11.16
N LYS A 296 1.68 -36.65 -11.17
CA LYS A 296 1.15 -37.62 -12.13
C LYS A 296 1.13 -37.10 -13.56
N GLY A 297 2.25 -36.51 -13.98
CA GLY A 297 2.39 -36.12 -15.37
C GLY A 297 1.78 -34.79 -15.77
N ASN A 298 1.29 -34.02 -14.81
CA ASN A 298 0.73 -32.70 -15.13
C ASN A 298 1.62 -31.54 -14.67
N ARG A 299 1.56 -30.46 -15.45
CA ARG A 299 2.14 -29.18 -15.08
C ARG A 299 1.27 -28.54 -13.97
N PRO A 300 1.90 -27.83 -13.03
CA PRO A 300 1.08 -27.23 -11.98
C PRO A 300 0.16 -26.13 -12.53
N LYS A 301 -1.00 -25.97 -11.89
CA LYS A 301 -1.92 -24.88 -12.22
CA LYS A 301 -1.92 -24.89 -12.22
C LYS A 301 -1.56 -23.67 -11.36
N ALA A 302 -1.67 -22.48 -11.94
CA ALA A 302 -1.37 -21.26 -11.20
C ALA A 302 -2.31 -21.11 -10.02
N VAL A 303 -1.78 -20.67 -8.89
CA VAL A 303 -2.58 -20.44 -7.69
C VAL A 303 -2.34 -19.04 -7.13
N ASN A 304 -3.36 -18.50 -6.46
CA ASN A 304 -3.22 -17.27 -5.67
C ASN A 304 -2.79 -17.58 -4.24
N VAL A 305 -1.93 -16.73 -3.70
CA VAL A 305 -1.34 -16.91 -2.38
C VAL A 305 -1.49 -15.63 -1.57
N ARG A 306 -1.79 -15.74 -0.29
CA ARG A 306 -1.81 -14.57 0.59
C ARG A 306 -1.09 -14.92 1.90
N THR A 307 0.04 -14.27 2.17
CA THR A 307 0.78 -14.60 3.39
C THR A 307 0.14 -13.95 4.62
N ALA A 308 0.26 -14.61 5.77
CA ALA A 308 -0.21 -14.07 7.04
C ALA A 308 0.37 -14.94 8.15
N PRO A 309 0.24 -14.52 9.42
CA PRO A 309 0.71 -15.38 10.51
C PRO A 309 0.04 -16.77 10.54
N TYR A 310 0.74 -17.77 11.08
CA TYR A 310 0.22 -19.13 11.21
C TYR A 310 -1.13 -19.09 11.89
N PRO A 311 -2.10 -19.88 11.40
CA PRO A 311 -1.96 -20.99 10.44
C PRO A 311 -2.16 -20.63 8.98
N ALA A 312 -2.16 -19.35 8.65
CA ALA A 312 -2.26 -18.94 7.24
C ALA A 312 -0.98 -19.28 6.49
N PHE A 313 -0.99 -18.98 5.20
CA PHE A 313 0.17 -19.27 4.35
C PHE A 313 1.41 -18.49 4.80
N PRO A 314 2.55 -19.17 4.98
CA PRO A 314 3.74 -18.50 5.55
C PRO A 314 4.49 -17.63 4.56
N THR A 315 4.94 -16.46 5.03
CA THR A 315 5.77 -15.61 4.20
C THR A 315 7.04 -16.40 3.79
N ASP A 316 7.49 -17.32 4.65
CA ASP A 316 8.69 -18.10 4.31
C ASP A 316 8.48 -19.13 3.20
N MET A 317 7.24 -19.29 2.72
CA MET A 317 6.96 -20.15 1.58
C MET A 317 6.58 -19.37 0.31
N GLN A 318 6.44 -18.05 0.44
CA GLN A 318 5.92 -17.21 -0.63
C GLN A 318 6.78 -17.30 -1.90
N ALA A 319 8.10 -17.13 -1.74
CA ALA A 319 9.03 -17.10 -2.88
C ALA A 319 8.95 -18.41 -3.64
N GLN A 320 8.90 -19.50 -2.90
CA GLN A 320 8.84 -20.82 -3.51
C GLN A 320 7.58 -20.97 -4.37
N PHE A 321 6.47 -20.42 -3.91
CA PHE A 321 5.26 -20.52 -4.72
C PHE A 321 5.34 -19.58 -5.94
N ILE A 322 6.11 -18.50 -5.87
CA ILE A 322 6.34 -17.71 -7.08
C ILE A 322 7.11 -18.54 -8.12
N SER A 323 8.14 -19.25 -7.69
CA SER A 323 8.92 -20.04 -8.66
C SER A 323 8.07 -21.17 -9.27
N MET A 324 7.18 -21.78 -8.50
CA MET A 324 6.24 -22.75 -9.08
C MET A 324 5.25 -22.08 -10.03
N ASN A 325 4.65 -20.96 -9.60
CA ASN A 325 3.73 -20.22 -10.48
C ASN A 325 4.43 -19.77 -11.77
N ALA A 326 5.73 -19.51 -11.69
CA ALA A 326 6.49 -19.05 -12.86
C ALA A 326 6.47 -20.04 -14.01
N VAL A 327 6.23 -21.31 -13.70
CA VAL A 327 6.16 -22.32 -14.75
C VAL A 327 4.84 -23.07 -14.73
N ALA A 328 3.82 -22.43 -14.15
CA ALA A 328 2.50 -23.04 -14.06
C ALA A 328 1.62 -22.62 -15.22
N GLU A 329 0.45 -23.25 -15.31
CA GLU A 329 -0.53 -22.87 -16.32
C GLU A 329 -1.43 -21.77 -15.76
N GLY A 330 -1.34 -20.58 -16.34
CA GLY A 330 -2.22 -19.49 -15.95
C GLY A 330 -1.53 -18.39 -15.16
N THR A 331 -2.34 -17.51 -14.57
CA THR A 331 -1.82 -16.36 -13.81
C THR A 331 -2.14 -16.50 -12.32
N GLY A 332 -1.13 -16.27 -11.48
CA GLY A 332 -1.31 -16.37 -10.05
C GLY A 332 -0.92 -15.06 -9.37
N ALA A 333 -1.75 -14.60 -8.44
CA ALA A 333 -1.44 -13.43 -7.64
C ALA A 333 -0.85 -13.83 -6.29
N VAL A 334 0.36 -13.35 -6.00
CA VAL A 334 1.04 -13.70 -4.76
C VAL A 334 1.15 -12.43 -3.92
N ILE A 335 0.46 -12.43 -2.79
CA ILE A 335 0.29 -11.25 -1.96
C ILE A 335 0.91 -11.41 -0.59
N GLU A 336 1.72 -10.43 -0.21
CA GLU A 336 2.33 -10.38 1.12
C GLU A 336 1.55 -9.49 2.08
N THR A 337 1.25 -9.99 3.28
CA THR A 337 0.77 -9.09 4.33
C THR A 337 1.72 -9.05 5.53
N VAL A 338 2.80 -9.84 5.47
CA VAL A 338 3.73 -9.89 6.59
C VAL A 338 4.96 -9.02 6.30
N PHE A 339 5.64 -9.36 5.21
CA PHE A 339 6.77 -8.55 4.74
C PHE A 339 6.43 -8.05 3.34
N GLU A 340 5.80 -6.87 3.30
CA GLU A 340 5.19 -6.32 2.09
C GLU A 340 6.12 -6.16 0.88
N ASN A 341 7.43 -6.11 1.12
CA ASN A 341 8.28 -5.91 -0.04
C ASN A 341 9.37 -6.99 -0.15
N ARG A 342 9.03 -8.19 0.31
CA ARG A 342 9.94 -9.34 0.24
C ARG A 342 9.82 -10.01 -1.13
N PHE A 343 10.40 -9.38 -2.15
CA PHE A 343 10.26 -9.87 -3.52
C PHE A 343 11.56 -9.82 -4.31
N MET A 344 12.71 -9.69 -3.63
CA MET A 344 14.00 -9.68 -4.32
C MET A 344 14.18 -10.87 -5.25
N HIS A 345 13.70 -12.05 -4.84
CA HIS A 345 13.74 -13.24 -5.70
C HIS A 345 13.04 -13.06 -7.05
N VAL A 346 12.02 -12.21 -7.12
CA VAL A 346 11.36 -11.93 -8.39
C VAL A 346 12.34 -11.40 -9.42
N TYR A 347 13.18 -10.46 -9.02
CA TYR A 347 14.05 -9.77 -9.98
C TYR A 347 15.19 -10.66 -10.45
N GLU A 348 15.59 -11.63 -9.64
CA GLU A 348 16.50 -12.68 -10.10
C GLU A 348 15.80 -13.62 -11.09
N MET A 349 14.57 -14.02 -10.79
CA MET A 349 13.85 -14.89 -11.70
C MET A 349 13.54 -14.18 -13.02
N ASN A 350 13.45 -12.85 -13.00
CA ASN A 350 13.30 -12.09 -14.25
C ASN A 350 14.50 -12.32 -15.19
N ARG A 351 15.68 -12.47 -14.61
CA ARG A 351 16.88 -12.76 -15.41
C ARG A 351 16.77 -14.12 -16.09
N MET A 352 15.92 -14.98 -15.54
CA MET A 352 15.69 -16.33 -16.06
C MET A 352 14.43 -16.41 -16.91
N GLY A 353 13.92 -15.26 -17.31
CA GLY A 353 12.79 -15.23 -18.23
C GLY A 353 11.40 -15.38 -17.61
N ALA A 354 11.32 -15.27 -16.28
CA ALA A 354 10.02 -15.29 -15.63
C ALA A 354 9.20 -14.08 -16.06
N GLN A 355 7.88 -14.22 -15.98
CA GLN A 355 6.96 -13.15 -16.33
C GLN A 355 6.22 -12.73 -15.08
N ILE A 356 6.76 -11.73 -14.38
CA ILE A 356 6.24 -11.32 -13.09
C ILE A 356 6.15 -9.81 -13.00
N LEU A 357 4.96 -9.32 -12.68
CA LEU A 357 4.74 -7.91 -12.43
C LEU A 357 4.55 -7.67 -10.93
N VAL A 358 5.34 -6.75 -10.37
CA VAL A 358 5.25 -6.43 -8.96
C VAL A 358 4.69 -5.03 -8.78
N GLU A 359 3.61 -4.91 -8.00
CA GLU A 359 3.09 -3.61 -7.60
C GLU A 359 2.89 -3.63 -6.09
N GLY A 360 3.73 -2.89 -5.36
CA GLY A 360 3.66 -2.92 -3.91
C GLY A 360 3.78 -4.34 -3.37
N ASN A 361 2.77 -4.77 -2.61
CA ASN A 361 2.80 -6.08 -1.93
C ASN A 361 2.27 -7.21 -2.81
N THR A 362 2.05 -6.93 -4.08
CA THR A 362 1.45 -7.92 -4.97
C THR A 362 2.37 -8.30 -6.13
N ALA A 363 2.66 -9.59 -6.25
CA ALA A 363 3.36 -10.13 -7.43
C ALA A 363 2.39 -10.89 -8.34
N ILE A 364 2.27 -10.44 -9.58
CA ILE A 364 1.38 -11.08 -10.55
C ILE A 364 2.22 -11.96 -11.47
N VAL A 365 2.07 -13.27 -11.32
CA VAL A 365 2.89 -14.22 -12.05
C VAL A 365 2.14 -14.83 -13.22
N THR A 366 2.72 -14.72 -14.41
CA THR A 366 2.18 -15.37 -15.60
C THR A 366 3.08 -16.55 -15.94
N GLY A 367 2.55 -17.76 -15.80
CA GLY A 367 3.35 -18.95 -16.03
C GLY A 367 3.78 -19.14 -17.48
N VAL A 368 5.02 -19.60 -17.66
CA VAL A 368 5.54 -19.98 -18.98
C VAL A 368 5.95 -21.45 -18.89
N PRO A 369 6.12 -22.13 -20.03
CA PRO A 369 6.38 -23.56 -19.90
C PRO A 369 7.69 -23.89 -19.21
N LYS A 370 8.71 -23.06 -19.43
CA LYS A 370 10.02 -23.31 -18.88
C LYS A 370 10.77 -21.99 -18.71
N LEU A 371 11.61 -21.89 -17.67
CA LEU A 371 12.44 -20.71 -17.52
C LEU A 371 13.72 -20.87 -18.35
N LYS A 372 14.62 -19.88 -18.26
CA LYS A 372 15.88 -19.89 -19.02
C LYS A 372 17.06 -19.73 -18.07
N GLY A 373 17.99 -20.67 -18.09
CA GLY A 373 19.09 -20.65 -17.13
C GLY A 373 19.94 -19.39 -17.22
N ALA A 374 20.35 -18.88 -16.06
CA ALA A 374 21.18 -17.69 -15.98
C ALA A 374 21.81 -17.63 -14.60
N PRO A 375 22.94 -16.92 -14.48
CA PRO A 375 23.48 -16.70 -13.12
C PRO A 375 22.56 -15.79 -12.30
N VAL A 376 22.37 -16.14 -11.03
CA VAL A 376 21.53 -15.34 -10.15
C VAL A 376 22.15 -15.29 -8.76
N MET A 377 21.63 -14.40 -7.93
CA MET A 377 22.22 -14.13 -6.64
C MET A 377 21.23 -14.35 -5.49
N ALA A 378 21.59 -15.20 -4.54
CA ALA A 378 20.79 -15.38 -3.33
C ALA A 378 20.96 -14.19 -2.38
N THR A 379 19.92 -13.90 -1.59
CA THR A 379 19.97 -12.78 -0.64
C THR A 379 19.21 -13.04 0.68
N ASP A 380 18.41 -14.11 0.71
CA ASP A 380 17.41 -14.32 1.78
C ASP A 380 17.44 -15.80 2.19
N LEU A 381 17.79 -16.06 3.44
CA LEU A 381 18.04 -17.45 3.90
C LEU A 381 16.88 -18.40 3.72
N ARG A 382 15.64 -17.91 3.64
CA ARG A 382 14.55 -18.83 3.31
C ARG A 382 14.03 -18.63 1.88
N ALA A 383 13.83 -17.38 1.47
CA ALA A 383 13.18 -17.11 0.20
C ALA A 383 14.05 -17.48 -1.00
N SER A 384 15.36 -17.45 -0.84
CA SER A 384 16.23 -17.71 -1.98
C SER A 384 16.24 -19.17 -2.41
N ALA A 385 15.59 -20.04 -1.64
CA ALA A 385 15.36 -21.41 -2.10
C ALA A 385 14.52 -21.40 -3.37
N SER A 386 13.74 -20.35 -3.56
CA SER A 386 12.97 -20.19 -4.81
C SER A 386 13.89 -20.16 -6.04
N LEU A 387 15.12 -19.70 -5.86
CA LEU A 387 16.06 -19.62 -6.97
C LEU A 387 16.58 -21.01 -7.35
N VAL A 388 16.69 -21.86 -6.34
CA VAL A 388 17.01 -23.26 -6.58
C VAL A 388 15.88 -23.94 -7.35
N ILE A 389 14.65 -23.71 -6.93
CA ILE A 389 13.50 -24.30 -7.62
C ILE A 389 13.44 -23.78 -9.05
N ALA A 390 13.61 -22.46 -9.22
CA ALA A 390 13.62 -21.86 -10.56
C ALA A 390 14.66 -22.55 -11.45
N GLY A 391 15.86 -22.77 -10.93
CA GLY A 391 16.88 -23.50 -11.66
C GLY A 391 16.43 -24.89 -12.11
N LEU A 392 15.71 -25.58 -11.24
CA LEU A 392 15.22 -26.91 -11.56
C LEU A 392 14.23 -26.91 -12.73
N VAL A 393 13.60 -25.76 -13.00
CA VAL A 393 12.62 -25.68 -14.08
C VAL A 393 13.07 -24.73 -15.19
N ALA A 394 14.38 -24.58 -15.36
CA ALA A 394 14.93 -23.70 -16.38
C ALA A 394 15.68 -24.53 -17.43
N GLU A 395 15.64 -24.04 -18.67
CA GLU A 395 16.41 -24.64 -19.76
C GLU A 395 17.89 -24.32 -19.58
N GLY A 396 18.72 -25.35 -19.55
CA GLY A 396 20.14 -25.15 -19.35
C GLY A 396 20.56 -24.98 -17.90
N ASP A 397 21.65 -24.25 -17.70
CA ASP A 397 22.29 -24.16 -16.39
C ASP A 397 22.01 -22.86 -15.66
N THR A 398 21.79 -22.96 -14.36
CA THR A 398 21.59 -21.81 -13.49
C THR A 398 22.66 -21.81 -12.41
N LEU A 399 23.41 -20.71 -12.32
CA LEU A 399 24.51 -20.61 -11.37
C LEU A 399 24.13 -19.65 -10.27
N ILE A 400 23.99 -20.16 -9.05
CA ILE A 400 23.52 -19.34 -7.94
C ILE A 400 24.71 -18.98 -7.04
N ASP A 401 24.93 -17.68 -6.84
CA ASP A 401 26.00 -17.19 -5.97
C ASP A 401 25.44 -16.79 -4.60
N ARG A 402 26.34 -16.53 -3.63
CA ARG A 402 25.96 -16.15 -2.27
C ARG A 402 25.08 -17.20 -1.61
N ILE A 403 25.44 -18.45 -1.84
CA ILE A 403 24.79 -19.62 -1.26
C ILE A 403 24.84 -19.63 0.28
N TYR A 404 25.77 -18.87 0.85
CA TYR A 404 25.85 -18.80 2.32
C TYR A 404 24.50 -18.41 2.94
N HIS A 405 23.68 -17.62 2.23
CA HIS A 405 22.33 -17.32 2.72
C HIS A 405 21.52 -18.60 2.81
N ILE A 406 21.52 -19.39 1.74
CA ILE A 406 20.73 -20.61 1.69
C ILE A 406 21.23 -21.60 2.76
N ASP A 407 22.54 -21.63 2.98
CA ASP A 407 23.12 -22.55 3.96
C ASP A 407 22.76 -22.15 5.38
N ARG A 408 22.30 -20.92 5.59
CA ARG A 408 21.76 -20.53 6.91
C ARG A 408 20.42 -21.20 7.13
N GLY A 409 19.67 -21.35 6.03
CA GLY A 409 18.27 -21.67 6.10
C GLY A 409 17.87 -23.10 5.81
N TYR A 410 18.75 -23.89 5.19
CA TYR A 410 18.42 -25.25 4.77
C TYR A 410 19.62 -26.16 4.97
N GLU A 411 19.37 -27.37 5.50
CA GLU A 411 20.44 -28.36 5.61
C GLU A 411 20.81 -28.96 4.25
N CYS A 412 22.05 -28.73 3.82
CA CYS A 412 22.62 -29.34 2.62
CA CYS A 412 22.63 -29.33 2.61
C CYS A 412 21.63 -29.53 1.47
N ILE A 413 21.12 -28.41 0.96
CA ILE A 413 20.01 -28.45 0.01
C ILE A 413 20.35 -29.29 -1.23
N GLU A 414 21.60 -29.24 -1.71
CA GLU A 414 21.91 -29.95 -2.94
C GLU A 414 22.03 -31.44 -2.67
N GLU A 415 22.41 -31.83 -1.45
CA GLU A 415 22.51 -33.26 -1.16
C GLU A 415 21.10 -33.86 -1.14
N LYS A 416 20.14 -33.13 -0.58
CA LYS A 416 18.78 -33.67 -0.52
C LYS A 416 18.16 -33.68 -1.93
N LEU A 417 18.37 -32.62 -2.71
CA LEU A 417 17.84 -32.61 -4.07
C LEU A 417 18.48 -33.67 -4.98
N GLN A 418 19.76 -33.98 -4.77
CA GLN A 418 20.39 -35.06 -5.53
C GLN A 418 19.69 -36.41 -5.28
N LEU A 419 19.23 -36.63 -4.06
CA LEU A 419 18.50 -37.86 -3.76
C LEU A 419 17.17 -37.94 -4.50
N LEU A 420 16.71 -36.80 -5.02
CA LEU A 420 15.45 -36.75 -5.75
C LEU A 420 15.68 -36.71 -7.24
N GLY A 421 16.93 -36.93 -7.64
CA GLY A 421 17.30 -36.96 -9.05
C GLY A 421 17.56 -35.62 -9.71
N ALA A 422 17.69 -34.55 -8.92
CA ALA A 422 18.04 -33.25 -9.50
C ALA A 422 19.49 -33.23 -9.96
N LYS A 423 19.75 -32.48 -11.02
CA LYS A 423 21.12 -32.26 -11.47
C LYS A 423 21.60 -30.96 -10.84
N ILE A 424 22.31 -31.07 -9.73
CA ILE A 424 22.72 -29.91 -8.97
C ILE A 424 24.02 -30.25 -8.24
N ARG A 425 24.96 -29.32 -8.23
CA ARG A 425 26.27 -29.52 -7.61
CA ARG A 425 26.18 -29.55 -7.47
C ARG A 425 26.73 -28.28 -6.87
N ARG A 426 27.45 -28.45 -5.77
CA ARG A 426 28.08 -27.34 -5.08
C ARG A 426 29.47 -27.10 -5.66
N VAL A 427 29.73 -25.86 -6.05
CA VAL A 427 31.01 -25.42 -6.58
C VAL A 427 31.75 -24.76 -5.43
N PRO A 428 32.85 -25.37 -4.98
CA PRO A 428 33.57 -24.93 -3.78
C PRO A 428 34.11 -23.51 -3.90
N GLY A 429 33.93 -22.71 -2.85
CA GLY A 429 34.47 -21.37 -2.81
C GLY A 429 35.96 -21.37 -2.45
N HIS B 5 43.18 6.87 -0.60
CA HIS B 5 42.84 5.71 -1.41
C HIS B 5 41.81 4.84 -0.72
N HIS B 6 40.56 5.00 -1.12
CA HIS B 6 39.44 4.25 -0.53
C HIS B 6 39.64 2.74 -0.66
N HIS B 7 39.15 2.01 0.33
CA HIS B 7 39.26 0.55 0.37
C HIS B 7 37.89 -0.02 0.71
N HIS B 8 37.59 -1.20 0.20
CA HIS B 8 36.28 -1.83 0.42
C HIS B 8 35.92 -1.98 1.89
N MET B 9 36.91 -2.09 2.76
CA MET B 9 36.63 -2.30 4.19
C MET B 9 36.77 -1.04 5.05
N ASP B 10 36.84 0.13 4.42
CA ASP B 10 36.88 1.40 5.16
C ASP B 10 35.67 1.58 6.06
N LYS B 11 35.87 2.33 7.15
CA LYS B 11 34.78 2.75 8.02
C LYS B 11 34.85 4.25 8.22
N LEU B 12 33.76 4.85 8.71
CA LEU B 12 33.80 6.25 9.14
C LEU B 12 33.50 6.28 10.62
N ILE B 13 34.31 7.02 11.38
CA ILE B 13 34.01 7.26 12.78
C ILE B 13 33.65 8.74 12.97
N ILE B 14 32.48 8.98 13.56
CA ILE B 14 31.92 10.32 13.74
C ILE B 14 31.74 10.58 15.21
N THR B 15 32.05 11.79 15.66
CA THR B 15 31.64 12.24 16.99
C THR B 15 30.65 13.38 16.81
N GLY B 16 29.47 13.25 17.40
CA GLY B 16 28.42 14.22 17.15
C GLY B 16 28.52 15.43 18.06
N GLY B 17 27.72 16.45 17.77
CA GLY B 17 27.58 17.57 18.70
C GLY B 17 28.11 18.92 18.25
N ASN B 18 28.64 18.98 17.03
CA ASN B 18 29.15 20.23 16.49
C ASN B 18 28.19 20.86 15.49
N ARG B 19 27.94 22.15 15.64
CA ARG B 19 27.19 22.89 14.61
C ARG B 19 28.12 23.10 13.42
N LEU B 20 27.71 22.64 12.25
CA LEU B 20 28.53 22.80 11.06
C LEU B 20 28.67 24.28 10.69
N ASP B 21 29.83 24.63 10.13
CA ASP B 21 30.10 26.00 9.72
C ASP B 21 31.21 25.98 8.69
N GLY B 22 30.94 26.46 7.48
CA GLY B 22 32.00 26.58 6.49
C GLY B 22 31.51 26.60 5.06
N GLU B 23 32.44 26.48 4.12
CA GLU B 23 32.07 26.50 2.71
C GLU B 23 32.79 25.38 1.96
N ILE B 24 32.05 24.72 1.08
CA ILE B 24 32.65 23.69 0.24
C ILE B 24 32.11 23.81 -1.17
N ARG B 25 32.77 23.13 -2.08
CA ARG B 25 32.39 23.11 -3.47
CA ARG B 25 32.35 23.13 -3.48
C ARG B 25 31.62 21.83 -3.81
N ILE B 26 30.53 21.98 -4.55
CA ILE B 26 29.71 20.86 -5.03
C ILE B 26 30.35 20.29 -6.31
N SER B 27 30.36 18.96 -6.40
CA SER B 27 30.92 18.24 -7.53
C SER B 27 29.87 18.04 -8.61
N GLY B 28 30.33 17.62 -9.78
CA GLY B 28 29.44 17.28 -10.88
C GLY B 28 28.50 16.14 -10.53
N ALA B 29 27.34 16.11 -11.18
CA ALA B 29 26.32 15.11 -10.87
C ALA B 29 26.72 13.71 -11.32
N LYS B 30 26.76 12.79 -10.36
CA LYS B 30 27.04 11.39 -10.65
C LYS B 30 26.10 10.87 -11.73
N ASN B 31 24.83 11.23 -11.62
CA ASN B 31 23.81 10.65 -12.50
C ASN B 31 23.60 11.46 -13.78
N SER B 32 24.43 12.48 -13.98
CA SER B 32 24.59 13.04 -15.32
C SER B 32 25.84 12.41 -15.95
N ALA B 33 26.89 12.29 -15.17
CA ALA B 33 28.13 11.68 -15.65
C ALA B 33 27.92 10.27 -16.20
N LEU B 34 27.10 9.46 -15.53
CA LEU B 34 26.94 8.08 -15.99
C LEU B 34 26.26 8.00 -17.38
N PRO B 35 25.12 8.68 -17.58
CA PRO B 35 24.59 8.58 -18.95
C PRO B 35 25.41 9.33 -20.01
N ILE B 36 26.06 10.43 -19.64
CA ILE B 36 26.87 11.16 -20.61
C ILE B 36 28.08 10.29 -21.00
N LEU B 37 28.62 9.53 -20.06
CA LEU B 37 29.73 8.64 -20.42
C LEU B 37 29.21 7.58 -21.39
N ALA B 38 28.02 7.05 -21.13
CA ALA B 38 27.44 6.10 -22.08
C ALA B 38 27.26 6.75 -23.45
N ALA B 39 26.84 8.01 -23.46
CA ALA B 39 26.58 8.71 -24.70
C ALA B 39 27.83 8.85 -25.56
N THR B 40 29.00 8.89 -24.93
CA THR B 40 30.23 9.02 -25.71
C THR B 40 30.42 7.81 -26.62
N LEU B 41 29.77 6.68 -26.32
CA LEU B 41 29.84 5.52 -27.20
C LEU B 41 29.21 5.79 -28.59
N LEU B 42 28.41 6.85 -28.69
CA LEU B 42 27.80 7.21 -29.97
C LEU B 42 28.77 7.90 -30.94
N ALA B 43 29.82 8.51 -30.41
CA ALA B 43 30.60 9.47 -31.17
C ALA B 43 31.66 8.83 -32.06
N ASP B 44 31.87 9.42 -33.24
CA ASP B 44 32.90 8.92 -34.15
C ASP B 44 34.19 9.73 -34.01
N THR B 45 34.17 10.68 -33.09
CA THR B 45 35.37 11.44 -32.70
C THR B 45 35.29 11.58 -31.19
N PRO B 46 36.45 11.52 -30.51
CA PRO B 46 36.53 11.50 -29.03
C PRO B 46 35.74 12.62 -28.33
N VAL B 47 35.05 12.29 -27.24
CA VAL B 47 34.35 13.28 -26.41
C VAL B 47 35.05 13.34 -25.04
N THR B 48 35.18 14.54 -24.48
CA THR B 48 35.80 14.68 -23.16
C THR B 48 34.77 15.16 -22.15
N VAL B 49 34.64 14.42 -21.05
CA VAL B 49 33.65 14.72 -20.04
C VAL B 49 34.36 15.33 -18.82
N CYS B 50 33.87 16.48 -18.38
CA CYS B 50 34.54 17.26 -17.34
C CYS B 50 33.63 17.53 -16.15
N ASN B 51 34.22 18.13 -15.12
CA ASN B 51 33.57 18.39 -13.83
C ASN B 51 33.06 17.08 -13.22
N LEU B 52 33.76 15.99 -13.47
CA LEU B 52 33.36 14.71 -12.90
C LEU B 52 33.61 14.64 -11.40
N PRO B 53 32.66 14.07 -10.65
CA PRO B 53 32.87 13.78 -9.23
C PRO B 53 33.80 12.58 -9.07
N HIS B 54 34.64 12.59 -8.04
CA HIS B 54 35.54 11.47 -7.84
CA HIS B 54 35.57 11.48 -7.81
C HIS B 54 34.91 10.47 -6.88
N LEU B 55 34.15 9.54 -7.45
CA LEU B 55 33.42 8.54 -6.70
C LEU B 55 33.32 7.25 -7.51
N HIS B 56 32.92 6.16 -6.87
CA HIS B 56 33.26 4.87 -7.44
C HIS B 56 32.39 4.48 -8.64
N ASP B 57 31.17 5.01 -8.76
CA ASP B 57 30.34 4.62 -9.91
C ASP B 57 31.00 5.03 -11.23
N ILE B 58 31.77 6.12 -11.23
CA ILE B 58 32.49 6.55 -12.43
CA ILE B 58 32.44 6.52 -12.47
C ILE B 58 33.57 5.53 -12.77
N THR B 59 34.28 5.08 -11.74
CA THR B 59 35.32 4.07 -11.89
C THR B 59 34.73 2.79 -12.50
N THR B 60 33.56 2.39 -12.03
CA THR B 60 32.91 1.19 -12.57
C THR B 60 32.53 1.39 -14.05
N MET B 61 31.98 2.55 -14.39
CA MET B 61 31.65 2.79 -15.80
C MET B 61 32.90 2.74 -16.67
N ILE B 62 34.02 3.28 -16.18
CA ILE B 62 35.26 3.27 -16.94
C ILE B 62 35.74 1.81 -17.08
N GLU B 63 35.58 1.00 -16.03
CA GLU B 63 35.98 -0.40 -16.08
CA GLU B 63 35.98 -0.39 -16.08
C GLU B 63 35.13 -1.17 -17.09
N LEU B 64 33.85 -0.84 -17.17
CA LEU B 64 32.94 -1.47 -18.12
C LEU B 64 33.41 -1.18 -19.54
N PHE B 65 33.77 0.08 -19.80
CA PHE B 65 34.27 0.45 -21.12
C PHE B 65 35.51 -0.37 -21.46
N GLY B 66 36.41 -0.52 -20.49
CA GLY B 66 37.62 -1.32 -20.68
C GLY B 66 37.29 -2.75 -21.09
N ARG B 67 36.28 -3.34 -20.47
CA ARG B 67 35.91 -4.72 -20.79
C ARG B 67 35.41 -4.84 -22.21
N MET B 68 34.97 -3.72 -22.80
CA MET B 68 34.51 -3.73 -24.18
C MET B 68 35.61 -3.33 -25.15
N GLY B 69 36.77 -2.94 -24.60
CA GLY B 69 37.92 -2.60 -25.42
C GLY B 69 38.10 -1.12 -25.63
N VAL B 70 37.38 -0.33 -24.85
CA VAL B 70 37.48 1.12 -24.91
C VAL B 70 38.26 1.57 -23.68
N GLN B 71 39.41 2.19 -23.89
CA GLN B 71 40.23 2.66 -22.77
C GLN B 71 40.19 4.18 -22.68
N PRO B 72 39.32 4.72 -21.81
CA PRO B 72 39.25 6.17 -21.62
C PRO B 72 40.58 6.74 -21.13
N ILE B 73 40.90 7.95 -21.55
CA ILE B 73 42.11 8.63 -21.08
C ILE B 73 41.71 9.64 -20.02
N ILE B 74 42.24 9.47 -18.82
CA ILE B 74 42.00 10.38 -17.71
C ILE B 74 43.14 11.38 -17.60
N ASP B 75 42.86 12.67 -17.74
CA ASP B 75 43.93 13.65 -17.76
C ASP B 75 44.28 14.06 -16.33
N GLU B 76 45.23 15.00 -16.20
CA GLU B 76 45.73 15.45 -14.92
C GLU B 76 44.61 16.03 -14.04
N LYS B 77 43.60 16.61 -14.66
CA LYS B 77 42.49 17.20 -13.91
C LYS B 77 41.32 16.23 -13.71
N LEU B 78 41.54 14.96 -14.01
CA LEU B 78 40.54 13.91 -13.87
C LEU B 78 39.34 14.11 -14.80
N ASN B 79 39.55 14.82 -15.91
CA ASN B 79 38.59 14.80 -17.01
C ASN B 79 38.79 13.51 -17.80
N VAL B 80 37.73 13.03 -18.43
CA VAL B 80 37.79 11.72 -19.10
C VAL B 80 37.48 11.86 -20.58
N GLU B 81 38.45 11.50 -21.41
CA GLU B 81 38.26 11.48 -22.86
CA GLU B 81 38.23 11.48 -22.85
C GLU B 81 37.93 10.06 -23.27
N VAL B 82 36.84 9.88 -24.02
CA VAL B 82 36.46 8.55 -24.49
C VAL B 82 36.56 8.48 -26.00
N ASP B 83 37.38 7.54 -26.48
CA ASP B 83 37.51 7.23 -27.91
C ASP B 83 36.93 5.84 -28.17
N ALA B 84 35.71 5.79 -28.68
CA ALA B 84 35.00 4.52 -28.84
C ALA B 84 35.40 3.73 -30.08
N SER B 85 36.29 4.32 -30.90
CA SER B 85 36.67 3.69 -32.16
C SER B 85 37.39 2.37 -31.97
N SER B 86 37.98 2.16 -30.79
CA SER B 86 38.75 0.95 -30.54
C SER B 86 37.89 -0.20 -30.00
N ILE B 87 36.57 -0.02 -29.95
CA ILE B 87 35.71 -1.00 -29.29
C ILE B 87 35.84 -2.37 -29.96
N LYS B 88 35.91 -3.42 -29.14
CA LYS B 88 36.22 -4.75 -29.60
C LYS B 88 35.07 -5.73 -29.38
N THR B 89 34.37 -5.53 -28.28
CA THR B 89 33.38 -6.51 -27.82
C THR B 89 32.09 -5.82 -27.41
N LEU B 90 31.00 -6.13 -28.12
CA LEU B 90 29.75 -5.43 -27.89
C LEU B 90 28.92 -6.12 -26.80
N VAL B 91 29.54 -6.24 -25.62
CA VAL B 91 28.97 -7.00 -24.51
C VAL B 91 29.25 -6.28 -23.21
N ALA B 92 28.20 -6.01 -22.43
CA ALA B 92 28.36 -5.55 -21.06
C ALA B 92 28.17 -6.74 -20.15
N PRO B 93 29.27 -7.26 -19.59
CA PRO B 93 29.23 -8.56 -18.92
C PRO B 93 28.48 -8.53 -17.59
N TYR B 94 27.77 -9.61 -17.29
CA TYR B 94 27.12 -9.76 -15.99
C TYR B 94 28.06 -9.45 -14.82
N GLU B 95 29.31 -9.91 -14.91
CA GLU B 95 30.30 -9.71 -13.86
C GLU B 95 30.40 -8.26 -13.41
N LEU B 96 30.22 -7.34 -14.35
CA LEU B 96 30.20 -5.92 -14.01
C LEU B 96 28.79 -5.38 -13.78
N VAL B 97 27.87 -5.72 -14.67
CA VAL B 97 26.50 -5.19 -14.57
C VAL B 97 25.89 -5.50 -13.19
N LYS B 98 26.23 -6.67 -12.65
CA LYS B 98 25.66 -7.10 -11.38
C LYS B 98 26.09 -6.18 -10.24
N THR B 99 27.14 -5.40 -10.44
CA THR B 99 27.62 -4.46 -9.41
C THR B 99 27.07 -3.06 -9.54
N MET B 100 26.48 -2.74 -10.69
CA MET B 100 25.97 -1.39 -10.94
C MET B 100 24.95 -1.44 -12.06
N ARG B 101 23.67 -1.48 -11.71
CA ARG B 101 22.62 -1.65 -12.71
C ARG B 101 22.54 -0.46 -13.68
N ALA B 102 23.08 0.69 -13.29
CA ALA B 102 23.13 1.85 -14.19
C ALA B 102 23.94 1.53 -15.46
N SER B 103 24.72 0.46 -15.41
CA SER B 103 25.41 -0.06 -16.60
C SER B 103 24.50 -0.24 -17.80
N ILE B 104 23.20 -0.45 -17.54
CA ILE B 104 22.23 -0.67 -18.61
C ILE B 104 22.19 0.53 -19.55
N LEU B 105 22.69 1.67 -19.08
CA LEU B 105 22.78 2.86 -19.94
C LEU B 105 23.61 2.69 -21.23
N VAL B 106 24.43 1.65 -21.33
CA VAL B 106 25.20 1.48 -22.56
C VAL B 106 24.38 0.81 -23.64
N LEU B 107 23.22 0.25 -23.26
CA LEU B 107 22.42 -0.53 -24.21
C LEU B 107 21.94 0.31 -25.40
N GLY B 108 21.28 1.43 -25.11
CA GLY B 108 20.77 2.31 -26.16
C GLY B 108 21.83 2.79 -27.15
N PRO B 109 22.90 3.44 -26.64
CA PRO B 109 23.95 3.95 -27.53
C PRO B 109 24.67 2.85 -28.31
N MET B 110 24.97 1.73 -27.68
CA MET B 110 25.68 0.67 -28.39
CA MET B 110 25.66 0.63 -28.36
C MET B 110 24.83 0.13 -29.53
N LEU B 111 23.54 -0.07 -29.27
CA LEU B 111 22.63 -0.58 -30.27
C LEU B 111 22.49 0.37 -31.45
N ALA B 112 22.31 1.66 -31.15
CA ALA B 112 22.12 2.67 -32.19
C ALA B 112 23.37 2.92 -33.02
N ARG B 113 24.53 2.90 -32.37
CA ARG B 113 25.79 3.18 -33.07
C ARG B 113 26.33 1.94 -33.78
N PHE B 114 26.25 0.78 -33.13
CA PHE B 114 26.92 -0.41 -33.67
C PHE B 114 25.97 -1.48 -34.22
N GLY B 115 24.67 -1.29 -34.03
CA GLY B 115 23.68 -2.19 -34.60
C GLY B 115 23.35 -3.43 -33.78
N GLU B 116 24.08 -3.64 -32.69
CA GLU B 116 23.82 -4.78 -31.82
C GLU B 116 24.42 -4.56 -30.45
N ALA B 117 23.90 -5.27 -29.46
CA ALA B 117 24.40 -5.18 -28.10
C ALA B 117 23.91 -6.36 -27.31
N GLU B 118 24.78 -6.90 -26.47
CA GLU B 118 24.38 -7.86 -25.44
C GLU B 118 24.70 -7.25 -24.09
N VAL B 119 23.67 -6.97 -23.31
CA VAL B 119 23.87 -6.31 -22.02
C VAL B 119 23.16 -7.14 -20.95
N ALA B 120 23.89 -7.52 -19.90
CA ALA B 120 23.30 -8.31 -18.84
C ALA B 120 22.06 -7.63 -18.27
N LEU B 121 21.01 -8.41 -18.07
CA LEU B 121 19.77 -7.95 -17.47
C LEU B 121 19.95 -7.77 -15.96
N PRO B 122 19.78 -6.54 -15.47
CA PRO B 122 19.95 -6.37 -14.02
C PRO B 122 19.00 -7.24 -13.20
N GLY B 123 19.55 -7.89 -12.17
CA GLY B 123 18.73 -8.64 -11.23
C GLY B 123 18.20 -7.73 -10.13
N GLY B 124 18.23 -8.20 -8.90
CA GLY B 124 17.69 -7.41 -7.79
C GLY B 124 18.64 -6.38 -7.23
N ALA B 126 18.60 -3.98 -3.61
CA ALA B 126 17.89 -3.96 -2.33
C ALA B 126 17.00 -2.73 -2.14
N ILE B 127 17.20 -1.70 -2.95
CA ILE B 127 16.37 -0.50 -2.85
C ILE B 127 14.89 -0.82 -3.05
N GLY B 128 14.59 -1.66 -4.02
CA GLY B 128 13.19 -2.01 -4.29
C GLY B 128 12.97 -2.60 -5.66
N SER B 129 11.71 -2.53 -6.12
CA SER B 129 11.39 -3.00 -7.47
C SER B 129 11.94 -2.07 -8.53
N ARG B 130 12.81 -2.60 -9.38
CA ARG B 130 13.44 -1.77 -10.42
C ARG B 130 13.56 -2.49 -11.77
N PRO B 131 12.43 -2.95 -12.32
CA PRO B 131 12.48 -3.63 -13.62
C PRO B 131 12.89 -2.68 -14.75
N VAL B 132 13.26 -3.21 -15.91
CA VAL B 132 13.71 -2.39 -17.02
C VAL B 132 12.93 -2.72 -18.29
N ASP B 133 11.73 -3.26 -18.13
CA ASP B 133 10.85 -3.56 -19.25
C ASP B 133 10.65 -2.39 -20.21
N LEU B 134 10.64 -1.17 -19.69
CA LEU B 134 10.38 0.00 -20.52
C LEU B 134 11.57 0.36 -21.41
N HIS B 135 12.80 0.07 -20.95
CA HIS B 135 13.98 0.21 -21.81
C HIS B 135 13.86 -0.69 -23.04
N ILE B 136 13.50 -1.95 -22.80
CA ILE B 136 13.38 -2.96 -23.84
C ILE B 136 12.24 -2.61 -24.79
N ARG B 137 11.07 -2.30 -24.23
CA ARG B 137 9.92 -2.00 -25.07
C ARG B 137 10.17 -0.76 -25.89
N GLY B 138 10.86 0.21 -25.30
CA GLY B 138 11.16 1.45 -26.02
C GLY B 138 12.04 1.22 -27.22
N LEU B 139 13.05 0.39 -27.05
CA LEU B 139 13.97 0.06 -28.12
C LEU B 139 13.27 -0.76 -29.20
N GLU B 140 12.35 -1.62 -28.80
CA GLU B 140 11.57 -2.38 -29.76
C GLU B 140 10.69 -1.45 -30.61
N ALA B 141 10.28 -0.31 -30.03
CA ALA B 141 9.46 0.66 -30.76
C ALA B 141 10.28 1.34 -31.86
N MET B 142 11.61 1.19 -31.78
CA MET B 142 12.53 1.72 -32.77
C MET B 142 13.00 0.63 -33.72
N GLY B 143 12.37 -0.54 -33.62
CA GLY B 143 12.62 -1.63 -34.53
C GLY B 143 13.63 -2.66 -34.09
N ALA B 144 14.13 -2.53 -32.86
CA ALA B 144 15.10 -3.49 -32.34
C ALA B 144 14.47 -4.86 -32.11
N GLN B 145 15.22 -5.91 -32.42
CA GLN B 145 14.81 -7.27 -32.11
C GLN B 145 15.54 -7.70 -30.85
N ILE B 146 14.78 -8.02 -29.81
CA ILE B 146 15.39 -8.26 -28.50
C ILE B 146 14.91 -9.56 -27.91
N GLU B 147 15.85 -10.36 -27.43
CA GLU B 147 15.51 -11.56 -26.66
C GLU B 147 16.33 -11.57 -25.39
N VAL B 148 15.84 -12.28 -24.38
CA VAL B 148 16.59 -12.50 -23.17
C VAL B 148 17.08 -13.95 -23.18
N GLU B 149 18.38 -14.13 -23.03
CA GLU B 149 18.98 -15.46 -23.07
C GLU B 149 20.24 -15.46 -22.24
N GLY B 150 20.42 -16.48 -21.40
CA GLY B 150 21.59 -16.57 -20.54
C GLY B 150 21.74 -15.39 -19.61
N GLY B 151 20.63 -14.72 -19.33
CA GLY B 151 20.64 -13.56 -18.46
C GLY B 151 21.06 -12.28 -19.18
N TYR B 152 21.12 -12.32 -20.50
CA TYR B 152 21.49 -11.14 -21.28
C TYR B 152 20.31 -10.61 -22.10
N ILE B 153 20.22 -9.29 -22.15
CA ILE B 153 19.44 -8.63 -23.17
C ILE B 153 20.25 -8.70 -24.46
N LYS B 154 19.74 -9.42 -25.46
CA LYS B 154 20.45 -9.56 -26.72
C LYS B 154 19.66 -8.82 -27.78
N ALA B 155 20.21 -7.69 -28.22
CA ALA B 155 19.51 -6.77 -29.10
C ALA B 155 20.20 -6.62 -30.44
N LYS B 156 19.41 -6.56 -31.50
CA LYS B 156 19.90 -6.31 -32.85
C LYS B 156 19.02 -5.25 -33.50
N ALA B 157 19.66 -4.29 -34.17
CA ALA B 157 18.92 -3.27 -34.89
C ALA B 157 18.51 -3.83 -36.25
N PRO B 158 17.48 -3.25 -36.89
CA PRO B 158 17.16 -3.71 -38.23
C PRO B 158 18.28 -3.35 -39.21
N ALA B 159 18.27 -3.97 -40.39
CA ALA B 159 19.20 -3.55 -41.43
C ALA B 159 18.91 -2.09 -41.75
N GLY B 160 19.95 -1.28 -41.76
CA GLY B 160 19.78 0.15 -41.99
C GLY B 160 19.80 0.94 -40.70
N GLY B 161 19.70 0.24 -39.58
CA GLY B 161 19.77 0.87 -38.26
C GLY B 161 18.44 1.05 -37.58
N LEU B 162 18.47 1.53 -36.35
CA LEU B 162 17.24 1.86 -35.63
C LEU B 162 16.46 2.92 -36.38
N ARG B 163 15.14 2.83 -36.26
CA ARG B 163 14.23 3.79 -36.88
C ARG B 163 13.57 4.67 -35.82
N GLY B 164 13.28 5.92 -36.15
CA GLY B 164 12.52 6.76 -35.24
C GLY B 164 11.17 6.17 -34.95
N GLY B 165 10.69 6.35 -33.72
CA GLY B 165 9.37 5.87 -33.36
C GLY B 165 8.75 6.67 -32.25
N HIS B 166 7.50 6.39 -31.92
CA HIS B 166 6.86 6.99 -30.76
C HIS B 166 6.91 6.00 -29.63
N PHE B 167 7.24 6.45 -28.42
CA PHE B 167 7.10 5.58 -27.26
C PHE B 167 6.51 6.33 -26.08
N PHE B 168 5.45 5.78 -25.51
CA PHE B 168 4.85 6.37 -24.32
C PHE B 168 5.30 5.62 -23.08
N PHE B 169 5.89 6.34 -22.12
CA PHE B 169 6.30 5.76 -20.84
C PHE B 169 5.12 5.59 -19.87
N ASP B 170 4.74 4.36 -19.57
CA ASP B 170 3.62 4.09 -18.65
C ASP B 170 3.96 4.58 -17.24
N THR B 171 5.23 4.46 -16.89
CA THR B 171 5.77 4.93 -15.63
C THR B 171 6.95 5.82 -15.99
N VAL B 172 7.11 6.93 -15.29
CA VAL B 172 8.25 7.80 -15.56
C VAL B 172 9.54 7.05 -15.22
N SER B 173 10.48 7.03 -16.15
CA SER B 173 11.77 6.37 -15.93
C SER B 173 12.93 7.27 -16.32
N VAL B 174 13.81 7.55 -15.36
CA VAL B 174 14.96 8.42 -15.58
C VAL B 174 15.93 7.78 -16.59
N THR B 175 16.49 6.62 -16.26
CA THR B 175 17.45 6.00 -17.17
C THR B 175 16.77 5.44 -18.41
N GLY B 176 15.50 5.07 -18.31
CA GLY B 176 14.73 4.68 -19.48
C GLY B 176 14.67 5.82 -20.51
N THR B 177 14.33 7.01 -20.03
CA THR B 177 14.28 8.18 -20.90
C THR B 177 15.64 8.43 -21.53
N GLU B 178 16.69 8.33 -20.73
CA GLU B 178 18.06 8.52 -21.19
C GLU B 178 18.49 7.50 -22.25
N ASN B 179 18.18 6.23 -22.00
CA ASN B 179 18.53 5.17 -22.94
C ASN B 179 17.88 5.40 -24.30
N LEU B 180 16.61 5.75 -24.30
CA LEU B 180 15.90 5.94 -25.57
C LEU B 180 16.34 7.22 -26.27
N MET B 181 16.63 8.27 -25.50
CA MET B 181 17.14 9.51 -26.09
C MET B 181 18.43 9.26 -26.86
N MET B 182 19.32 8.46 -26.25
CA MET B 182 20.59 8.16 -26.86
C MET B 182 20.43 7.30 -28.10
N ALA B 183 19.58 6.28 -28.01
CA ALA B 183 19.30 5.44 -29.16
C ALA B 183 18.73 6.26 -30.32
N ALA B 184 17.86 7.19 -29.96
CA ALA B 184 17.17 8.00 -30.97
C ALA B 184 18.11 8.95 -31.69
N ALA B 185 19.18 9.33 -31.01
CA ALA B 185 20.07 10.39 -31.53
C ALA B 185 20.71 10.01 -32.86
N LEU B 186 20.90 8.70 -33.10
CA LEU B 186 21.46 8.23 -34.37
C LEU B 186 20.47 7.41 -35.19
N ALA B 187 19.22 7.34 -34.74
CA ALA B 187 18.21 6.57 -35.46
C ALA B 187 17.80 7.27 -36.76
N ASN B 188 17.19 6.50 -37.66
CA ASN B 188 16.71 7.04 -38.91
C ASN B 188 15.32 7.63 -38.73
N GLY B 189 15.25 8.96 -38.62
CA GLY B 189 13.96 9.61 -38.52
C GLY B 189 13.64 10.20 -37.15
N ARG B 190 12.36 10.45 -36.93
CA ARG B 190 11.92 11.21 -35.77
C ARG B 190 11.44 10.31 -34.65
N THR B 191 11.96 10.53 -33.45
CA THR B 191 11.50 9.82 -32.27
C THR B 191 10.77 10.77 -31.33
N VAL B 192 9.60 10.35 -30.84
CA VAL B 192 8.89 11.14 -29.86
C VAL B 192 8.73 10.32 -28.59
N LEU B 193 9.31 10.82 -27.50
CA LEU B 193 9.19 10.19 -26.20
C LEU B 193 8.16 10.96 -25.39
N GLN B 194 7.14 10.26 -24.92
CA GLN B 194 6.03 10.88 -24.18
CA GLN B 194 6.05 10.88 -24.18
C GLN B 194 6.02 10.39 -22.73
N ASN B 195 5.53 11.25 -21.83
CA ASN B 195 5.64 11.08 -20.38
C ASN B 195 7.11 10.85 -20.00
N ALA B 196 7.99 11.67 -20.59
CA ALA B 196 9.42 11.60 -20.36
C ALA B 196 9.81 12.10 -18.96
N ALA B 197 10.89 11.55 -18.41
CA ALA B 197 11.44 12.05 -17.16
C ALA B 197 11.98 13.46 -17.34
N ARG B 198 11.77 14.30 -16.34
CA ARG B 198 12.11 15.71 -16.40
C ARG B 198 13.33 16.03 -15.54
N GLU B 199 13.93 15.00 -14.96
CA GLU B 199 15.12 15.18 -14.11
C GLU B 199 16.21 16.01 -14.81
N PRO B 200 16.88 16.88 -14.04
CA PRO B 200 17.88 17.78 -14.62
C PRO B 200 19.02 17.04 -15.34
N GLU B 201 19.26 15.79 -14.96
CA GLU B 201 20.29 14.98 -15.63
C GLU B 201 19.85 14.57 -17.04
N VAL B 202 18.55 14.40 -17.23
CA VAL B 202 18.00 14.17 -18.57
C VAL B 202 18.23 15.40 -19.45
N VAL B 203 18.03 16.58 -18.88
CA VAL B 203 18.28 17.82 -19.60
C VAL B 203 19.76 17.94 -19.94
N ASP B 204 20.60 17.57 -18.98
CA ASP B 204 22.06 17.69 -19.15
C ASP B 204 22.55 16.75 -20.25
N LEU B 205 22.00 15.54 -20.27
CA LEU B 205 22.33 14.58 -21.33
C LEU B 205 21.91 15.15 -22.70
N ALA B 206 20.71 15.72 -22.78
CA ALA B 206 20.25 16.30 -24.04
C ALA B 206 21.16 17.42 -24.50
N ASN B 207 21.59 18.25 -23.56
CA ASN B 207 22.44 19.39 -23.87
C ASN B 207 23.81 18.91 -24.34
N CYS B 208 24.30 17.81 -23.76
CA CYS B 208 25.56 17.22 -24.19
C CYS B 208 25.39 16.61 -25.58
N LEU B 209 24.32 15.84 -25.78
CA LEU B 209 24.07 15.26 -27.10
C LEU B 209 24.02 16.34 -28.17
N ASN B 210 23.34 17.43 -27.86
CA ASN B 210 23.24 18.54 -28.82
C ASN B 210 24.61 19.19 -29.05
N ALA B 211 25.42 19.31 -28.00
CA ALA B 211 26.78 19.82 -28.15
C ALA B 211 27.57 18.92 -29.10
N MET B 212 27.26 17.63 -29.08
CA MET B 212 27.94 16.62 -29.92
C MET B 212 27.36 16.59 -31.34
N GLY B 213 26.31 17.39 -31.57
CA GLY B 213 25.72 17.53 -32.89
C GLY B 213 24.34 16.89 -33.08
N ALA B 214 23.70 16.50 -31.98
CA ALA B 214 22.40 15.84 -32.08
C ALA B 214 21.30 16.87 -32.27
N ASN B 215 20.06 16.39 -32.35
CA ASN B 215 18.90 17.28 -32.43
C ASN B 215 17.85 16.77 -31.45
N VAL B 216 18.06 17.10 -30.18
CA VAL B 216 17.16 16.70 -29.09
C VAL B 216 16.43 17.92 -28.53
N GLN B 217 15.11 17.95 -28.65
CA GLN B 217 14.32 19.10 -28.22
CA GLN B 217 14.33 19.11 -28.21
C GLN B 217 13.30 18.69 -27.18
N GLY B 218 12.99 19.59 -26.25
CA GLY B 218 11.95 19.32 -25.25
C GLY B 218 12.39 18.65 -23.96
N ALA B 219 13.67 18.36 -23.81
CA ALA B 219 14.13 17.76 -22.57
C ALA B 219 13.86 18.74 -21.44
N GLY B 220 13.36 18.22 -20.32
CA GLY B 220 12.86 19.04 -19.24
C GLY B 220 11.35 19.10 -19.22
N SER B 221 10.72 18.72 -20.34
CA SER B 221 9.27 18.68 -20.46
C SER B 221 8.80 17.24 -20.58
N ASP B 222 7.48 17.05 -20.64
CA ASP B 222 6.92 15.69 -20.73
C ASP B 222 7.19 15.02 -22.07
N THR B 223 7.61 15.81 -23.06
CA THR B 223 7.73 15.27 -24.42
C THR B 223 9.06 15.65 -25.04
N ILE B 224 9.82 14.65 -25.45
CA ILE B 224 11.13 14.88 -26.06
C ILE B 224 11.07 14.44 -27.52
N VAL B 225 11.44 15.34 -28.42
CA VAL B 225 11.46 15.06 -29.84
C VAL B 225 12.90 14.98 -30.31
N ILE B 226 13.26 13.85 -30.91
CA ILE B 226 14.61 13.68 -31.44
C ILE B 226 14.57 13.47 -32.93
N GLU B 227 15.35 14.25 -33.66
CA GLU B 227 15.57 13.97 -35.06
C GLU B 227 16.94 13.34 -35.19
N GLY B 228 16.98 12.08 -35.62
CA GLY B 228 18.25 11.38 -35.74
C GLY B 228 19.20 12.06 -36.69
N VAL B 229 20.49 12.01 -36.35
CA VAL B 229 21.52 12.56 -37.23
C VAL B 229 22.48 11.46 -37.66
N LYS B 230 23.37 11.79 -38.59
CA LYS B 230 24.28 10.80 -39.17
C LYS B 230 25.45 10.47 -38.26
N ARG B 231 25.98 11.48 -37.59
CA ARG B 231 27.20 11.35 -36.81
C ARG B 231 27.20 12.30 -35.63
N LEU B 232 27.89 11.89 -34.57
CA LEU B 232 28.00 12.73 -33.40
C LEU B 232 29.47 12.97 -33.15
N GLY B 233 29.78 14.22 -32.86
CA GLY B 233 31.15 14.68 -32.95
C GLY B 233 31.84 14.78 -31.61
N GLY B 234 32.88 15.61 -31.53
N GLY B 234 32.95 15.50 -31.64
CA GLY B 234 33.74 15.66 -30.35
CA GLY B 234 33.65 15.85 -30.44
C GLY B 234 33.73 16.90 -29.46
C GLY B 234 32.90 16.98 -29.80
N ALA B 235 32.81 16.90 -28.50
CA ALA B 235 32.54 18.05 -27.67
C ALA B 235 33.36 17.88 -26.41
N ARG B 236 33.46 18.96 -25.65
CA ARG B 236 34.07 18.91 -24.34
C ARG B 236 33.00 19.43 -23.40
N TYR B 237 32.46 18.55 -22.56
CA TYR B 237 31.25 18.87 -21.82
C TYR B 237 31.44 18.85 -20.31
N ASP B 238 31.09 19.97 -19.66
CA ASP B 238 31.09 20.05 -18.19
CA ASP B 238 31.10 20.02 -18.21
C ASP B 238 29.75 19.62 -17.65
N VAL B 239 29.70 18.52 -16.87
CA VAL B 239 28.42 18.07 -16.34
C VAL B 239 27.89 19.04 -15.25
N LEU B 240 26.57 19.09 -15.10
CA LEU B 240 25.94 20.05 -14.18
C LEU B 240 26.24 19.63 -12.74
N PRO B 241 25.98 20.53 -11.77
CA PRO B 241 26.25 20.19 -10.38
C PRO B 241 25.31 19.10 -9.85
N ASP B 242 25.78 18.37 -8.85
CA ASP B 242 24.99 17.31 -8.23
C ASP B 242 23.98 17.86 -7.22
N ARG B 243 22.70 17.77 -7.57
CA ARG B 243 21.62 18.27 -6.69
C ARG B 243 21.42 17.44 -5.43
N ILE B 244 21.78 16.15 -5.45
CA ILE B 244 21.63 15.28 -4.29
C ILE B 244 22.74 15.59 -3.29
N GLU B 245 23.96 15.73 -3.80
CA GLU B 245 25.07 16.13 -2.95
C GLU B 245 24.74 17.50 -2.32
N THR B 246 24.23 18.42 -3.11
CA THR B 246 23.85 19.75 -2.63
C THR B 246 22.85 19.62 -1.49
N GLY B 247 21.74 18.93 -1.74
CA GLY B 247 20.74 18.74 -0.71
C GLY B 247 21.29 18.10 0.54
N THR B 248 22.18 17.13 0.37
CA THR B 248 22.72 16.37 1.49
C THR B 248 23.53 17.25 2.45
N TYR B 249 24.40 18.10 1.91
CA TYR B 249 25.18 19.00 2.79
C TYR B 249 24.29 20.08 3.41
N LEU B 250 23.27 20.53 2.69
CA LEU B 250 22.32 21.47 3.28
C LEU B 250 21.60 20.85 4.48
N VAL B 251 21.13 19.61 4.32
CA VAL B 251 20.47 18.92 5.42
C VAL B 251 21.44 18.68 6.59
N ALA B 252 22.68 18.32 6.29
CA ALA B 252 23.65 18.11 7.37
C ALA B 252 23.83 19.37 8.20
N ALA B 253 23.94 20.52 7.52
CA ALA B 253 24.06 21.77 8.24
C ALA B 253 22.81 22.06 9.05
N ALA B 254 21.64 21.90 8.43
CA ALA B 254 20.38 22.17 9.11
C ALA B 254 20.19 21.26 10.34
N ALA B 255 20.45 19.96 10.17
CA ALA B 255 20.23 19.01 11.26
C ALA B 255 21.10 19.33 12.47
N THR B 256 22.32 19.82 12.22
CA THR B 256 23.23 20.16 13.31
C THR B 256 22.98 21.55 13.88
N GLY B 257 22.02 22.28 13.32
CA GLY B 257 21.72 23.62 13.78
C GLY B 257 22.77 24.64 13.40
N GLY B 258 23.56 24.30 12.38
CA GLY B 258 24.68 25.13 11.96
C GLY B 258 24.41 25.87 10.66
N ARG B 259 25.41 25.92 9.79
CA ARG B 259 25.26 26.67 8.54
C ARG B 259 26.28 26.22 7.51
N VAL B 260 26.03 26.56 6.24
CA VAL B 260 26.93 26.17 5.18
C VAL B 260 26.75 27.09 3.96
N LYS B 261 27.85 27.36 3.26
CA LYS B 261 27.76 27.96 1.94
C LYS B 261 28.26 26.94 0.92
N LEU B 262 27.42 26.64 -0.07
CA LEU B 262 27.80 25.71 -1.12
C LEU B 262 28.09 26.44 -2.41
N LYS B 263 29.28 26.20 -2.96
CA LYS B 263 29.67 26.82 -4.21
C LYS B 263 29.61 25.85 -5.39
N ASP B 264 29.57 26.42 -6.59
CA ASP B 264 29.48 25.67 -7.85
C ASP B 264 28.28 24.75 -7.86
N THR B 265 27.14 25.25 -7.38
CA THR B 265 25.92 24.48 -7.46
C THR B 265 24.86 25.29 -8.21
N ASP B 266 23.58 24.94 -8.06
CA ASP B 266 22.51 25.60 -8.82
C ASP B 266 21.20 25.39 -8.05
N PRO B 267 20.66 26.46 -7.42
CA PRO B 267 19.43 26.32 -6.63
C PRO B 267 18.24 25.84 -7.44
N THR B 268 18.23 26.12 -8.74
CA THR B 268 17.06 25.85 -9.56
C THR B 268 16.84 24.35 -9.81
N ILE B 269 17.80 23.51 -9.42
CA ILE B 269 17.61 22.06 -9.62
C ILE B 269 17.25 21.34 -8.32
N LEU B 270 16.90 22.07 -7.28
CA LEU B 270 16.42 21.41 -6.05
C LEU B 270 15.42 22.30 -5.29
N GLU B 271 14.49 22.92 -6.01
CA GLU B 271 13.53 23.81 -5.36
C GLU B 271 12.68 23.12 -4.30
N ALA B 272 12.26 21.88 -4.57
CA ALA B 272 11.50 21.09 -3.61
C ALA B 272 12.23 21.01 -2.28
N VAL B 273 13.53 20.72 -2.35
CA VAL B 273 14.36 20.56 -1.17
C VAL B 273 14.56 21.88 -0.44
N LEU B 274 14.80 22.95 -1.18
CA LEU B 274 14.98 24.27 -0.54
C LEU B 274 13.72 24.72 0.18
N GLN B 275 12.57 24.50 -0.44
CA GLN B 275 11.31 24.84 0.21
C GLN B 275 11.09 24.03 1.49
N LYS B 276 11.41 22.73 1.46
CA LYS B 276 11.26 21.92 2.66
C LYS B 276 12.21 22.37 3.75
N LEU B 277 13.42 22.78 3.39
CA LEU B 277 14.36 23.28 4.38
C LEU B 277 13.86 24.58 5.00
N GLU B 278 13.23 25.45 4.19
CA GLU B 278 12.66 26.67 4.74
CA GLU B 278 12.63 26.67 4.73
C GLU B 278 11.51 26.34 5.70
N GLU B 279 10.72 25.32 5.36
CA GLU B 279 9.66 24.88 6.25
C GLU B 279 10.23 24.43 7.58
N ALA B 280 11.44 23.84 7.53
CA ALA B 280 12.08 23.34 8.75
C ALA B 280 12.70 24.47 9.57
N GLY B 281 12.63 25.70 9.05
CA GLY B 281 13.13 26.85 9.76
C GLY B 281 14.47 27.40 9.26
N ALA B 282 15.04 26.80 8.23
CA ALA B 282 16.32 27.28 7.70
C ALA B 282 16.20 28.64 7.02
N HIS B 283 17.22 29.49 7.22
CA HIS B 283 17.32 30.74 6.47
C HIS B 283 18.20 30.45 5.24
N ILE B 284 17.64 30.68 4.06
CA ILE B 284 18.32 30.34 2.81
C ILE B 284 18.45 31.55 1.88
N SER B 285 19.66 31.77 1.40
CA SER B 285 19.89 32.77 0.36
C SER B 285 20.58 32.06 -0.79
N THR B 286 20.38 32.57 -2.01
CA THR B 286 20.95 31.93 -3.18
C THR B 286 21.48 32.96 -4.16
N GLY B 287 22.41 32.49 -4.99
CA GLY B 287 22.84 33.21 -6.18
C GLY B 287 22.81 32.24 -7.33
N SER B 288 23.32 32.67 -8.48
CA SER B 288 23.25 31.85 -9.69
C SER B 288 23.90 30.49 -9.49
N ASN B 289 25.00 30.46 -8.74
CA ASN B 289 25.74 29.21 -8.57
C ASN B 289 26.15 28.92 -7.13
N TRP B 290 25.42 29.49 -6.18
CA TRP B 290 25.70 29.17 -4.76
C TRP B 290 24.44 29.17 -3.92
N ILE B 291 24.52 28.50 -2.77
CA ILE B 291 23.44 28.47 -1.80
C ILE B 291 24.05 28.63 -0.43
N GLU B 292 23.47 29.53 0.38
CA GLU B 292 23.86 29.61 1.78
C GLU B 292 22.68 29.27 2.69
N LEU B 293 22.91 28.40 3.65
CA LEU B 293 21.89 28.04 4.62
C LEU B 293 22.40 28.33 6.02
N ASP B 294 21.55 28.92 6.86
CA ASP B 294 21.92 29.24 8.25
C ASP B 294 20.73 28.96 9.16
N MET B 295 20.91 28.14 10.18
CA MET B 295 19.81 27.86 11.12
C MET B 295 19.69 28.95 12.20
N LYS B 296 20.70 29.82 12.26
CA LYS B 296 20.75 30.90 13.24
C LYS B 296 20.36 30.42 14.64
N GLY B 297 20.97 29.32 15.05
CA GLY B 297 20.82 28.84 16.42
C GLY B 297 19.51 28.17 16.76
N ASN B 298 18.77 27.73 15.75
CA ASN B 298 17.52 27.01 16.00
C ASN B 298 17.60 25.54 15.62
N ARG B 299 16.83 24.73 16.33
CA ARG B 299 16.62 23.32 16.01
C ARG B 299 15.64 23.24 14.85
N PRO B 300 15.86 22.30 13.92
CA PRO B 300 14.92 22.18 12.79
C PRO B 300 13.53 21.81 13.25
N LYS B 301 12.51 22.31 12.54
CA LYS B 301 11.13 21.93 12.80
C LYS B 301 10.80 20.76 11.90
N ALA B 302 10.04 19.80 12.41
CA ALA B 302 9.69 18.61 11.65
C ALA B 302 8.90 18.95 10.41
N VAL B 303 9.20 18.29 9.29
CA VAL B 303 8.48 18.52 8.05
C VAL B 303 7.93 17.22 7.49
N ASN B 304 6.86 17.32 6.72
CA ASN B 304 6.39 16.17 5.94
C ASN B 304 7.03 16.19 4.57
N VAL B 305 7.32 15.02 4.03
CA VAL B 305 7.95 14.88 2.74
C VAL B 305 7.19 13.82 1.92
N ARG B 306 7.07 14.02 0.61
CA ARG B 306 6.50 13.00 -0.28
C ARG B 306 7.38 12.88 -1.51
N THR B 307 8.03 11.73 -1.70
CA THR B 307 8.89 11.54 -2.88
C THR B 307 8.06 11.31 -4.16
N ALA B 308 8.59 11.81 -5.28
CA ALA B 308 7.98 11.61 -6.59
C ALA B 308 9.00 12.02 -7.65
N PRO B 309 8.71 11.76 -8.93
CA PRO B 309 9.71 12.19 -9.92
C PRO B 309 9.88 13.72 -9.96
N TYR B 310 11.06 14.15 -10.37
CA TYR B 310 11.38 15.57 -10.53
C TYR B 310 10.29 16.29 -11.34
N PRO B 311 9.91 17.51 -10.93
CA PRO B 311 10.56 18.35 -9.92
C PRO B 311 10.09 18.14 -8.49
N ALA B 312 9.38 17.06 -8.21
CA ALA B 312 8.97 16.79 -6.84
C ALA B 312 10.17 16.42 -5.97
N PHE B 313 9.91 16.19 -4.69
CA PHE B 313 10.95 15.84 -3.74
C PHE B 313 11.61 14.50 -4.12
N PRO B 314 12.95 14.46 -4.21
CA PRO B 314 13.63 13.25 -4.70
C PRO B 314 13.67 12.09 -3.72
N THR B 315 13.46 10.87 -4.21
CA THR B 315 13.65 9.71 -3.35
C THR B 315 15.10 9.68 -2.82
N ASP B 316 16.05 10.19 -3.58
CA ASP B 316 17.45 10.18 -3.15
C ASP B 316 17.74 11.19 -2.03
N MET B 317 16.76 11.99 -1.63
CA MET B 317 16.92 12.91 -0.50
C MET B 317 16.10 12.49 0.71
N GLN B 318 15.31 11.44 0.54
CA GLN B 318 14.33 11.03 1.54
C GLN B 318 14.98 10.63 2.87
N ALA B 319 16.00 9.80 2.81
CA ALA B 319 16.65 9.28 4.03
C ALA B 319 17.26 10.44 4.82
N GLN B 320 17.88 11.37 4.09
CA GLN B 320 18.51 12.52 4.71
C GLN B 320 17.50 13.35 5.49
N PHE B 321 16.29 13.50 4.96
CA PHE B 321 15.27 14.23 5.70
C PHE B 321 14.73 13.45 6.89
N ILE B 322 14.77 12.12 6.84
CA ILE B 322 14.45 11.35 8.04
C ILE B 322 15.48 11.65 9.12
N SER B 323 16.77 11.68 8.78
CA SER B 323 17.78 11.94 9.82
C SER B 323 17.63 13.35 10.38
N MET B 324 17.27 14.34 9.57
CA MET B 324 16.97 15.66 10.13
C MET B 324 15.71 15.62 11.03
N ASN B 325 14.64 15.02 10.51
CA ASN B 325 13.41 14.93 11.31
C ASN B 325 13.65 14.20 12.62
N ALA B 326 14.60 13.27 12.64
CA ALA B 326 14.86 12.47 13.82
C ALA B 326 15.36 13.35 14.99
N VAL B 327 15.90 14.53 14.70
CA VAL B 327 16.30 15.43 15.78
C VAL B 327 15.57 16.77 15.67
N ALA B 328 14.44 16.78 14.99
CA ALA B 328 13.66 18.01 14.84
C ALA B 328 12.64 18.21 15.96
N GLU B 329 12.03 19.38 15.99
CA GLU B 329 10.93 19.64 16.90
C GLU B 329 9.61 19.21 16.25
N GLY B 330 8.99 18.17 16.80
CA GLY B 330 7.67 17.72 16.34
C GLY B 330 7.70 16.40 15.59
N THR B 331 6.60 16.11 14.89
CA THR B 331 6.44 14.85 14.17
C THR B 331 6.32 15.10 12.67
N GLY B 332 7.06 14.31 11.89
CA GLY B 332 7.05 14.48 10.44
C GLY B 332 6.79 13.16 9.75
N ALA B 333 5.91 13.18 8.75
CA ALA B 333 5.60 11.98 7.96
C ALA B 333 6.42 12.01 6.69
N VAL B 334 7.16 10.93 6.43
CA VAL B 334 8.01 10.83 5.26
C VAL B 334 7.46 9.71 4.40
N ILE B 335 6.99 10.05 3.21
CA ILE B 335 6.23 9.11 2.39
C ILE B 335 6.93 8.86 1.06
N GLU B 336 7.11 7.57 0.72
CA GLU B 336 7.72 7.19 -0.56
C GLU B 336 6.64 6.87 -1.59
N THR B 337 6.73 7.46 -2.78
CA THR B 337 5.93 6.95 -3.89
C THR B 337 6.78 6.37 -5.00
N VAL B 338 8.10 6.47 -4.87
CA VAL B 338 8.98 5.96 -5.92
C VAL B 338 9.49 4.58 -5.54
N PHE B 339 10.19 4.49 -4.42
CA PHE B 339 10.64 3.21 -3.89
C PHE B 339 9.99 3.01 -2.52
N GLU B 340 8.86 2.32 -2.50
CA GLU B 340 8.02 2.19 -1.31
C GLU B 340 8.65 1.49 -0.11
N ASN B 341 9.73 0.75 -0.33
CA ASN B 341 10.38 -0.02 0.72
C ASN B 341 11.75 0.54 1.08
N ARG B 342 12.07 1.74 0.59
CA ARG B 342 13.43 2.26 0.78
C ARG B 342 13.59 2.88 2.15
N PHE B 343 13.66 2.04 3.19
CA PHE B 343 13.71 2.55 4.56
C PHE B 343 14.73 1.85 5.43
N MET B 344 15.69 1.15 4.83
CA MET B 344 16.69 0.42 5.62
C MET B 344 17.40 1.34 6.60
N HIS B 345 17.65 2.58 6.19
CA HIS B 345 18.31 3.57 7.07
C HIS B 345 17.54 3.78 8.38
N VAL B 346 16.21 3.63 8.32
CA VAL B 346 15.38 3.82 9.51
C VAL B 346 15.83 2.89 10.63
N TYR B 347 16.05 1.63 10.27
CA TYR B 347 16.36 0.60 11.25
C TYR B 347 17.77 0.76 11.81
N GLU B 348 18.70 1.35 11.04
CA GLU B 348 19.98 1.70 11.62
C GLU B 348 19.85 2.87 12.58
N MET B 349 19.05 3.87 12.23
CA MET B 349 18.85 5.00 13.12
C MET B 349 18.10 4.60 14.39
N ASN B 350 17.31 3.52 14.35
CA ASN B 350 16.67 3.03 15.57
C ASN B 350 17.71 2.55 16.59
N ARG B 351 18.83 2.01 16.09
CA ARG B 351 19.94 1.61 16.96
C ARG B 351 20.55 2.84 17.65
N MET B 352 20.34 4.01 17.04
CA MET B 352 20.86 5.26 17.54
C MET B 352 19.81 6.02 18.34
N GLY B 353 18.71 5.35 18.69
CA GLY B 353 17.71 5.94 19.55
C GLY B 353 16.70 6.83 18.84
N ALA B 354 16.66 6.78 17.51
CA ALA B 354 15.62 7.50 16.78
C ALA B 354 14.25 6.91 17.09
N GLN B 355 13.22 7.74 16.95
CA GLN B 355 11.83 7.34 17.19
C GLN B 355 11.05 7.37 15.90
N ILE B 356 10.97 6.21 15.24
CA ILE B 356 10.40 6.17 13.89
C ILE B 356 9.50 4.97 13.77
N LEU B 357 8.27 5.22 13.32
CA LEU B 357 7.32 4.15 13.06
C LEU B 357 7.17 3.99 11.56
N VAL B 358 7.40 2.78 11.05
CA VAL B 358 7.23 2.54 9.62
C VAL B 358 6.00 1.67 9.34
N GLU B 359 5.13 2.15 8.45
CA GLU B 359 4.01 1.35 7.97
C GLU B 359 3.95 1.42 6.46
N GLY B 360 4.37 0.36 5.79
CA GLY B 360 4.43 0.37 4.35
C GLY B 360 5.31 1.51 3.87
N ASN B 361 4.75 2.38 3.01
CA ASN B 361 5.53 3.48 2.40
C ASN B 361 5.63 4.73 3.26
N THR B 362 5.22 4.63 4.51
CA THR B 362 5.15 5.81 5.39
C THR B 362 6.04 5.65 6.61
N ALA B 363 6.96 6.59 6.80
CA ALA B 363 7.76 6.65 8.02
C ALA B 363 7.30 7.86 8.83
N ILE B 364 6.86 7.60 10.06
CA ILE B 364 6.42 8.67 10.94
C ILE B 364 7.54 8.92 11.94
N VAL B 365 8.11 10.12 11.88
CA VAL B 365 9.28 10.42 12.69
C VAL B 365 8.93 11.36 13.81
N THR B 366 9.25 10.98 15.04
CA THR B 366 9.07 11.87 16.18
C THR B 366 10.45 12.34 16.61
N GLY B 367 10.72 13.63 16.48
CA GLY B 367 12.02 14.17 16.82
C GLY B 367 12.35 14.11 18.30
N VAL B 368 13.63 13.82 18.59
CA VAL B 368 14.21 13.89 19.93
C VAL B 368 15.37 14.88 19.87
N PRO B 369 15.82 15.40 21.02
CA PRO B 369 16.85 16.44 20.95
C PRO B 369 18.19 15.99 20.36
N LYS B 370 18.56 14.73 20.62
CA LYS B 370 19.84 14.22 20.20
C LYS B 370 19.73 12.71 20.04
N LEU B 371 20.44 12.15 19.07
CA LEU B 371 20.50 10.70 18.95
C LEU B 371 21.60 10.16 19.88
N LYS B 372 21.79 8.85 19.87
CA LYS B 372 22.79 8.19 20.70
C LYS B 372 23.75 7.39 19.81
N GLY B 373 25.04 7.68 19.89
CA GLY B 373 26.00 7.02 19.01
C GLY B 373 26.03 5.51 19.13
N ALA B 374 26.16 4.84 18.00
CA ALA B 374 26.21 3.39 17.93
C ALA B 374 26.80 2.97 16.60
N PRO B 375 27.37 1.74 16.54
CA PRO B 375 27.84 1.27 15.23
C PRO B 375 26.66 0.96 14.32
N VAL B 376 26.76 1.36 13.06
CA VAL B 376 25.68 1.15 12.09
C VAL B 376 26.25 0.77 10.74
N MET B 377 25.37 0.31 9.85
CA MET B 377 25.81 -0.28 8.60
C MET B 377 25.20 0.41 7.38
N ALA B 378 26.04 0.90 6.46
CA ALA B 378 25.54 1.47 5.21
C ALA B 378 25.09 0.36 4.26
N THR B 379 24.08 0.65 3.43
CA THR B 379 23.60 -0.32 2.43
C THR B 379 23.21 0.29 1.09
N ASP B 380 23.11 1.62 1.03
CA ASP B 380 22.45 2.32 -0.09
C ASP B 380 23.33 3.52 -0.49
N LEU B 381 23.84 3.51 -1.72
CA LEU B 381 24.83 4.52 -2.12
C LEU B 381 24.38 5.97 -2.01
N ARG B 382 23.07 6.23 -2.01
CA ARG B 382 22.64 7.60 -1.75
C ARG B 382 21.98 7.73 -0.37
N ALA B 383 21.08 6.83 -0.02
CA ALA B 383 20.33 7.01 1.23
C ALA B 383 21.20 6.85 2.47
N SER B 384 22.28 6.09 2.39
CA SER B 384 23.06 5.85 3.62
C SER B 384 23.84 7.09 4.06
N ALA B 385 23.82 8.16 3.26
CA ALA B 385 24.36 9.44 3.73
C ALA B 385 23.60 9.89 4.98
N SER B 386 22.35 9.44 5.10
CA SER B 386 21.55 9.74 6.28
C SER B 386 22.20 9.22 7.57
N LEU B 387 22.98 8.16 7.47
CA LEU B 387 23.64 7.62 8.66
C LEU B 387 24.81 8.53 9.07
N VAL B 388 25.44 9.17 8.10
CA VAL B 388 26.48 10.15 8.41
C VAL B 388 25.84 11.34 9.11
N ILE B 389 24.72 11.82 8.57
CA ILE B 389 24.02 12.95 9.20
C ILE B 389 23.57 12.55 10.61
N ALA B 390 23.05 11.34 10.77
CA ALA B 390 22.64 10.88 12.09
C ALA B 390 23.79 10.91 13.08
N GLY B 391 24.96 10.46 12.64
CA GLY B 391 26.14 10.50 13.49
C GLY B 391 26.50 11.91 13.94
N LEU B 392 26.31 12.88 13.03
CA LEU B 392 26.60 14.28 13.32
C LEU B 392 25.71 14.85 14.41
N VAL B 393 24.54 14.22 14.61
CA VAL B 393 23.60 14.70 15.62
C VAL B 393 23.37 13.68 16.73
N ALA B 394 24.35 12.80 16.94
CA ALA B 394 24.27 11.80 18.00
C ALA B 394 25.24 12.12 19.14
N GLU B 395 24.85 11.76 20.34
CA GLU B 395 25.72 11.86 21.49
C GLU B 395 26.81 10.79 21.41
N GLY B 396 28.06 11.22 21.42
CA GLY B 396 29.17 10.28 21.38
C GLY B 396 29.54 9.85 19.97
N ASP B 397 30.07 8.64 19.84
CA ASP B 397 30.66 8.17 18.59
C ASP B 397 29.77 7.21 17.81
N THR B 398 29.70 7.41 16.50
CA THR B 398 28.99 6.53 15.59
C THR B 398 30.00 5.96 14.59
N LEU B 399 30.09 4.64 14.53
CA LEU B 399 30.98 3.96 13.61
C LEU B 399 30.19 3.33 12.47
N ILE B 400 30.38 3.82 11.25
CA ILE B 400 29.63 3.34 10.10
C ILE B 400 30.50 2.40 9.28
N ASP B 401 30.02 1.17 9.05
CA ASP B 401 30.69 0.16 8.23
CA ASP B 401 30.79 0.27 8.18
C ASP B 401 30.07 0.10 6.83
N ARG B 402 30.72 -0.63 5.92
CA ARG B 402 30.25 -0.75 4.52
C ARG B 402 30.16 0.61 3.83
N ILE B 403 31.15 1.45 4.13
CA ILE B 403 31.31 2.77 3.55
C ILE B 403 31.43 2.72 2.03
N TYR B 404 31.83 1.58 1.48
CA TYR B 404 31.97 1.47 0.03
C TYR B 404 30.67 1.85 -0.69
N HIS B 405 29.51 1.65 -0.05
CA HIS B 405 28.26 2.13 -0.64
C HIS B 405 28.31 3.64 -0.78
N ILE B 406 28.65 4.31 0.31
CA ILE B 406 28.66 5.76 0.32
C ILE B 406 29.68 6.31 -0.69
N ASP B 407 30.81 5.61 -0.84
CA ASP B 407 31.86 6.06 -1.75
C ASP B 407 31.46 5.91 -3.21
N ARG B 408 30.42 5.11 -3.47
CA ARG B 408 29.85 5.07 -4.83
C ARG B 408 29.10 6.35 -5.13
N GLY B 409 28.48 6.92 -4.11
CA GLY B 409 27.50 7.98 -4.30
C GLY B 409 27.92 9.39 -3.97
N TYR B 410 29.04 9.55 -3.25
CA TYR B 410 29.48 10.86 -2.78
C TYR B 410 30.99 10.95 -2.90
N GLU B 411 31.48 12.07 -3.41
CA GLU B 411 32.92 12.32 -3.46
C GLU B 411 33.47 12.65 -2.07
N CYS B 412 34.38 11.80 -1.59
CA CYS B 412 35.10 11.99 -0.32
CA CYS B 412 35.10 11.98 -0.31
C CYS B 412 34.28 12.71 0.77
N ILE B 413 33.23 12.06 1.24
CA ILE B 413 32.26 12.75 2.08
C ILE B 413 32.88 13.26 3.38
N GLU B 414 33.84 12.53 3.95
CA GLU B 414 34.40 12.97 5.21
C GLU B 414 35.34 14.16 4.99
N GLU B 415 35.94 14.27 3.81
CA GLU B 415 36.85 15.40 3.57
C GLU B 415 36.07 16.69 3.46
N LYS B 416 34.92 16.62 2.79
CA LYS B 416 34.08 17.81 2.67
C LYS B 416 33.48 18.16 4.04
N LEU B 417 33.05 17.16 4.83
CA LEU B 417 32.49 17.46 6.13
C LEU B 417 33.53 18.03 7.10
N GLN B 418 34.78 17.59 6.96
CA GLN B 418 35.86 18.15 7.79
C GLN B 418 36.00 19.65 7.57
N LEU B 419 35.80 20.09 6.33
CA LEU B 419 35.88 21.51 6.01
C LEU B 419 34.76 22.31 6.67
N LEU B 420 33.70 21.62 7.11
CA LEU B 420 32.56 22.27 7.78
C LEU B 420 32.63 22.12 9.30
N GLY B 421 33.74 21.56 9.79
CA GLY B 421 33.96 21.47 11.22
C GLY B 421 33.43 20.19 11.85
N ALA B 422 33.02 19.23 11.04
CA ALA B 422 32.57 17.95 11.57
C ALA B 422 33.74 17.19 12.15
N LYS B 423 33.49 16.46 13.23
CA LYS B 423 34.49 15.53 13.74
C LYS B 423 34.24 14.17 13.11
N ILE B 424 34.96 13.89 12.03
CA ILE B 424 34.73 12.67 11.27
C ILE B 424 36.07 12.21 10.70
N ARG B 425 36.28 10.90 10.69
CA ARG B 425 37.55 10.34 10.24
CA ARG B 425 37.55 10.33 10.26
C ARG B 425 37.32 9.04 9.48
N ARG B 426 38.09 8.83 8.41
CA ARG B 426 38.04 7.55 7.70
C ARG B 426 39.01 6.56 8.35
N VAL B 427 38.50 5.40 8.74
CA VAL B 427 39.31 4.31 9.27
C VAL B 427 39.69 3.38 8.13
N PRO B 428 40.97 3.36 7.75
CA PRO B 428 41.37 2.63 6.54
C PRO B 428 41.15 1.13 6.65
N GLY B 429 40.58 0.54 5.61
CA GLY B 429 40.41 -0.90 5.56
C GLY B 429 41.71 -1.60 5.24
N HIS C 5 -35.07 15.71 -20.53
CA HIS C 5 -35.49 15.93 -19.15
C HIS C 5 -34.91 14.85 -18.25
N HIS C 6 -34.02 15.25 -17.34
CA HIS C 6 -33.44 14.30 -16.41
C HIS C 6 -34.08 14.43 -15.05
N HIS C 7 -34.23 13.32 -14.35
CA HIS C 7 -34.83 13.32 -13.03
C HIS C 7 -33.93 12.53 -12.08
N HIS C 8 -33.95 12.88 -10.81
CA HIS C 8 -33.06 12.27 -9.83
C HIS C 8 -33.20 10.74 -9.76
N MET C 9 -34.39 10.23 -10.00
CA MET C 9 -34.67 8.81 -9.84
C MET C 9 -34.61 8.03 -11.16
N ASP C 10 -34.08 8.64 -12.21
CA ASP C 10 -33.93 7.96 -13.51
C ASP C 10 -33.07 6.72 -13.41
N LYS C 11 -33.35 5.74 -14.26
CA LYS C 11 -32.47 4.58 -14.46
C LYS C 11 -32.14 4.44 -15.94
N LEU C 12 -31.09 3.66 -16.26
CA LEU C 12 -30.83 3.27 -17.64
C LEU C 12 -31.02 1.77 -17.80
N ILE C 13 -31.70 1.35 -18.87
CA ILE C 13 -31.74 -0.07 -19.16
CA ILE C 13 -31.78 -0.08 -19.20
C ILE C 13 -31.02 -0.32 -20.48
N ILE C 14 -30.02 -1.20 -20.42
CA ILE C 14 -29.16 -1.53 -21.54
C ILE C 14 -29.37 -2.96 -21.95
N THR C 15 -29.45 -3.21 -23.25
CA THR C 15 -29.40 -4.55 -23.80
C THR C 15 -28.08 -4.73 -24.53
N GLY C 16 -27.28 -5.69 -24.09
CA GLY C 16 -25.97 -5.87 -24.70
C GLY C 16 -25.98 -6.68 -25.98
N GLY C 17 -24.83 -6.73 -26.63
CA GLY C 17 -24.62 -7.64 -27.74
C GLY C 17 -24.45 -7.01 -29.10
N ASN C 18 -24.56 -5.69 -29.18
CA ASN C 18 -24.44 -5.00 -30.45
C ASN C 18 -23.10 -4.33 -30.64
N ARG C 19 -22.48 -4.53 -31.81
CA ARG C 19 -21.29 -3.77 -32.17
C ARG C 19 -21.67 -2.34 -32.48
N LEU C 20 -21.08 -1.40 -31.75
CA LEU C 20 -21.37 0.01 -31.97
C LEU C 20 -20.86 0.44 -33.33
N ASP C 21 -21.51 1.43 -33.93
CA ASP C 21 -21.12 1.89 -35.25
C ASP C 21 -21.81 3.22 -35.56
N GLY C 22 -21.04 4.29 -35.65
CA GLY C 22 -21.57 5.57 -36.05
C GLY C 22 -20.64 6.71 -35.71
N GLU C 23 -21.19 7.92 -35.67
CA GLU C 23 -20.36 9.04 -35.27
C GLU C 23 -21.14 10.03 -34.44
N ILE C 24 -20.46 10.63 -33.47
CA ILE C 24 -21.07 11.63 -32.61
C ILE C 24 -20.12 12.80 -32.47
N ARG C 25 -20.64 13.92 -31.98
CA ARG C 25 -19.81 15.08 -31.73
C ARG C 25 -19.50 15.17 -30.24
N ILE C 26 -18.24 15.44 -29.93
CA ILE C 26 -17.76 15.55 -28.56
C ILE C 26 -18.06 16.95 -28.01
N SER C 27 -18.45 17.03 -26.76
CA SER C 27 -18.80 18.28 -26.08
C SER C 27 -17.59 18.93 -25.43
N GLY C 28 -17.75 20.18 -25.00
CA GLY C 28 -16.69 20.85 -24.28
C GLY C 28 -16.37 20.19 -22.95
N ALA C 29 -15.15 20.38 -22.46
CA ALA C 29 -14.72 19.71 -21.23
C ALA C 29 -15.41 20.26 -20.01
N LYS C 30 -16.07 19.37 -19.28
CA LYS C 30 -16.72 19.72 -18.02
C LYS C 30 -15.71 20.36 -17.07
N ASN C 31 -14.50 19.79 -17.03
CA ASN C 31 -13.54 20.22 -16.02
C ASN C 31 -12.67 21.36 -16.52
N SER C 32 -12.99 21.88 -17.69
CA SER C 32 -12.53 23.23 -18.06
C SER C 32 -13.65 24.22 -17.77
N ALA C 33 -14.89 23.84 -18.10
CA ALA C 33 -16.04 24.70 -17.83
C ALA C 33 -16.11 25.13 -16.35
N LEU C 34 -15.86 24.20 -15.42
CA LEU C 34 -16.01 24.52 -14.01
C LEU C 34 -14.99 25.58 -13.52
N PRO C 35 -13.69 25.37 -13.78
CA PRO C 35 -12.81 26.45 -13.32
C PRO C 35 -12.98 27.75 -14.11
N ILE C 36 -13.31 27.68 -15.40
CA ILE C 36 -13.50 28.92 -16.18
C ILE C 36 -14.74 29.68 -15.69
N LEU C 37 -15.79 28.96 -15.30
CA LEU C 37 -16.95 29.65 -14.70
C LEU C 37 -16.53 30.33 -13.40
N ALA C 38 -15.73 29.65 -12.59
CA ALA C 38 -15.23 30.27 -11.36
C ALA C 38 -14.41 31.53 -11.69
N ALA C 39 -13.63 31.47 -12.76
CA ALA C 39 -12.77 32.59 -13.14
C ALA C 39 -13.56 33.85 -13.49
N THR C 40 -14.82 33.70 -13.92
CA THR C 40 -15.62 34.87 -14.25
C THR C 40 -15.84 35.80 -13.05
N LEU C 41 -15.64 35.28 -11.85
CA LEU C 41 -15.75 36.09 -10.64
C LEU C 41 -14.64 37.14 -10.59
N LEU C 42 -13.60 36.95 -11.41
CA LEU C 42 -12.46 37.87 -11.43
C LEU C 42 -12.74 39.14 -12.23
N ALA C 43 -13.70 39.07 -13.15
CA ALA C 43 -13.85 40.10 -14.18
C ALA C 43 -14.83 41.21 -13.78
N ASP C 44 -14.53 42.43 -14.20
CA ASP C 44 -15.46 43.52 -13.90
C ASP C 44 -16.35 43.84 -15.11
N THR C 45 -16.26 43.04 -16.18
CA THR C 45 -17.24 43.08 -17.26
C THR C 45 -17.59 41.65 -17.66
N PRO C 46 -18.80 41.43 -18.21
CA PRO C 46 -19.29 40.07 -18.45
C PRO C 46 -18.36 39.17 -19.27
N VAL C 47 -18.26 37.92 -18.84
CA VAL C 47 -17.55 36.88 -19.57
C VAL C 47 -18.58 35.90 -20.15
N THR C 48 -18.43 35.53 -21.42
CA THR C 48 -19.30 34.53 -22.01
C THR C 48 -18.55 33.21 -22.26
N VAL C 49 -19.02 32.13 -21.66
CA VAL C 49 -18.36 30.82 -21.77
C VAL C 49 -19.13 29.96 -22.76
N CYS C 50 -18.41 29.41 -23.74
CA CYS C 50 -19.04 28.75 -24.87
C CYS C 50 -18.56 27.30 -25.01
N ASN C 51 -19.24 26.56 -25.88
CA ASN C 51 -19.01 25.13 -26.08
C ASN C 51 -19.20 24.31 -24.81
N LEU C 52 -20.09 24.76 -23.94
CA LEU C 52 -20.37 24.02 -22.71
C LEU C 52 -21.10 22.70 -22.94
N PRO C 53 -20.76 21.67 -22.17
CA PRO C 53 -21.55 20.44 -22.19
C PRO C 53 -22.80 20.62 -21.36
N HIS C 54 -23.88 19.96 -21.76
CA HIS C 54 -25.12 20.07 -21.00
C HIS C 54 -25.17 18.92 -20.01
N LEU C 55 -24.67 19.19 -18.81
CA LEU C 55 -24.61 18.17 -17.77
C LEU C 55 -24.70 18.83 -16.40
N HIS C 56 -24.96 18.04 -15.37
CA HIS C 56 -25.51 18.64 -14.16
C HIS C 56 -24.49 19.42 -13.32
N ASP C 57 -23.20 19.12 -13.43
CA ASP C 57 -22.20 19.92 -12.70
C ASP C 57 -22.23 21.41 -13.10
N ILE C 58 -22.53 21.71 -14.36
CA ILE C 58 -22.63 23.11 -14.80
CA ILE C 58 -22.59 23.12 -14.75
C ILE C 58 -23.84 23.76 -14.12
N THR C 59 -24.94 23.03 -14.09
CA THR C 59 -26.16 23.50 -13.41
C THR C 59 -25.87 23.83 -11.94
N THR C 60 -25.11 22.98 -11.27
CA THR C 60 -24.76 23.22 -9.88
C THR C 60 -23.89 24.48 -9.72
N MET C 61 -22.91 24.66 -10.59
CA MET C 61 -22.07 25.85 -10.53
C MET C 61 -22.92 27.12 -10.75
N ILE C 62 -23.90 27.05 -11.65
CA ILE C 62 -24.77 28.19 -11.91
C ILE C 62 -25.63 28.49 -10.69
N GLU C 63 -26.13 27.43 -10.04
CA GLU C 63 -26.91 27.60 -8.82
CA GLU C 63 -26.90 27.58 -8.81
C GLU C 63 -26.06 28.20 -7.71
N LEU C 64 -24.79 27.81 -7.65
CA LEU C 64 -23.86 28.37 -6.67
C LEU C 64 -23.72 29.88 -6.86
N PHE C 65 -23.50 30.29 -8.11
CA PHE C 65 -23.41 31.72 -8.39
C PHE C 65 -24.70 32.43 -7.96
N GLY C 66 -25.84 31.78 -8.20
CA GLY C 66 -27.13 32.32 -7.77
C GLY C 66 -27.19 32.60 -6.29
N ARG C 67 -26.72 31.66 -5.48
CA ARG C 67 -26.70 31.82 -4.01
C ARG C 67 -25.78 32.95 -3.57
N MET C 68 -24.84 33.33 -4.44
CA MET C 68 -23.94 34.44 -4.14
C MET C 68 -24.50 35.76 -4.67
N GLY C 69 -25.59 35.70 -5.42
CA GLY C 69 -26.24 36.89 -5.90
C GLY C 69 -25.88 37.24 -7.34
N VAL C 70 -25.28 36.28 -8.04
CA VAL C 70 -24.91 36.45 -9.44
C VAL C 70 -25.81 35.55 -10.27
N GLN C 71 -26.50 36.12 -11.24
CA GLN C 71 -27.40 35.33 -12.08
C GLN C 71 -26.86 35.20 -13.50
N PRO C 72 -26.18 34.08 -13.77
CA PRO C 72 -25.71 33.81 -15.14
C PRO C 72 -26.89 33.78 -16.11
N ILE C 73 -26.66 34.20 -17.35
CA ILE C 73 -27.69 34.14 -18.37
C ILE C 73 -27.29 33.12 -19.41
N ILE C 74 -28.19 32.18 -19.70
CA ILE C 74 -27.94 31.20 -20.76
C ILE C 74 -28.57 31.72 -22.03
N ASP C 75 -27.76 32.00 -23.05
CA ASP C 75 -28.28 32.62 -24.25
C ASP C 75 -28.86 31.60 -25.24
N GLU C 76 -29.25 32.10 -26.40
CA GLU C 76 -29.89 31.30 -27.44
C GLU C 76 -28.99 30.15 -27.91
N LYS C 77 -27.69 30.37 -27.89
CA LYS C 77 -26.73 29.36 -28.36
C LYS C 77 -26.30 28.43 -27.24
N LEU C 78 -26.96 28.55 -26.09
CA LEU C 78 -26.69 27.75 -24.89
C LEU C 78 -25.31 28.06 -24.28
N ASN C 79 -24.76 29.21 -24.64
CA ASN C 79 -23.58 29.75 -23.98
C ASN C 79 -24.00 30.44 -22.69
N VAL C 80 -23.07 30.56 -21.74
CA VAL C 80 -23.39 31.19 -20.47
C VAL C 80 -22.64 32.51 -20.31
N GLU C 81 -23.40 33.58 -20.06
CA GLU C 81 -22.79 34.87 -19.76
C GLU C 81 -22.84 35.13 -18.26
N VAL C 82 -21.70 35.46 -17.67
CA VAL C 82 -21.65 35.75 -16.24
C VAL C 82 -21.19 37.18 -16.00
N ASP C 83 -22.01 37.94 -15.28
CA ASP C 83 -21.67 39.30 -14.87
C ASP C 83 -21.55 39.34 -13.36
N ALA C 84 -20.33 39.24 -12.84
CA ALA C 84 -20.14 39.09 -11.40
C ALA C 84 -20.23 40.42 -10.65
N SER C 85 -20.63 41.48 -11.34
CA SER C 85 -20.73 42.80 -10.72
C SER C 85 -21.81 42.86 -9.65
N SER C 86 -22.83 42.02 -9.79
CA SER C 86 -23.99 42.09 -8.91
C SER C 86 -23.80 41.28 -7.62
N ILE C 87 -22.62 40.67 -7.44
CA ILE C 87 -22.41 39.73 -6.33
C ILE C 87 -22.76 40.38 -4.99
N LYS C 88 -23.38 39.61 -4.11
CA LYS C 88 -23.94 40.18 -2.88
C LYS C 88 -23.43 39.47 -1.63
N THR C 89 -23.09 38.19 -1.77
CA THR C 89 -22.71 37.38 -0.63
C THR C 89 -21.49 36.55 -0.94
N LEU C 90 -20.40 36.79 -0.21
CA LEU C 90 -19.13 36.14 -0.49
C LEU C 90 -19.03 34.82 0.25
N VAL C 91 -20.02 33.96 0.03
CA VAL C 91 -20.13 32.69 0.73
C VAL C 91 -20.53 31.60 -0.25
N ALA C 92 -19.77 30.51 -0.26
CA ALA C 92 -20.19 29.29 -0.96
C ALA C 92 -20.75 28.35 0.09
N PRO C 93 -22.09 28.23 0.17
CA PRO C 93 -22.72 27.54 1.30
C PRO C 93 -22.53 26.03 1.30
N TYR C 94 -22.41 25.45 2.49
CA TYR C 94 -22.26 24.00 2.63
C TYR C 94 -23.37 23.25 1.90
N GLU C 95 -24.58 23.80 1.95
CA GLU C 95 -25.73 23.17 1.28
C GLU C 95 -25.43 22.85 -0.18
N LEU C 96 -24.67 23.72 -0.85
CA LEU C 96 -24.30 23.43 -2.23
C LEU C 96 -22.96 22.70 -2.35
N VAL C 97 -21.96 23.15 -1.59
CA VAL C 97 -20.63 22.57 -1.67
C VAL C 97 -20.66 21.06 -1.37
N LYS C 98 -21.52 20.64 -0.44
CA LYS C 98 -21.61 19.22 -0.07
C LYS C 98 -22.08 18.33 -1.21
N THR C 99 -22.63 18.94 -2.26
CA THR C 99 -23.09 18.18 -3.42
C THR C 99 -22.07 18.17 -4.56
N MET C 100 -21.07 19.03 -4.49
CA MET C 100 -20.08 19.13 -5.57
C MET C 100 -18.82 19.81 -5.07
N ARG C 101 -17.82 19.03 -4.67
CA ARG C 101 -16.65 19.60 -4.01
C ARG C 101 -15.84 20.51 -4.95
N ALA C 102 -16.01 20.36 -6.26
CA ALA C 102 -15.36 21.25 -7.22
C ALA C 102 -15.78 22.72 -7.01
N SER C 103 -16.85 22.92 -6.25
CA SER C 103 -17.28 24.25 -5.82
C SER C 103 -16.14 25.05 -5.17
N ILE C 104 -15.14 24.36 -4.63
CA ILE C 104 -14.02 25.02 -3.97
C ILE C 104 -13.26 25.94 -4.93
N LEU C 105 -13.49 25.76 -6.22
CA LEU C 105 -12.83 26.58 -7.24
C LEU C 105 -13.20 28.07 -7.16
N VAL C 106 -14.25 28.42 -6.41
CA VAL C 106 -14.59 29.84 -6.28
C VAL C 106 -13.74 30.51 -5.19
N LEU C 107 -13.06 29.71 -4.36
CA LEU C 107 -12.29 30.28 -3.25
C LEU C 107 -11.17 31.23 -3.72
N GLY C 108 -10.32 30.74 -4.61
CA GLY C 108 -9.22 31.55 -5.13
C GLY C 108 -9.65 32.86 -5.77
N PRO C 109 -10.58 32.82 -6.74
CA PRO C 109 -10.98 34.09 -7.36
C PRO C 109 -11.77 35.02 -6.44
N MET C 110 -12.65 34.49 -5.59
CA MET C 110 -13.39 35.33 -4.65
CA MET C 110 -13.39 35.34 -4.66
C MET C 110 -12.42 36.07 -3.75
N LEU C 111 -11.47 35.35 -3.20
CA LEU C 111 -10.48 35.94 -2.30
C LEU C 111 -9.64 37.00 -3.00
N ALA C 112 -9.21 36.70 -4.23
CA ALA C 112 -8.34 37.63 -4.95
C ALA C 112 -9.07 38.91 -5.35
N ARG C 113 -10.31 38.78 -5.80
CA ARG C 113 -11.07 39.91 -6.30
C ARG C 113 -11.67 40.74 -5.17
N PHE C 114 -12.13 40.08 -4.12
CA PHE C 114 -12.90 40.77 -3.08
C PHE C 114 -12.23 40.84 -1.70
N GLY C 115 -11.08 40.19 -1.54
CA GLY C 115 -10.30 40.36 -0.34
C GLY C 115 -10.68 39.43 0.80
N GLU C 116 -11.75 38.65 0.59
CA GLU C 116 -12.22 37.72 1.60
C GLU C 116 -13.14 36.69 0.96
N ALA C 117 -13.28 35.53 1.61
CA ALA C 117 -14.13 34.47 1.10
C ALA C 117 -14.47 33.50 2.22
N GLU C 118 -15.69 32.96 2.17
CA GLU C 118 -16.06 31.88 3.07
C GLU C 118 -16.61 30.77 2.19
N VAL C 119 -15.94 29.63 2.22
CA VAL C 119 -16.26 28.50 1.34
C VAL C 119 -16.28 27.25 2.17
N ALA C 120 -17.40 26.53 2.15
CA ALA C 120 -17.49 25.31 2.96
C ALA C 120 -16.34 24.37 2.64
N LEU C 121 -15.77 23.77 3.69
CA LEU C 121 -14.70 22.80 3.54
C LEU C 121 -15.27 21.46 3.10
N PRO C 122 -14.87 20.95 1.92
CA PRO C 122 -15.48 19.69 1.51
C PRO C 122 -15.20 18.55 2.50
N GLY C 123 -16.23 17.75 2.75
CA GLY C 123 -16.10 16.57 3.61
C GLY C 123 -15.70 15.38 2.76
N GLY C 124 -16.31 14.23 3.03
CA GLY C 124 -15.99 13.02 2.29
C GLY C 124 -16.62 12.92 0.91
N ALA C 126 -16.91 9.60 -1.89
CA ALA C 126 -16.69 8.16 -1.84
C ALA C 126 -15.51 7.68 -2.70
N ILE C 127 -15.02 8.53 -3.59
CA ILE C 127 -13.87 8.15 -4.41
C ILE C 127 -12.66 7.80 -3.53
N GLY C 128 -12.48 8.58 -2.47
CA GLY C 128 -11.41 8.30 -1.53
C GLY C 128 -10.86 9.57 -0.91
N SER C 129 -9.60 9.51 -0.49
CA SER C 129 -8.95 10.63 0.17
C SER C 129 -8.75 11.78 -0.78
N ARG C 130 -9.38 12.92 -0.49
CA ARG C 130 -9.28 14.12 -1.32
C ARG C 130 -9.16 15.39 -0.48
N PRO C 131 -8.17 15.45 0.43
CA PRO C 131 -8.00 16.65 1.24
C PRO C 131 -7.69 17.86 0.37
N VAL C 132 -7.83 19.06 0.91
CA VAL C 132 -7.57 20.28 0.13
C VAL C 132 -6.53 21.16 0.81
N ASP C 133 -5.63 20.55 1.60
CA ASP C 133 -4.58 21.27 2.30
C ASP C 133 -3.72 22.13 1.37
N LEU C 134 -3.48 21.65 0.15
CA LEU C 134 -2.61 22.39 -0.76
C LEU C 134 -3.29 23.68 -1.27
N HIS C 135 -4.61 23.66 -1.36
CA HIS C 135 -5.37 24.87 -1.71
C HIS C 135 -5.17 25.91 -0.62
N ILE C 136 -5.30 25.48 0.63
CA ILE C 136 -5.20 26.38 1.78
C ILE C 136 -3.78 26.89 1.92
N ARG C 137 -2.79 25.99 1.90
CA ARG C 137 -1.39 26.40 2.04
C ARG C 137 -0.96 27.27 0.88
N GLY C 138 -1.45 26.96 -0.31
CA GLY C 138 -1.11 27.75 -1.48
C GLY C 138 -1.58 29.18 -1.33
N LEU C 139 -2.82 29.36 -0.88
CA LEU C 139 -3.35 30.71 -0.67
C LEU C 139 -2.64 31.43 0.48
N GLU C 140 -2.26 30.68 1.53
CA GLU C 140 -1.46 31.29 2.60
C GLU C 140 -0.13 31.83 2.05
N ALA C 141 0.42 31.16 1.03
CA ALA C 141 1.68 31.58 0.43
C ALA C 141 1.51 32.91 -0.29
N MET C 142 0.26 33.25 -0.60
CA MET C 142 -0.04 34.54 -1.22
C MET C 142 -0.57 35.54 -0.20
N GLY C 143 -0.44 35.22 1.07
CA GLY C 143 -0.76 36.17 2.12
C GLY C 143 -2.12 36.00 2.76
N ALA C 144 -2.87 34.97 2.38
CA ALA C 144 -4.18 34.75 2.97
C ALA C 144 -4.00 34.30 4.42
N GLN C 145 -4.85 34.81 5.31
CA GLN C 145 -4.96 34.22 6.65
C GLN C 145 -6.26 33.43 6.68
N ILE C 146 -6.15 32.15 7.06
CA ILE C 146 -7.27 31.22 6.87
C ILE C 146 -7.59 30.45 8.16
N GLU C 147 -8.89 30.43 8.49
CA GLU C 147 -9.39 29.65 9.62
C GLU C 147 -10.42 28.66 9.12
N VAL C 148 -10.58 27.56 9.84
CA VAL C 148 -11.73 26.68 9.64
C VAL C 148 -12.67 26.83 10.84
N GLU C 149 -13.90 27.25 10.56
CA GLU C 149 -14.87 27.55 11.62
C GLU C 149 -16.25 27.27 11.07
N GLY C 150 -17.09 26.59 11.85
CA GLY C 150 -18.43 26.24 11.38
C GLY C 150 -18.44 25.43 10.09
N GLY C 151 -17.33 24.76 9.82
CA GLY C 151 -17.22 23.97 8.61
C GLY C 151 -16.91 24.81 7.38
N TYR C 152 -16.55 26.06 7.59
CA TYR C 152 -16.15 26.94 6.49
C TYR C 152 -14.66 27.25 6.50
N ILE C 153 -14.06 27.22 5.30
CA ILE C 153 -12.79 27.87 5.05
C ILE C 153 -13.05 29.37 5.07
N LYS C 154 -12.52 30.07 6.06
CA LYS C 154 -12.74 31.52 6.13
C LYS C 154 -11.41 32.21 5.85
N ALA C 155 -11.35 32.92 4.73
CA ALA C 155 -10.07 33.42 4.20
C ALA C 155 -10.08 34.94 4.06
N LYS C 156 -9.00 35.58 4.47
CA LYS C 156 -8.91 37.04 4.37
C LYS C 156 -7.55 37.45 3.79
N ALA C 157 -7.58 38.34 2.80
CA ALA C 157 -6.35 38.82 2.20
C ALA C 157 -5.69 39.86 3.10
N PRO C 158 -4.37 40.06 2.95
CA PRO C 158 -3.70 41.07 3.75
C PRO C 158 -4.07 42.45 3.27
N ALA C 159 -3.62 43.48 3.98
CA ALA C 159 -3.86 44.86 3.57
C ALA C 159 -3.41 45.08 2.12
N GLY C 160 -4.32 45.59 1.30
CA GLY C 160 -3.99 45.85 -0.10
C GLY C 160 -4.21 44.68 -1.04
N GLY C 161 -4.64 43.54 -0.50
CA GLY C 161 -4.94 42.36 -1.31
C GLY C 161 -3.88 41.27 -1.32
N LEU C 162 -4.14 40.17 -2.02
CA LEU C 162 -3.17 39.07 -2.12
C LEU C 162 -1.84 39.55 -2.70
N ARG C 163 -0.76 38.90 -2.29
CA ARG C 163 0.59 39.26 -2.70
C ARG C 163 1.26 38.12 -3.46
N GLY C 164 2.05 38.46 -4.49
CA GLY C 164 2.75 37.46 -5.26
C GLY C 164 3.57 36.58 -4.35
N GLY C 165 3.54 35.27 -4.60
CA GLY C 165 4.30 34.35 -3.77
C GLY C 165 4.81 33.16 -4.54
N HIS C 166 5.54 32.31 -3.84
CA HIS C 166 6.03 31.04 -4.40
CA HIS C 166 5.99 31.05 -4.42
C HIS C 166 5.31 29.91 -3.69
N PHE C 167 4.82 28.93 -4.44
CA PHE C 167 4.25 27.75 -3.79
C PHE C 167 4.63 26.49 -4.56
N PHE C 168 5.14 25.51 -3.81
CA PHE C 168 5.47 24.22 -4.35
C PHE C 168 4.40 23.18 -3.97
N PHE C 169 3.77 22.57 -4.97
CA PHE C 169 2.81 21.48 -4.71
C PHE C 169 3.51 20.16 -4.35
N ASP C 170 3.36 19.69 -3.11
CA ASP C 170 4.01 18.44 -2.71
CA ASP C 170 3.98 18.43 -2.70
C ASP C 170 3.43 17.27 -3.49
N THR C 171 2.16 17.39 -3.87
CA THR C 171 1.44 16.42 -4.68
C THR C 171 0.83 17.24 -5.82
N VAL C 172 0.85 16.72 -7.04
CA VAL C 172 0.21 17.44 -8.15
C VAL C 172 -1.27 17.56 -7.87
N SER C 173 -1.82 18.76 -8.00
CA SER C 173 -3.26 18.97 -7.79
C SER C 173 -3.84 19.77 -8.96
N VAL C 174 -4.86 19.20 -9.61
CA VAL C 174 -5.49 19.87 -10.74
C VAL C 174 -6.23 21.14 -10.29
N THR C 175 -7.21 21.00 -9.41
CA THR C 175 -7.97 22.18 -8.98
C THR C 175 -7.15 23.06 -8.03
N GLY C 176 -6.16 22.49 -7.37
CA GLY C 176 -5.26 23.29 -6.55
C GLY C 176 -4.47 24.25 -7.45
N THR C 177 -3.90 23.73 -8.53
CA THR C 177 -3.20 24.58 -9.50
C THR C 177 -4.14 25.66 -10.05
N GLU C 178 -5.37 25.28 -10.39
CA GLU C 178 -6.34 26.25 -10.93
C GLU C 178 -6.72 27.35 -9.92
N ASN C 179 -6.95 26.95 -8.68
CA ASN C 179 -7.32 27.90 -7.64
C ASN C 179 -6.21 28.93 -7.44
N LEU C 180 -4.97 28.47 -7.39
CA LEU C 180 -3.86 29.37 -7.14
C LEU C 180 -3.60 30.25 -8.36
N MET C 181 -3.81 29.71 -9.55
CA MET C 181 -3.62 30.47 -10.77
C MET C 181 -4.58 31.65 -10.83
N MET C 182 -5.84 31.38 -10.50
CA MET C 182 -6.86 32.43 -10.48
C MET C 182 -6.57 33.47 -9.41
N ALA C 183 -6.21 33.02 -8.21
CA ALA C 183 -5.89 33.96 -7.14
C ALA C 183 -4.71 34.84 -7.57
N ALA C 184 -3.69 34.22 -8.18
CA ALA C 184 -2.47 34.94 -8.56
C ALA C 184 -2.70 36.00 -9.63
N ALA C 185 -3.72 35.79 -10.46
CA ALA C 185 -4.00 36.68 -11.59
C ALA C 185 -4.29 38.11 -11.17
N LEU C 186 -4.81 38.30 -9.96
CA LEU C 186 -5.11 39.63 -9.44
C LEU C 186 -4.22 40.01 -8.25
N ALA C 187 -3.24 39.16 -7.95
CA ALA C 187 -2.38 39.43 -6.80
C ALA C 187 -1.39 40.54 -7.13
N ASN C 188 -0.84 41.18 -6.11
CA ASN C 188 0.15 42.21 -6.32
CA ASN C 188 0.16 42.22 -6.32
C ASN C 188 1.54 41.59 -6.48
N GLY C 189 2.02 41.51 -7.71
CA GLY C 189 3.33 40.97 -7.96
C GLY C 189 3.37 39.64 -8.67
N ARG C 190 4.52 38.99 -8.59
CA ARG C 190 4.80 37.75 -9.33
C ARG C 190 4.55 36.52 -8.46
N THR C 191 3.86 35.54 -9.04
CA THR C 191 3.63 34.27 -8.36
C THR C 191 4.28 33.17 -9.18
N VAL C 192 4.95 32.23 -8.51
CA VAL C 192 5.49 31.05 -9.20
C VAL C 192 4.91 29.79 -8.57
N LEU C 193 4.23 28.99 -9.40
CA LEU C 193 3.66 27.72 -8.96
C LEU C 193 4.55 26.61 -9.48
N GLN C 194 5.07 25.78 -8.58
CA GLN C 194 5.98 24.70 -8.98
CA GLN C 194 5.98 24.71 -8.98
C GLN C 194 5.36 23.34 -8.75
N ASN C 195 5.76 22.37 -9.58
CA ASN C 195 5.12 21.05 -9.67
C ASN C 195 3.63 21.24 -9.95
N ALA C 196 3.34 22.16 -10.88
CA ALA C 196 1.98 22.46 -11.29
C ALA C 196 1.37 21.32 -12.09
N ALA C 197 0.06 21.14 -11.97
CA ALA C 197 -0.67 20.22 -12.84
C ALA C 197 -0.59 20.64 -14.31
N ARG C 198 -0.39 19.65 -15.18
CA ARG C 198 -0.23 19.90 -16.62
C ARG C 198 -1.49 19.56 -17.45
N GLU C 199 -2.55 19.13 -16.77
CA GLU C 199 -3.83 18.82 -17.41
C GLU C 199 -4.26 19.89 -18.41
N PRO C 200 -4.84 19.46 -19.55
CA PRO C 200 -5.23 20.40 -20.60
C PRO C 200 -6.20 21.46 -20.10
N GLU C 201 -6.97 21.14 -19.06
CA GLU C 201 -7.96 22.08 -18.53
C GLU C 201 -7.25 23.25 -17.85
N VAL C 202 -6.05 22.98 -17.33
CA VAL C 202 -5.23 24.01 -16.68
C VAL C 202 -4.74 25.00 -17.73
N VAL C 203 -4.31 24.48 -18.87
CA VAL C 203 -3.91 25.30 -20.00
C VAL C 203 -5.10 26.11 -20.50
N ASP C 204 -6.26 25.46 -20.58
CA ASP C 204 -7.45 26.13 -21.10
C ASP C 204 -7.82 27.30 -20.18
N LEU C 205 -7.74 27.08 -18.86
CA LEU C 205 -8.01 28.14 -17.90
C LEU C 205 -7.02 29.30 -18.07
N ALA C 206 -5.74 28.98 -18.30
CA ALA C 206 -4.73 30.02 -18.43
C ALA C 206 -5.01 30.86 -19.66
N ASN C 207 -5.37 30.18 -20.74
CA ASN C 207 -5.63 30.88 -21.99
C ASN C 207 -6.86 31.79 -21.82
N CYS C 208 -7.85 31.34 -21.05
CA CYS C 208 -9.02 32.18 -20.81
C CYS C 208 -8.66 33.38 -19.94
N LEU C 209 -7.89 33.15 -18.87
CA LEU C 209 -7.44 34.27 -18.04
C LEU C 209 -6.68 35.30 -18.87
N ASN C 210 -5.78 34.84 -19.74
CA ASN C 210 -5.00 35.75 -20.60
C ASN C 210 -5.91 36.52 -21.55
N ALA C 211 -6.93 35.85 -22.10
CA ALA C 211 -7.92 36.53 -22.93
C ALA C 211 -8.62 37.64 -22.15
N MET C 212 -8.73 37.45 -20.83
CA MET C 212 -9.42 38.41 -19.96
C MET C 212 -8.50 39.55 -19.53
N GLY C 213 -7.21 39.44 -19.87
CA GLY C 213 -6.26 40.49 -19.56
C GLY C 213 -5.17 40.10 -18.58
N ALA C 214 -5.13 38.82 -18.20
CA ALA C 214 -4.15 38.32 -17.25
C ALA C 214 -2.79 38.08 -17.90
N ASN C 215 -1.83 37.68 -17.07
CA ASN C 215 -0.49 37.36 -17.56
C ASN C 215 -0.03 36.05 -16.94
N VAL C 216 -0.50 34.94 -17.51
CA VAL C 216 -0.19 33.59 -17.01
C VAL C 216 0.68 32.86 -18.01
N GLN C 217 1.90 32.50 -17.63
CA GLN C 217 2.79 31.85 -18.60
C GLN C 217 3.27 30.49 -18.07
N GLY C 218 3.52 29.57 -18.99
CA GLY C 218 4.01 28.25 -18.63
C GLY C 218 2.99 27.17 -18.30
N ALA C 219 1.70 27.47 -18.46
CA ALA C 219 0.69 26.46 -18.17
C ALA C 219 0.87 25.31 -19.15
N GLY C 220 0.77 24.09 -18.63
CA GLY C 220 1.06 22.90 -19.42
C GLY C 220 2.42 22.36 -19.08
N SER C 221 3.21 23.15 -18.35
CA SER C 221 4.52 22.75 -17.87
C SER C 221 4.49 22.61 -16.34
N ASP C 222 5.61 22.19 -15.76
CA ASP C 222 5.79 22.04 -14.32
CA ASP C 222 5.69 22.00 -14.32
C ASP C 222 5.69 23.33 -13.56
N THR C 223 5.91 24.43 -14.28
CA THR C 223 6.10 25.71 -13.63
C THR C 223 5.25 26.82 -14.25
N ILE C 224 4.36 27.40 -13.47
CA ILE C 224 3.51 28.49 -13.97
C ILE C 224 3.92 29.80 -13.33
N VAL C 225 4.12 30.83 -14.15
CA VAL C 225 4.50 32.13 -13.66
C VAL C 225 3.35 33.09 -13.92
N ILE C 226 2.88 33.75 -12.88
CA ILE C 226 1.82 34.74 -13.04
C ILE C 226 2.30 36.11 -12.61
N GLU C 227 2.09 37.07 -13.49
CA GLU C 227 2.28 38.47 -13.15
C GLU C 227 0.91 39.08 -12.92
N GLY C 228 0.62 39.39 -11.65
CA GLY C 228 -0.70 39.91 -11.33
C GLY C 228 -1.04 41.20 -12.03
N VAL C 229 -2.33 41.41 -12.28
CA VAL C 229 -2.82 42.68 -12.84
C VAL C 229 -3.89 43.22 -11.91
N LYS C 230 -4.19 44.52 -12.02
CA LYS C 230 -5.11 45.14 -11.08
C LYS C 230 -6.56 44.75 -11.34
N ARG C 231 -6.92 44.60 -12.62
CA ARG C 231 -8.28 44.25 -12.99
C ARG C 231 -8.30 43.31 -14.19
N LEU C 232 -9.40 42.58 -14.34
CA LEU C 232 -9.58 41.69 -15.48
C LEU C 232 -10.88 42.06 -16.16
N GLY C 233 -10.90 41.96 -17.49
CA GLY C 233 -12.07 42.31 -18.26
C GLY C 233 -12.83 41.11 -18.75
N GLY C 234 -13.79 41.36 -19.62
CA GLY C 234 -14.60 40.28 -20.18
C GLY C 234 -13.93 39.59 -21.35
N ALA C 235 -14.49 38.46 -21.73
CA ALA C 235 -14.01 37.69 -22.86
C ALA C 235 -15.14 36.79 -23.34
N ARG C 236 -15.01 36.28 -24.56
CA ARG C 236 -15.87 35.23 -25.05
C ARG C 236 -14.96 34.04 -25.28
N TYR C 237 -15.17 32.94 -24.55
CA TYR C 237 -14.20 31.85 -24.58
C TYR C 237 -14.83 30.49 -24.88
N ASP C 238 -14.29 29.78 -25.88
CA ASP C 238 -14.75 28.43 -26.22
CA ASP C 238 -14.77 28.44 -26.19
C ASP C 238 -13.94 27.38 -25.46
N VAL C 239 -14.58 26.59 -24.61
CA VAL C 239 -13.80 25.60 -23.87
C VAL C 239 -13.37 24.48 -24.80
N LEU C 240 -12.24 23.86 -24.48
CA LEU C 240 -11.68 22.78 -25.31
C LEU C 240 -12.53 21.52 -25.20
N PRO C 241 -12.31 20.54 -26.10
CA PRO C 241 -13.13 19.32 -26.06
C PRO C 241 -12.86 18.48 -24.81
N ASP C 242 -13.83 17.65 -24.43
CA ASP C 242 -13.71 16.80 -23.26
C ASP C 242 -12.99 15.50 -23.58
N ARG C 243 -11.77 15.36 -23.08
CA ARG C 243 -10.94 14.17 -23.37
C ARG C 243 -11.46 12.91 -22.70
N ILE C 244 -12.20 13.06 -21.60
CA ILE C 244 -12.72 11.91 -20.86
C ILE C 244 -13.96 11.38 -21.56
N GLU C 245 -14.84 12.28 -22.00
CA GLU C 245 -15.98 11.88 -22.84
C GLU C 245 -15.45 11.20 -24.09
N THR C 246 -14.40 11.78 -24.67
CA THR C 246 -13.79 11.20 -25.87
C THR C 246 -13.29 9.78 -25.61
N GLY C 247 -12.47 9.63 -24.58
CA GLY C 247 -11.95 8.32 -24.22
C GLY C 247 -13.07 7.33 -24.00
N THR C 248 -14.12 7.76 -23.32
CA THR C 248 -15.19 6.86 -22.92
C THR C 248 -15.91 6.26 -24.12
N TYR C 249 -16.20 7.07 -25.13
CA TYR C 249 -16.87 6.54 -26.30
C TYR C 249 -15.92 5.72 -27.16
N LEU C 250 -14.63 6.01 -27.13
CA LEU C 250 -13.69 5.15 -27.87
C LEU C 250 -13.66 3.77 -27.24
N VAL C 251 -13.68 3.72 -25.90
CA VAL C 251 -13.66 2.44 -25.19
C VAL C 251 -14.98 1.69 -25.40
N ALA C 252 -16.10 2.40 -25.40
CA ALA C 252 -17.38 1.75 -25.62
C ALA C 252 -17.37 1.04 -26.97
N ALA C 253 -16.85 1.72 -27.99
CA ALA C 253 -16.78 1.13 -29.31
C ALA C 253 -15.86 -0.08 -29.32
N ALA C 254 -14.67 0.08 -28.74
CA ALA C 254 -13.67 -0.99 -28.72
C ALA C 254 -14.17 -2.21 -27.97
N ALA C 255 -14.83 -1.98 -26.84
CA ALA C 255 -15.28 -3.11 -26.03
C ALA C 255 -16.29 -3.99 -26.78
N THR C 256 -17.10 -3.37 -27.63
CA THR C 256 -18.13 -4.11 -28.40
C THR C 256 -17.57 -4.64 -29.72
N GLY C 257 -16.31 -4.33 -30.02
CA GLY C 257 -15.71 -4.75 -31.27
C GLY C 257 -16.23 -3.94 -32.44
N GLY C 258 -16.65 -2.72 -32.16
CA GLY C 258 -17.27 -1.90 -33.17
C GLY C 258 -16.37 -0.82 -33.73
N ARG C 259 -17.00 0.21 -34.27
CA ARG C 259 -16.26 1.37 -34.74
C ARG C 259 -16.99 2.63 -34.35
N VAL C 260 -16.28 3.75 -34.38
CA VAL C 260 -16.85 5.06 -34.09
C VAL C 260 -15.95 6.13 -34.66
N LYS C 261 -16.55 7.20 -35.15
CA LYS C 261 -15.80 8.41 -35.46
C LYS C 261 -16.27 9.51 -34.51
N LEU C 262 -15.33 10.16 -33.84
CA LEU C 262 -15.69 11.25 -32.92
C LEU C 262 -15.25 12.58 -33.52
N LYS C 263 -16.18 13.52 -33.61
CA LYS C 263 -15.89 14.84 -34.18
C LYS C 263 -15.78 15.90 -33.09
N ASP C 264 -15.14 17.02 -33.43
CA ASP C 264 -14.99 18.16 -32.51
C ASP C 264 -14.20 17.77 -31.27
N THR C 265 -13.19 16.92 -31.47
CA THR C 265 -12.34 16.52 -30.36
C THR C 265 -10.89 16.84 -30.72
N ASP C 266 -9.93 16.22 -30.04
CA ASP C 266 -8.53 16.57 -30.27
C ASP C 266 -7.68 15.40 -29.78
N PRO C 267 -7.03 14.68 -30.70
CA PRO C 267 -6.29 13.49 -30.28
C PRO C 267 -5.14 13.81 -29.34
N THR C 268 -4.62 15.04 -29.40
CA THR C 268 -3.41 15.36 -28.65
C THR C 268 -3.66 15.58 -27.14
N ILE C 269 -4.91 15.55 -26.69
CA ILE C 269 -5.15 15.62 -25.26
C ILE C 269 -5.52 14.26 -24.65
N LEU C 270 -5.29 13.17 -25.39
CA LEU C 270 -5.48 11.84 -24.80
C LEU C 270 -4.55 10.80 -25.45
N GLU C 271 -3.30 11.17 -25.67
CA GLU C 271 -2.34 10.26 -26.30
C GLU C 271 -2.18 8.95 -25.52
N ALA C 272 -2.14 9.03 -24.18
CA ALA C 272 -1.97 7.82 -23.36
C ALA C 272 -3.11 6.84 -23.58
N VAL C 273 -4.32 7.36 -23.75
CA VAL C 273 -5.51 6.53 -23.93
C VAL C 273 -5.50 5.93 -25.33
N LEU C 274 -5.09 6.72 -26.32
CA LEU C 274 -5.06 6.22 -27.69
C LEU C 274 -4.05 5.09 -27.81
N GLN C 275 -2.90 5.25 -27.16
CA GLN C 275 -1.88 4.22 -27.20
CA GLN C 275 -1.87 4.23 -27.20
C GLN C 275 -2.36 2.94 -26.55
N LYS C 276 -3.09 3.05 -25.43
CA LYS C 276 -3.60 1.86 -24.77
C LYS C 276 -4.67 1.17 -25.59
N LEU C 277 -5.46 1.95 -26.33
CA LEU C 277 -6.47 1.37 -27.21
C LEU C 277 -5.81 0.60 -28.36
N GLU C 278 -4.72 1.14 -28.90
CA GLU C 278 -4.00 0.42 -29.94
C GLU C 278 -3.43 -0.88 -29.39
N GLU C 279 -3.00 -0.86 -28.13
CA GLU C 279 -2.47 -2.06 -27.49
C GLU C 279 -3.57 -3.11 -27.38
N ALA C 280 -4.80 -2.65 -27.20
CA ALA C 280 -5.95 -3.53 -27.06
C ALA C 280 -6.41 -4.07 -28.42
N GLY C 281 -5.79 -3.58 -29.49
CA GLY C 281 -6.07 -4.08 -30.83
C GLY C 281 -6.85 -3.16 -31.75
N ALA C 282 -7.14 -1.96 -31.28
CA ALA C 282 -7.90 -0.97 -32.05
C ALA C 282 -7.08 -0.37 -33.18
N HIS C 283 -7.73 -0.15 -34.31
CA HIS C 283 -7.15 0.58 -35.41
C HIS C 283 -7.63 2.02 -35.31
N ILE C 284 -6.70 2.95 -35.13
CA ILE C 284 -7.05 4.32 -34.84
C ILE C 284 -6.47 5.24 -35.91
N SER C 285 -7.31 6.13 -36.45
CA SER C 285 -6.83 7.20 -37.34
C SER C 285 -7.28 8.53 -36.74
N THR C 286 -6.51 9.59 -36.99
CA THR C 286 -6.87 10.89 -36.39
C THR C 286 -6.67 12.02 -37.40
N GLY C 287 -7.33 13.12 -37.11
CA GLY C 287 -7.13 14.36 -37.83
C GLY C 287 -7.02 15.46 -36.80
N SER C 288 -6.99 16.71 -37.27
CA SER C 288 -6.85 17.84 -36.38
C SER C 288 -7.93 17.89 -35.30
N ASN C 289 -9.15 17.55 -35.66
CA ASN C 289 -10.25 17.62 -34.68
C ASN C 289 -11.15 16.38 -34.69
N TRP C 290 -10.60 15.24 -35.10
CA TRP C 290 -11.41 14.02 -35.11
C TRP C 290 -10.58 12.78 -34.84
N ILE C 291 -11.25 11.75 -34.35
CA ILE C 291 -10.65 10.44 -34.09
C ILE C 291 -11.57 9.38 -34.62
N GLU C 292 -11.03 8.41 -35.36
CA GLU C 292 -11.82 7.24 -35.76
C GLU C 292 -11.17 5.95 -35.24
N LEU C 293 -11.98 5.14 -34.56
CA LEU C 293 -11.52 3.86 -34.03
C LEU C 293 -12.32 2.74 -34.69
N ASP C 294 -11.63 1.68 -35.09
CA ASP C 294 -12.26 0.51 -35.69
C ASP C 294 -11.65 -0.76 -35.11
N MET C 295 -12.48 -1.59 -34.49
CA MET C 295 -12.01 -2.87 -33.94
C MET C 295 -12.07 -3.98 -34.98
N LYS C 296 -12.87 -3.75 -36.02
CA LYS C 296 -13.09 -4.74 -37.06
C LYS C 296 -13.66 -6.05 -36.49
N GLY C 297 -14.54 -5.93 -35.50
CA GLY C 297 -15.23 -7.07 -34.94
C GLY C 297 -14.41 -7.93 -33.99
N ASN C 298 -13.16 -7.54 -33.77
CA ASN C 298 -12.25 -8.32 -32.94
C ASN C 298 -12.50 -8.07 -31.46
N ARG C 299 -12.38 -9.13 -30.66
CA ARG C 299 -12.38 -9.00 -29.21
C ARG C 299 -11.13 -8.23 -28.78
N PRO C 300 -11.28 -7.30 -27.83
CA PRO C 300 -10.09 -6.58 -27.36
C PRO C 300 -9.08 -7.49 -26.69
N LYS C 301 -7.81 -7.12 -26.79
CA LYS C 301 -6.75 -7.78 -26.05
C LYS C 301 -6.58 -7.07 -24.72
N ALA C 302 -6.35 -7.83 -23.66
CA ALA C 302 -6.17 -7.23 -22.33
C ALA C 302 -4.96 -6.31 -22.30
N VAL C 303 -5.09 -5.21 -21.56
CA VAL C 303 -4.00 -4.26 -21.40
C VAL C 303 -3.76 -3.96 -19.93
N ASN C 304 -2.51 -3.60 -19.61
CA ASN C 304 -2.18 -3.05 -18.29
C ASN C 304 -2.29 -1.54 -18.32
N VAL C 305 -2.79 -0.96 -17.23
CA VAL C 305 -2.97 0.48 -17.16
C VAL C 305 -2.42 0.97 -15.83
N ARG C 306 -1.78 2.14 -15.83
CA ARG C 306 -1.34 2.76 -14.59
C ARG C 306 -1.70 4.23 -14.60
N THR C 307 -2.58 4.65 -13.69
CA THR C 307 -3.02 6.04 -13.67
C THR C 307 -1.95 6.95 -13.04
N ALA C 308 -1.95 8.21 -13.48
CA ALA C 308 -1.06 9.22 -12.93
C ALA C 308 -1.49 10.57 -13.51
N PRO C 309 -0.93 11.69 -13.00
CA PRO C 309 -1.37 12.97 -13.57
C PRO C 309 -1.00 13.12 -15.04
N TYR C 310 -1.75 13.97 -15.74
CA TYR C 310 -1.53 14.25 -17.15
C TYR C 310 -0.06 14.59 -17.40
N PRO C 311 0.54 14.08 -18.48
CA PRO C 311 -0.06 13.39 -19.62
C PRO C 311 -0.14 11.88 -19.49
N ALA C 312 0.07 11.35 -18.31
CA ALA C 312 -0.13 9.92 -18.10
C ALA C 312 -1.60 9.51 -18.24
N PHE C 313 -1.85 8.21 -18.22
CA PHE C 313 -3.21 7.66 -18.27
C PHE C 313 -4.06 8.23 -17.12
N PRO C 314 -5.24 8.77 -17.44
CA PRO C 314 -6.06 9.45 -16.41
C PRO C 314 -6.87 8.51 -15.51
N THR C 315 -6.93 8.85 -14.23
CA THR C 315 -7.79 8.10 -13.32
C THR C 315 -9.24 8.12 -13.80
N ASP C 316 -9.66 9.20 -14.48
CA ASP C 316 -11.04 9.31 -14.94
C ASP C 316 -11.35 8.36 -16.12
N MET C 317 -10.34 7.66 -16.63
CA MET C 317 -10.55 6.65 -17.66
C MET C 317 -10.36 5.23 -17.16
N GLN C 318 -9.92 5.09 -15.91
CA GLN C 318 -9.52 3.80 -15.36
C GLN C 318 -10.66 2.76 -15.35
N ALA C 319 -11.82 3.17 -14.86
CA ALA C 319 -12.95 2.25 -14.74
C ALA C 319 -13.37 1.74 -16.11
N GLN C 320 -13.34 2.64 -17.09
CA GLN C 320 -13.76 2.28 -18.44
C GLN C 320 -12.82 1.22 -19.01
N PHE C 321 -11.53 1.30 -18.68
CA PHE C 321 -10.63 0.26 -19.14
C PHE C 321 -10.80 -1.06 -18.37
N ILE C 322 -11.28 -0.99 -17.13
CA ILE C 322 -11.63 -2.23 -16.45
C ILE C 322 -12.80 -2.90 -17.19
N SER C 323 -13.79 -2.12 -17.61
CA SER C 323 -14.94 -2.72 -18.30
C SER C 323 -14.52 -3.31 -19.64
N MET C 324 -13.58 -2.68 -20.35
CA MET C 324 -13.08 -3.29 -21.59
C MET C 324 -12.25 -4.55 -21.30
N ASN C 325 -11.32 -4.46 -20.35
CA ASN C 325 -10.54 -5.64 -19.97
C ASN C 325 -11.43 -6.80 -19.53
N ALA C 326 -12.61 -6.48 -18.99
CA ALA C 326 -13.49 -7.51 -18.43
C ALA C 326 -13.99 -8.47 -19.52
N VAL C 327 -14.00 -8.02 -20.76
CA VAL C 327 -14.40 -8.91 -21.86
C VAL C 327 -13.25 -9.13 -22.85
N ALA C 328 -12.04 -8.79 -22.42
CA ALA C 328 -10.88 -8.87 -23.31
C ALA C 328 -10.28 -10.27 -23.30
N GLU C 329 -9.35 -10.52 -24.21
CA GLU C 329 -8.61 -11.77 -24.23
C GLU C 329 -7.36 -11.61 -23.37
N GLY C 330 -7.32 -12.28 -22.22
CA GLY C 330 -6.15 -12.22 -21.36
C GLY C 330 -6.37 -11.59 -20.01
N THR C 331 -5.27 -11.31 -19.32
CA THR C 331 -5.31 -10.73 -17.98
C THR C 331 -4.66 -9.35 -18.02
N GLY C 332 -5.34 -8.37 -17.47
CA GLY C 332 -4.86 -7.01 -17.44
C GLY C 332 -4.80 -6.50 -16.03
N ALA C 333 -3.70 -5.83 -15.69
CA ALA C 333 -3.55 -5.22 -14.36
C ALA C 333 -3.84 -3.72 -14.47
N VAL C 334 -4.77 -3.24 -13.65
CA VAL C 334 -5.18 -1.84 -13.69
C VAL C 334 -4.78 -1.22 -12.34
N ILE C 335 -3.83 -0.29 -12.38
CA ILE C 335 -3.19 0.21 -11.17
C ILE C 335 -3.50 1.71 -11.00
N GLU C 336 -3.98 2.08 -9.82
CA GLU C 336 -4.22 3.49 -9.50
C GLU C 336 -3.04 4.09 -8.72
N THR C 337 -2.56 5.25 -9.12
CA THR C 337 -1.65 6.01 -8.26
C THR C 337 -2.23 7.36 -7.89
N VAL C 338 -3.45 7.65 -8.35
CA VAL C 338 -4.07 8.94 -8.03
C VAL C 338 -5.12 8.76 -6.94
N PHE C 339 -6.10 7.90 -7.22
CA PHE C 339 -7.15 7.59 -6.27
C PHE C 339 -7.07 6.08 -6.02
N GLU C 340 -6.28 5.72 -5.02
CA GLU C 340 -5.86 4.33 -4.85
C GLU C 340 -6.95 3.37 -4.40
N ASN C 341 -8.15 3.88 -4.08
CA ASN C 341 -9.26 3.01 -3.74
C ASN C 341 -10.48 3.27 -4.63
N ARG C 342 -10.25 3.86 -5.79
CA ARG C 342 -11.36 4.16 -6.70
C ARG C 342 -11.73 2.91 -7.49
N PHE C 343 -12.38 1.96 -6.81
CA PHE C 343 -12.70 0.69 -7.45
C PHE C 343 -14.13 0.18 -7.23
N MET C 344 -15.04 1.03 -6.72
CA MET C 344 -16.43 0.59 -6.48
C MET C 344 -17.07 -0.06 -7.70
N HIS C 345 -16.73 0.43 -8.89
CA HIS C 345 -17.28 -0.13 -10.13
C HIS C 345 -16.95 -1.62 -10.29
N VAL C 346 -15.81 -2.06 -9.75
CA VAL C 346 -15.42 -3.46 -9.85
C VAL C 346 -16.47 -4.36 -9.26
N TYR C 347 -16.98 -3.97 -8.10
CA TYR C 347 -17.88 -4.83 -7.34
C TYR C 347 -19.26 -4.90 -7.99
N GLU C 348 -19.63 -3.85 -8.72
CA GLU C 348 -20.86 -3.91 -9.52
C GLU C 348 -20.65 -4.80 -10.74
N MET C 349 -19.47 -4.71 -11.36
CA MET C 349 -19.20 -5.56 -12.50
C MET C 349 -19.12 -7.03 -12.09
N ASN C 350 -18.68 -7.29 -10.85
CA ASN C 350 -18.67 -8.66 -10.36
C ASN C 350 -20.08 -9.26 -10.34
N ARG C 351 -21.08 -8.42 -10.06
CA ARG C 351 -22.48 -8.85 -10.15
C ARG C 351 -22.85 -9.28 -11.57
N MET C 352 -22.11 -8.78 -12.56
CA MET C 352 -22.38 -9.07 -13.96
C MET C 352 -21.47 -10.17 -14.47
N GLY C 353 -20.80 -10.85 -13.54
CA GLY C 353 -19.98 -12.00 -13.90
C GLY C 353 -18.56 -11.68 -14.31
N ALA C 354 -18.12 -10.44 -14.10
CA ALA C 354 -16.72 -10.10 -14.34
C ALA C 354 -15.84 -10.87 -13.39
N GLN C 355 -14.59 -11.06 -13.79
CA GLN C 355 -13.59 -11.78 -13.01
C GLN C 355 -12.47 -10.81 -12.65
N ILE C 356 -12.61 -10.19 -11.47
CA ILE C 356 -11.69 -9.11 -11.07
C ILE C 356 -11.27 -9.33 -9.62
N LEU C 357 -9.96 -9.30 -9.39
CA LEU C 357 -9.38 -9.39 -8.06
C LEU C 357 -8.79 -8.03 -7.70
N VAL C 358 -9.19 -7.49 -6.56
CA VAL C 358 -8.64 -6.22 -6.10
C VAL C 358 -7.76 -6.44 -4.86
N GLU C 359 -6.53 -5.92 -4.92
CA GLU C 359 -5.67 -5.84 -3.75
C GLU C 359 -5.05 -4.44 -3.70
N GLY C 360 -5.46 -3.66 -2.71
CA GLY C 360 -4.97 -2.30 -2.59
C GLY C 360 -5.28 -1.49 -3.83
N ASN C 361 -4.23 -0.92 -4.41
CA ASN C 361 -4.40 -0.05 -5.58
C ASN C 361 -4.34 -0.80 -6.92
N THR C 362 -4.51 -2.11 -6.88
CA THR C 362 -4.37 -2.93 -8.08
C THR C 362 -5.62 -3.78 -8.33
N ALA C 363 -6.21 -3.64 -9.52
CA ALA C 363 -7.30 -4.52 -9.95
C ALA C 363 -6.79 -5.48 -11.01
N ILE C 364 -6.91 -6.79 -10.77
CA ILE C 364 -6.43 -7.78 -11.74
C ILE C 364 -7.62 -8.35 -12.50
N VAL C 365 -7.72 -8.04 -13.78
CA VAL C 365 -8.89 -8.38 -14.58
C VAL C 365 -8.60 -9.55 -15.50
N THR C 366 -9.39 -10.61 -15.37
CA THR C 366 -9.34 -11.75 -16.27
C THR C 366 -10.53 -11.68 -17.22
N GLY C 367 -10.27 -11.47 -18.51
CA GLY C 367 -11.34 -11.27 -19.46
C GLY C 367 -12.15 -12.53 -19.73
N VAL C 368 -13.45 -12.35 -19.90
CA VAL C 368 -14.38 -13.42 -20.28
C VAL C 368 -15.07 -12.99 -21.58
N PRO C 369 -15.65 -13.94 -22.33
CA PRO C 369 -16.24 -13.57 -23.62
C PRO C 369 -17.40 -12.58 -23.54
N LYS C 370 -18.23 -12.70 -22.52
CA LYS C 370 -19.31 -11.74 -22.32
C LYS C 370 -19.66 -11.66 -20.86
N LEU C 371 -20.21 -10.52 -20.43
CA LEU C 371 -20.75 -10.41 -19.08
C LEU C 371 -22.20 -10.89 -19.05
N LYS C 372 -22.82 -10.86 -17.87
CA LYS C 372 -24.20 -11.33 -17.68
C LYS C 372 -25.02 -10.20 -17.08
N GLY C 373 -26.06 -9.77 -17.77
CA GLY C 373 -26.83 -8.62 -17.32
C GLY C 373 -27.41 -8.77 -15.93
N ALA C 374 -27.38 -7.68 -15.17
CA ALA C 374 -27.86 -7.67 -13.81
C ALA C 374 -28.04 -6.24 -13.39
N PRO C 375 -28.91 -6.00 -12.40
CA PRO C 375 -29.05 -4.62 -11.91
C PRO C 375 -27.80 -4.15 -11.15
N VAL C 376 -27.36 -2.93 -11.43
CA VAL C 376 -26.18 -2.38 -10.76
C VAL C 376 -26.42 -0.93 -10.38
N MET C 377 -25.52 -0.38 -9.57
CA MET C 377 -25.68 0.92 -8.95
C MET C 377 -24.51 1.86 -9.27
N ALA C 378 -24.80 2.98 -9.94
CA ALA C 378 -23.79 4.04 -10.14
C ALA C 378 -23.46 4.78 -8.85
N THR C 379 -22.21 5.24 -8.72
CA THR C 379 -21.80 5.99 -7.53
C THR C 379 -20.79 7.10 -7.85
N ASP C 380 -20.28 7.15 -9.08
CA ASP C 380 -19.13 8.00 -9.43
C ASP C 380 -19.41 8.68 -10.79
N LEU C 381 -19.46 10.02 -10.80
CA LEU C 381 -19.87 10.74 -12.01
C LEU C 381 -19.01 10.49 -13.26
N ARG C 382 -17.78 10.03 -13.11
CA ARG C 382 -17.03 9.65 -14.30
C ARG C 382 -16.84 8.14 -14.40
N ALA C 383 -16.47 7.50 -13.29
CA ALA C 383 -16.12 6.08 -13.34
C ALA C 383 -17.32 5.19 -13.58
N SER C 384 -18.52 5.63 -13.20
CA SER C 384 -19.66 4.76 -13.39
C SER C 384 -20.08 4.64 -14.86
N ALA C 385 -19.45 5.39 -15.77
CA ALA C 385 -19.65 5.13 -17.19
C ALA C 385 -19.19 3.71 -17.53
N SER C 386 -18.28 3.15 -16.74
CA SER C 386 -17.85 1.77 -16.94
C SER C 386 -19.00 0.78 -16.82
N LEU C 387 -20.02 1.13 -16.05
CA LEU C 387 -21.18 0.24 -15.89
C LEU C 387 -22.02 0.25 -17.17
N VAL C 388 -22.07 1.40 -17.82
CA VAL C 388 -22.76 1.52 -19.09
C VAL C 388 -22.04 0.66 -20.13
N ILE C 389 -20.73 0.79 -20.18
CA ILE C 389 -19.95 -0.01 -21.13
C ILE C 389 -20.10 -1.50 -20.82
N ALA C 390 -20.04 -1.86 -19.54
CA ALA C 390 -20.23 -3.26 -19.13
C ALA C 390 -21.60 -3.78 -19.59
N GLY C 391 -22.63 -2.94 -19.49
CA GLY C 391 -23.94 -3.34 -19.97
C GLY C 391 -23.99 -3.57 -21.48
N LEU C 392 -23.21 -2.80 -22.22
CA LEU C 392 -23.12 -2.97 -23.68
C LEU C 392 -22.49 -4.31 -24.06
N VAL C 393 -21.73 -4.92 -23.16
CA VAL C 393 -21.07 -6.18 -23.48
C VAL C 393 -21.59 -7.33 -22.59
N ALA C 394 -22.81 -7.17 -22.08
CA ALA C 394 -23.39 -8.19 -21.25
C ALA C 394 -24.52 -8.88 -21.98
N GLU C 395 -24.73 -10.15 -21.67
CA GLU C 395 -25.88 -10.89 -22.18
C GLU C 395 -27.16 -10.40 -21.51
N GLY C 396 -28.13 -10.00 -22.32
CA GLY C 396 -29.41 -9.57 -21.78
C GLY C 396 -29.41 -8.13 -21.31
N ASP C 397 -30.25 -7.83 -20.32
CA ASP C 397 -30.44 -6.45 -19.87
C ASP C 397 -29.70 -6.12 -18.60
N THR C 398 -29.17 -4.90 -18.56
CA THR C 398 -28.52 -4.33 -17.39
C THR C 398 -29.26 -3.07 -16.98
N LEU C 399 -29.76 -3.06 -15.74
CA LEU C 399 -30.51 -1.94 -15.21
C LEU C 399 -29.64 -1.16 -14.27
N ILE C 400 -29.26 0.06 -14.64
CA ILE C 400 -28.37 0.87 -13.83
C ILE C 400 -29.17 1.91 -13.05
N ASP C 401 -29.02 1.89 -11.73
CA ASP C 401 -29.70 2.83 -10.84
C ASP C 401 -28.77 4.00 -10.48
N ARG C 402 -29.35 5.08 -9.95
CA ARG C 402 -28.60 6.26 -9.48
C ARG C 402 -27.84 6.92 -10.64
N ILE C 403 -28.53 6.99 -11.78
CA ILE C 403 -28.00 7.59 -13.01
C ILE C 403 -27.64 9.07 -12.83
N TYR C 404 -28.21 9.70 -11.80
CA TYR C 404 -27.92 11.09 -11.56
C TYR C 404 -26.40 11.34 -11.44
N HIS C 405 -25.65 10.35 -10.95
CA HIS C 405 -24.19 10.52 -10.90
C HIS C 405 -23.64 10.72 -12.32
N ILE C 406 -24.06 9.86 -13.23
CA ILE C 406 -23.56 9.87 -14.60
C ILE C 406 -23.99 11.16 -15.31
N ASP C 407 -25.20 11.63 -15.00
CA ASP C 407 -25.72 12.87 -15.59
C ASP C 407 -24.94 14.12 -15.13
N ARG C 408 -24.18 14.00 -14.04
CA ARG C 408 -23.23 15.04 -13.65
C ARG C 408 -22.06 15.09 -14.60
N GLY C 409 -21.63 13.92 -15.07
CA GLY C 409 -20.34 13.79 -15.75
C GLY C 409 -20.38 13.63 -17.27
N TYR C 410 -21.55 13.34 -17.82
CA TYR C 410 -21.67 13.11 -19.26
C TYR C 410 -22.94 13.75 -19.80
N GLU C 411 -22.81 14.45 -20.92
CA GLU C 411 -23.98 14.99 -21.59
C GLU C 411 -24.80 13.89 -22.27
N CYS C 412 -26.06 13.76 -21.84
CA CYS C 412 -27.03 12.81 -22.40
CA CYS C 412 -27.04 12.82 -22.40
C CYS C 412 -26.44 11.52 -22.95
N ILE C 413 -25.88 10.71 -22.06
CA ILE C 413 -25.07 9.57 -22.49
C ILE C 413 -25.86 8.58 -23.34
N GLU C 414 -27.13 8.35 -23.01
CA GLU C 414 -27.87 7.32 -23.73
C GLU C 414 -28.22 7.83 -25.13
N GLU C 415 -28.38 9.14 -25.28
CA GLU C 415 -28.70 9.69 -26.58
C GLU C 415 -27.52 9.56 -27.53
N LYS C 416 -26.30 9.82 -27.03
CA LYS C 416 -25.12 9.68 -27.86
CA LYS C 416 -25.11 9.68 -27.85
C LYS C 416 -24.86 8.22 -28.21
N LEU C 417 -25.08 7.31 -27.26
CA LEU C 417 -24.89 5.88 -27.54
C LEU C 417 -25.92 5.36 -28.52
N GLN C 418 -27.13 5.89 -28.45
CA GLN C 418 -28.16 5.54 -29.44
C GLN C 418 -27.71 5.86 -30.87
N LEU C 419 -26.96 6.95 -31.05
CA LEU C 419 -26.49 7.31 -32.37
C LEU C 419 -25.46 6.29 -32.89
N LEU C 420 -24.88 5.52 -31.99
CA LEU C 420 -23.93 4.49 -32.35
C LEU C 420 -24.57 3.11 -32.47
N GLY C 421 -25.90 3.05 -32.32
CA GLY C 421 -26.62 1.79 -32.43
C GLY C 421 -26.74 0.96 -31.16
N ALA C 422 -26.43 1.56 -30.02
CA ALA C 422 -26.61 0.88 -28.75
C ALA C 422 -28.11 0.75 -28.46
N LYS C 423 -28.49 -0.37 -27.85
CA LYS C 423 -29.86 -0.51 -27.35
C LYS C 423 -29.87 -0.10 -25.89
N ILE C 424 -30.28 1.14 -25.64
CA ILE C 424 -30.21 1.73 -24.31
C ILE C 424 -31.37 2.71 -24.19
N ARG C 425 -32.01 2.71 -23.02
CA ARG C 425 -33.19 3.54 -22.78
CA ARG C 425 -33.16 3.56 -22.80
C ARG C 425 -33.13 4.15 -21.39
N ARG C 426 -33.56 5.41 -21.26
CA ARG C 426 -33.70 6.03 -19.95
C ARG C 426 -35.11 5.76 -19.43
N VAL C 427 -35.19 5.19 -18.23
CA VAL C 427 -36.46 4.95 -17.55
C VAL C 427 -36.69 6.08 -16.57
N PRO C 428 -37.73 6.89 -16.83
CA PRO C 428 -37.97 8.11 -16.06
C PRO C 428 -38.26 7.82 -14.59
N GLY C 429 -37.70 8.65 -13.71
CA GLY C 429 -37.99 8.60 -12.29
C GLY C 429 -39.31 9.27 -11.96
N HIS D 5 -39.80 7.09 16.80
CA HIS D 5 -40.02 6.51 15.49
C HIS D 5 -39.04 7.08 14.47
N HIS D 6 -38.01 6.30 14.13
CA HIS D 6 -36.96 6.78 13.25
C HIS D 6 -37.47 6.96 11.82
N HIS D 7 -36.86 7.91 11.11
CA HIS D 7 -37.20 8.23 9.73
C HIS D 7 -35.90 8.35 8.94
N HIS D 8 -35.95 8.03 7.66
CA HIS D 8 -34.76 8.04 6.82
C HIS D 8 -34.04 9.39 6.80
N MET D 9 -34.78 10.47 7.06
CA MET D 9 -34.21 11.81 6.96
C MET D 9 -33.90 12.43 8.32
N ASP D 10 -33.94 11.63 9.39
CA ASP D 10 -33.55 12.12 10.71
C ASP D 10 -32.14 12.70 10.73
N LYS D 11 -31.93 13.66 11.62
CA LYS D 11 -30.61 14.18 11.93
C LYS D 11 -30.36 14.11 13.43
N LEU D 12 -29.10 14.20 13.85
CA LEU D 12 -28.77 14.40 15.26
C LEU D 12 -28.11 15.75 15.43
N ILE D 13 -28.53 16.49 16.44
CA ILE D 13 -27.87 17.75 16.78
C ILE D 13 -27.19 17.57 18.14
N ILE D 14 -25.89 17.80 18.18
CA ILE D 14 -25.08 17.61 19.38
C ILE D 14 -24.52 18.95 19.81
N THR D 15 -24.56 19.24 21.10
CA THR D 15 -23.80 20.37 21.64
C THR D 15 -22.66 19.78 22.48
N GLY D 16 -21.41 20.09 22.12
CA GLY D 16 -20.29 19.50 22.83
C GLY D 16 -19.92 20.20 24.13
N GLY D 17 -18.98 19.62 24.86
CA GLY D 17 -18.38 20.27 26.01
C GLY D 17 -18.75 19.75 27.37
N ASN D 18 -19.57 18.71 27.40
CA ASN D 18 -19.97 18.12 28.68
C ASN D 18 -19.22 16.83 28.97
N ARG D 19 -18.68 16.73 30.19
CA ARG D 19 -18.12 15.47 30.64
C ARG D 19 -19.26 14.49 30.87
N LEU D 20 -19.24 13.35 30.19
CA LEU D 20 -20.27 12.33 30.38
C LEU D 20 -20.17 11.74 31.78
N ASP D 21 -21.30 11.28 32.30
CA ASP D 21 -21.36 10.69 33.64
C ASP D 21 -22.69 9.99 33.80
N GLY D 22 -22.63 8.68 34.03
CA GLY D 22 -23.83 7.92 34.32
C GLY D 22 -23.66 6.45 33.98
N GLU D 23 -24.78 5.73 33.93
CA GLU D 23 -24.70 4.32 33.60
C GLU D 23 -25.79 3.93 32.60
N ILE D 24 -25.47 2.99 31.72
CA ILE D 24 -26.43 2.46 30.77
C ILE D 24 -26.26 0.97 30.62
N ARG D 25 -27.27 0.33 30.07
CA ARG D 25 -27.23 -1.10 29.84
C ARG D 25 -26.88 -1.36 28.38
N ILE D 26 -25.99 -2.33 28.18
CA ILE D 26 -25.54 -2.72 26.86
C ILE D 26 -26.52 -3.73 26.25
N SER D 27 -26.78 -3.56 24.96
CA SER D 27 -27.72 -4.40 24.22
C SER D 27 -27.02 -5.63 23.65
N GLY D 28 -27.81 -6.58 23.17
CA GLY D 28 -27.26 -7.74 22.49
C GLY D 28 -26.51 -7.39 21.22
N ALA D 29 -25.53 -8.23 20.87
CA ALA D 29 -24.72 -8.03 19.67
C ALA D 29 -25.51 -8.13 18.38
N LYS D 30 -25.55 -7.02 17.65
CA LYS D 30 -26.13 -6.99 16.33
C LYS D 30 -25.56 -8.10 15.45
N ASN D 31 -24.24 -8.29 15.51
CA ASN D 31 -23.60 -9.25 14.62
C ASN D 31 -23.54 -10.66 15.18
N SER D 32 -24.21 -10.88 16.30
CA SER D 32 -24.58 -12.24 16.69
C SER D 32 -26.03 -12.50 16.28
N ALA D 33 -26.87 -11.48 16.49
CA ALA D 33 -28.30 -11.58 16.14
C ALA D 33 -28.51 -11.93 14.66
N LEU D 34 -27.73 -11.32 13.78
CA LEU D 34 -27.91 -11.55 12.34
C LEU D 34 -27.60 -13.00 11.93
N PRO D 35 -26.41 -13.54 12.31
CA PRO D 35 -26.22 -14.94 11.88
C PRO D 35 -27.15 -15.90 12.63
N ILE D 36 -27.48 -15.63 13.88
CA ILE D 36 -28.38 -16.55 14.62
C ILE D 36 -29.78 -16.51 14.02
N LEU D 37 -30.25 -15.35 13.59
CA LEU D 37 -31.53 -15.28 12.88
C LEU D 37 -31.46 -16.13 11.62
N ALA D 38 -30.34 -16.05 10.91
CA ALA D 38 -30.16 -16.87 9.70
C ALA D 38 -30.27 -18.34 10.05
N ALA D 39 -29.66 -18.71 11.18
CA ALA D 39 -29.59 -20.10 11.60
C ALA D 39 -30.97 -20.71 11.88
N THR D 40 -31.94 -19.87 12.24
CA THR D 40 -33.28 -20.38 12.51
C THR D 40 -33.89 -21.01 11.26
N LEU D 41 -33.36 -20.69 10.08
CA LEU D 41 -33.84 -21.33 8.87
C LEU D 41 -33.49 -22.82 8.86
N LEU D 42 -32.56 -23.24 9.71
CA LEU D 42 -32.17 -24.65 9.83
C LEU D 42 -33.14 -25.53 10.61
N ALA D 43 -33.95 -24.92 11.47
CA ALA D 43 -34.72 -25.66 12.48
C ALA D 43 -36.06 -26.14 11.98
N ASP D 44 -36.48 -27.33 12.42
CA ASP D 44 -37.81 -27.80 12.03
C ASP D 44 -38.85 -27.47 13.09
N THR D 45 -38.43 -26.85 14.18
CA THR D 45 -39.35 -26.28 15.17
C THR D 45 -38.92 -24.85 15.51
N PRO D 46 -39.86 -24.01 15.97
CA PRO D 46 -39.51 -22.58 16.10
C PRO D 46 -38.36 -22.27 17.06
N VAL D 47 -37.58 -21.28 16.69
CA VAL D 47 -36.47 -20.78 17.50
C VAL D 47 -36.81 -19.37 18.00
N THR D 48 -36.58 -19.11 19.28
CA THR D 48 -36.83 -17.79 19.84
C THR D 48 -35.51 -17.10 20.20
N VAL D 49 -35.27 -15.95 19.60
CA VAL D 49 -34.00 -15.24 19.79
C VAL D 49 -34.25 -14.07 20.74
N CYS D 50 -33.44 -13.98 21.79
CA CYS D 50 -33.67 -13.01 22.86
C CYS D 50 -32.49 -12.08 23.03
N ASN D 51 -32.71 -11.02 23.81
CA ASN D 51 -31.73 -9.94 24.04
C ASN D 51 -31.34 -9.23 22.75
N LEU D 52 -32.27 -9.11 21.81
CA LEU D 52 -31.97 -8.42 20.56
C LEU D 52 -31.88 -6.92 20.76
N PRO D 53 -30.92 -6.28 20.08
CA PRO D 53 -30.87 -4.81 20.08
C PRO D 53 -31.93 -4.29 19.14
N HIS D 54 -32.48 -3.13 19.43
CA HIS D 54 -33.52 -2.58 18.57
C HIS D 54 -32.88 -1.60 17.61
N LEU D 55 -32.45 -2.12 16.48
CA LEU D 55 -31.76 -1.33 15.46
C LEU D 55 -32.12 -1.90 14.08
N HIS D 56 -31.78 -1.17 13.02
CA HIS D 56 -32.47 -1.41 11.77
C HIS D 56 -32.04 -2.68 11.03
N ASP D 57 -30.82 -3.15 11.27
CA ASP D 57 -30.36 -4.35 10.58
C ASP D 57 -31.26 -5.55 10.95
N ILE D 58 -31.76 -5.58 12.17
CA ILE D 58 -32.68 -6.64 12.60
CA ILE D 58 -32.65 -6.68 12.56
C ILE D 58 -33.98 -6.53 11.82
N THR D 59 -34.46 -5.30 11.66
CA THR D 59 -35.67 -5.06 10.90
C THR D 59 -35.50 -5.54 9.46
N THR D 60 -34.35 -5.26 8.86
CA THR D 60 -34.10 -5.69 7.50
C THR D 60 -34.07 -7.20 7.37
N MET D 61 -33.45 -7.88 8.33
CA MET D 61 -33.40 -9.35 8.32
C MET D 61 -34.79 -9.94 8.44
N ILE D 62 -35.64 -9.35 9.27
CA ILE D 62 -37.00 -9.83 9.44
C ILE D 62 -37.80 -9.61 8.15
N GLU D 63 -37.57 -8.48 7.48
CA GLU D 63 -38.23 -8.20 6.20
CA GLU D 63 -38.23 -8.20 6.20
C GLU D 63 -37.78 -9.22 5.15
N LEU D 64 -36.52 -9.60 5.20
CA LEU D 64 -35.97 -10.60 4.27
C LEU D 64 -36.70 -11.91 4.46
N PHE D 65 -36.84 -12.33 5.71
CA PHE D 65 -37.56 -13.56 5.97
C PHE D 65 -38.97 -13.49 5.41
N GLY D 66 -39.64 -12.35 5.66
CA GLY D 66 -40.96 -12.13 5.11
C GLY D 66 -41.05 -12.33 3.61
N ARG D 67 -40.01 -11.90 2.89
CA ARG D 67 -40.01 -12.03 1.42
C ARG D 67 -39.86 -13.48 0.99
N MET D 68 -39.35 -14.32 1.89
CA MET D 68 -39.24 -15.74 1.61
C MET D 68 -40.46 -16.52 2.10
N GLY D 69 -41.41 -15.82 2.71
CA GLY D 69 -42.60 -16.45 3.23
C GLY D 69 -42.51 -16.91 4.68
N VAL D 70 -41.51 -16.42 5.39
CA VAL D 70 -41.39 -16.68 6.83
C VAL D 70 -41.71 -15.39 7.57
N GLN D 71 -42.69 -15.44 8.45
CA GLN D 71 -43.10 -14.25 9.20
C GLN D 71 -42.74 -14.37 10.68
N PRO D 72 -41.58 -13.81 11.08
CA PRO D 72 -41.17 -13.81 12.49
C PRO D 72 -42.18 -13.07 13.36
N ILE D 73 -42.27 -13.48 14.63
CA ILE D 73 -43.19 -12.85 15.55
C ILE D 73 -42.41 -12.16 16.66
N ILE D 74 -42.64 -10.86 16.83
CA ILE D 74 -42.03 -10.13 17.92
C ILE D 74 -42.98 -10.14 19.09
N ASP D 75 -42.57 -10.72 20.22
CA ASP D 75 -43.48 -10.77 21.37
C ASP D 75 -43.42 -9.48 22.18
N GLU D 76 -44.10 -9.47 23.33
CA GLU D 76 -44.18 -8.29 24.18
C GLU D 76 -42.82 -7.93 24.78
N LYS D 77 -41.98 -8.94 24.99
CA LYS D 77 -40.65 -8.72 25.55
C LYS D 77 -39.63 -8.36 24.47
N LEU D 78 -40.11 -8.19 23.23
CA LEU D 78 -39.29 -7.85 22.07
C LEU D 78 -38.34 -8.97 21.62
N ASN D 79 -38.63 -10.19 22.03
CA ASN D 79 -37.93 -11.36 21.52
C ASN D 79 -38.54 -11.77 20.19
N VAL D 80 -37.76 -12.41 19.33
CA VAL D 80 -38.25 -12.79 18.01
C VAL D 80 -38.34 -14.30 17.87
N GLU D 81 -39.53 -14.79 17.57
CA GLU D 81 -39.71 -16.21 17.30
C GLU D 81 -39.78 -16.44 15.80
N VAL D 82 -38.98 -17.38 15.30
CA VAL D 82 -38.99 -17.68 13.88
C VAL D 82 -39.41 -19.13 13.64
N ASP D 83 -40.46 -19.29 12.86
CA ASP D 83 -40.94 -20.62 12.44
C ASP D 83 -40.76 -20.76 10.93
N ALA D 84 -39.65 -21.36 10.53
CA ALA D 84 -39.29 -21.45 9.12
C ALA D 84 -40.12 -22.45 8.31
N SER D 85 -41.06 -23.12 8.96
CA SER D 85 -41.85 -24.17 8.28
C SER D 85 -42.81 -23.61 7.24
N SER D 86 -43.06 -22.31 7.27
CA SER D 86 -43.96 -21.72 6.29
C SER D 86 -43.22 -21.22 5.04
N ILE D 87 -41.91 -21.46 4.96
CA ILE D 87 -41.11 -20.86 3.90
C ILE D 87 -41.64 -21.26 2.51
N LYS D 88 -41.67 -20.29 1.60
CA LYS D 88 -42.31 -20.48 0.32
C LYS D 88 -41.34 -20.30 -0.85
N THR D 89 -40.41 -19.37 -0.68
CA THR D 89 -39.56 -18.95 -1.79
C THR D 89 -38.10 -18.93 -1.37
N LEU D 90 -37.29 -19.76 -2.00
CA LEU D 90 -35.88 -19.89 -1.62
C LEU D 90 -35.02 -18.84 -2.32
N VAL D 91 -35.39 -17.57 -2.18
CA VAL D 91 -34.72 -16.48 -2.86
C VAL D 91 -34.54 -15.31 -1.91
N ALA D 92 -33.29 -14.83 -1.81
CA ALA D 92 -33.03 -13.58 -1.10
C ALA D 92 -32.92 -12.49 -2.16
N PRO D 93 -33.96 -11.66 -2.29
CA PRO D 93 -34.05 -10.74 -3.43
C PRO D 93 -33.01 -9.63 -3.39
N TYR D 94 -32.52 -9.26 -4.57
CA TYR D 94 -31.62 -8.13 -4.70
C TYR D 94 -32.15 -6.86 -4.07
N GLU D 95 -33.46 -6.63 -4.21
CA GLU D 95 -34.11 -5.46 -3.62
C GLU D 95 -33.77 -5.28 -2.15
N LEU D 96 -33.71 -6.37 -1.39
CA LEU D 96 -33.30 -6.29 0.01
C LEU D 96 -31.78 -6.48 0.22
N VAL D 97 -31.17 -7.43 -0.49
CA VAL D 97 -29.75 -7.68 -0.32
C VAL D 97 -28.92 -6.43 -0.63
N LYS D 98 -29.34 -5.62 -1.61
CA LYS D 98 -28.57 -4.43 -1.94
C LYS D 98 -28.54 -3.42 -0.79
N THR D 99 -29.41 -3.58 0.21
CA THR D 99 -29.45 -2.65 1.33
C THR D 99 -28.65 -3.16 2.51
N MET D 100 -28.26 -4.42 2.47
CA MET D 100 -27.60 -5.04 3.61
C MET D 100 -26.89 -6.33 3.20
N ARG D 101 -25.61 -6.23 2.87
CA ARG D 101 -24.87 -7.38 2.31
C ARG D 101 -24.77 -8.55 3.29
N ALA D 102 -24.95 -8.29 4.59
CA ALA D 102 -24.95 -9.36 5.59
C ALA D 102 -26.10 -10.35 5.36
N SER D 103 -27.05 -9.97 4.50
CA SER D 103 -28.13 -10.86 4.04
C SER D 103 -27.59 -12.17 3.49
N ILE D 104 -26.34 -12.15 3.03
CA ILE D 104 -25.73 -13.35 2.46
C ILE D 104 -25.68 -14.49 3.49
N LEU D 105 -25.83 -14.15 4.76
CA LEU D 105 -25.84 -15.16 5.83
C LEU D 105 -26.96 -16.22 5.68
N VAL D 106 -27.98 -15.96 4.85
CA VAL D 106 -29.03 -16.97 4.68
C VAL D 106 -28.61 -18.03 3.66
N LEU D 107 -27.53 -17.78 2.93
CA LEU D 107 -27.13 -18.67 1.84
C LEU D 107 -26.77 -20.07 2.37
N GLY D 108 -25.91 -20.11 3.38
CA GLY D 108 -25.49 -21.37 3.96
C GLY D 108 -26.62 -22.22 4.53
N PRO D 109 -27.42 -21.64 5.44
CA PRO D 109 -28.48 -22.45 6.03
C PRO D 109 -29.57 -22.82 5.02
N MET D 110 -29.93 -21.93 4.10
CA MET D 110 -30.95 -22.27 3.11
CA MET D 110 -30.94 -22.25 3.11
C MET D 110 -30.48 -23.42 2.25
N LEU D 111 -29.23 -23.36 1.81
CA LEU D 111 -28.67 -24.41 0.97
C LEU D 111 -28.64 -25.75 1.70
N ALA D 112 -28.19 -25.74 2.95
CA ALA D 112 -28.07 -26.98 3.72
C ALA D 112 -29.41 -27.62 4.04
N ARG D 113 -30.40 -26.78 4.37
CA ARG D 113 -31.71 -27.25 4.79
C ARG D 113 -32.59 -27.64 3.62
N PHE D 114 -32.54 -26.85 2.55
CA PHE D 114 -33.50 -27.03 1.47
C PHE D 114 -32.88 -27.54 0.17
N GLY D 115 -31.56 -27.60 0.11
CA GLY D 115 -30.89 -28.19 -1.04
C GLY D 115 -30.61 -27.25 -2.20
N GLU D 116 -31.11 -26.03 -2.10
CA GLU D 116 -30.92 -25.02 -3.13
C GLU D 116 -31.14 -23.63 -2.54
N ALA D 117 -30.59 -22.62 -3.20
CA ALA D 117 -30.75 -21.24 -2.76
C ALA D 117 -30.39 -20.28 -3.87
N GLU D 118 -31.11 -19.17 -3.94
CA GLU D 118 -30.69 -18.07 -4.80
C GLU D 118 -30.57 -16.82 -3.94
N VAL D 119 -29.37 -16.27 -3.87
CA VAL D 119 -29.11 -15.12 -3.01
C VAL D 119 -28.41 -14.07 -3.86
N ALA D 120 -28.93 -12.84 -3.87
CA ALA D 120 -28.31 -11.82 -4.69
C ALA D 120 -26.85 -11.63 -4.28
N LEU D 121 -25.98 -11.52 -5.28
CA LEU D 121 -24.56 -11.25 -5.02
C LEU D 121 -24.36 -9.79 -4.63
N PRO D 122 -23.85 -9.54 -3.41
CA PRO D 122 -23.66 -8.13 -3.03
C PRO D 122 -22.74 -7.37 -3.97
N GLY D 123 -23.09 -6.13 -4.29
CA GLY D 123 -22.23 -5.28 -5.11
C GLY D 123 -21.30 -4.49 -4.21
N GLY D 124 -21.18 -3.20 -4.49
CA GLY D 124 -20.27 -2.35 -3.73
C GLY D 124 -20.80 -1.85 -2.40
N ALA D 126 -19.41 1.11 0.50
CA ALA D 126 -18.44 2.21 0.51
C ALA D 126 -17.26 1.98 1.45
N ILE D 127 -17.40 1.04 2.38
CA ILE D 127 -16.30 0.72 3.27
C ILE D 127 -15.05 0.34 2.47
N GLY D 128 -15.24 -0.42 1.40
CA GLY D 128 -14.10 -0.85 0.59
C GLY D 128 -14.33 -2.21 -0.02
N SER D 129 -13.25 -2.88 -0.39
CA SER D 129 -13.32 -4.19 -1.05
C SER D 129 -13.83 -5.28 -0.11
N ARG D 130 -14.98 -5.86 -0.46
CA ARG D 130 -15.61 -6.89 0.36
C ARG D 130 -16.16 -8.05 -0.48
N PRO D 131 -15.27 -8.69 -1.26
CA PRO D 131 -15.77 -9.81 -2.07
C PRO D 131 -16.23 -10.98 -1.20
N VAL D 132 -16.97 -11.93 -1.78
CA VAL D 132 -17.47 -13.06 -1.01
C VAL D 132 -17.05 -14.38 -1.65
N ASP D 133 -15.89 -14.35 -2.33
CA ASP D 133 -15.32 -15.53 -2.97
C ASP D 133 -15.13 -16.71 -2.00
N LEU D 134 -14.81 -16.43 -0.75
CA LEU D 134 -14.59 -17.49 0.23
C LEU D 134 -15.89 -18.14 0.66
N HIS D 135 -16.98 -17.37 0.64
CA HIS D 135 -18.29 -17.96 0.95
C HIS D 135 -18.61 -18.98 -0.12
N ILE D 136 -18.36 -18.59 -1.38
CA ILE D 136 -18.71 -19.42 -2.52
C ILE D 136 -17.82 -20.67 -2.58
N ARG D 137 -16.51 -20.47 -2.47
CA ARG D 137 -15.58 -21.61 -2.51
C ARG D 137 -15.79 -22.55 -1.32
N GLY D 138 -16.10 -21.97 -0.16
CA GLY D 138 -16.36 -22.77 1.03
C GLY D 138 -17.56 -23.68 0.83
N LEU D 139 -18.63 -23.15 0.26
CA LEU D 139 -19.81 -23.97 0.01
C LEU D 139 -19.53 -25.01 -1.08
N GLU D 140 -18.73 -24.65 -2.08
CA GLU D 140 -18.33 -25.63 -3.10
C GLU D 140 -17.56 -26.79 -2.46
N ALA D 141 -16.80 -26.50 -1.40
CA ALA D 141 -16.05 -27.54 -0.72
C ALA D 141 -16.98 -28.54 -0.01
N MET D 142 -18.22 -28.12 0.22
CA MET D 142 -19.23 -29.01 0.79
C MET D 142 -20.17 -29.57 -0.28
N GLY D 143 -19.77 -29.47 -1.53
CA GLY D 143 -20.53 -30.08 -2.62
C GLY D 143 -21.50 -29.18 -3.37
N ALA D 144 -21.58 -27.91 -2.98
CA ALA D 144 -22.46 -27.00 -3.70
C ALA D 144 -21.94 -26.75 -5.10
N GLN D 145 -22.85 -26.74 -6.09
CA GLN D 145 -22.49 -26.25 -7.41
C GLN D 145 -23.13 -24.89 -7.54
N ILE D 146 -22.32 -23.89 -7.87
CA ILE D 146 -22.77 -22.51 -7.79
C ILE D 146 -22.48 -21.76 -9.07
N GLU D 147 -23.50 -21.04 -9.54
CA GLU D 147 -23.40 -20.15 -10.71
CA GLU D 147 -23.31 -20.14 -10.68
C GLU D 147 -23.76 -18.73 -10.31
N VAL D 148 -23.29 -17.75 -11.07
CA VAL D 148 -23.74 -16.38 -10.95
C VAL D 148 -24.55 -16.04 -12.18
N GLU D 149 -25.81 -15.66 -12.00
CA GLU D 149 -26.66 -15.33 -13.14
C GLU D 149 -27.71 -14.29 -12.74
N GLY D 150 -27.94 -13.30 -13.58
CA GLY D 150 -28.88 -12.24 -13.26
C GLY D 150 -28.56 -11.51 -11.96
N GLY D 151 -27.30 -11.52 -11.57
CA GLY D 151 -26.90 -10.92 -10.31
C GLY D 151 -27.17 -11.78 -9.09
N TYR D 152 -27.54 -13.04 -9.32
CA TYR D 152 -27.75 -13.96 -8.20
C TYR D 152 -26.72 -15.06 -8.09
N ILE D 153 -26.32 -15.35 -6.84
CA ILE D 153 -25.64 -16.58 -6.51
C ILE D 153 -26.68 -17.69 -6.54
N LYS D 154 -26.58 -18.59 -7.51
CA LYS D 154 -27.51 -19.70 -7.61
C LYS D 154 -26.81 -21.00 -7.20
N ALA D 155 -27.22 -21.56 -6.06
CA ALA D 155 -26.50 -22.68 -5.45
C ALA D 155 -27.38 -23.93 -5.39
N LYS D 156 -26.79 -25.09 -5.69
CA LYS D 156 -27.53 -26.36 -5.58
C LYS D 156 -26.68 -27.42 -4.87
N ALA D 157 -27.29 -28.12 -3.91
CA ALA D 157 -26.61 -29.20 -3.20
C ALA D 157 -26.49 -30.43 -4.07
N PRO D 158 -25.51 -31.32 -3.78
CA PRO D 158 -25.41 -32.57 -4.55
C PRO D 158 -26.52 -33.53 -4.15
N ALA D 159 -26.67 -34.62 -4.90
CA ALA D 159 -27.65 -35.64 -4.56
C ALA D 159 -27.50 -36.06 -3.10
N GLY D 160 -28.58 -35.93 -2.34
CA GLY D 160 -28.57 -36.34 -0.95
C GLY D 160 -28.23 -35.24 0.05
N GLY D 161 -27.92 -34.04 -0.46
CA GLY D 161 -27.62 -32.91 0.40
C GLY D 161 -26.13 -32.57 0.48
N LEU D 162 -25.79 -31.45 1.12
CA LEU D 162 -24.39 -31.07 1.31
C LEU D 162 -23.61 -32.18 1.99
N ARG D 163 -22.31 -32.24 1.70
CA ARG D 163 -21.45 -33.29 2.23
C ARG D 163 -20.34 -32.65 3.06
N GLY D 164 -19.91 -33.34 4.11
CA GLY D 164 -18.83 -32.82 4.92
C GLY D 164 -17.58 -32.59 4.09
N GLY D 165 -16.87 -31.52 4.38
CA GLY D 165 -15.65 -31.25 3.65
C GLY D 165 -14.65 -30.50 4.48
N HIS D 166 -13.52 -30.21 3.86
CA HIS D 166 -12.51 -29.39 4.49
CA HIS D 166 -12.48 -29.40 4.48
C HIS D 166 -12.40 -28.08 3.73
N PHE D 167 -12.26 -26.98 4.45
CA PHE D 167 -12.04 -25.72 3.77
C PHE D 167 -11.08 -24.86 4.59
N PHE D 168 -10.08 -24.32 3.90
CA PHE D 168 -9.13 -23.41 4.51
C PHE D 168 -9.39 -21.99 4.04
N PHE D 169 -9.64 -21.08 4.99
CA PHE D 169 -9.83 -19.66 4.66
C PHE D 169 -8.51 -18.94 4.40
N ASP D 170 -8.25 -18.54 3.14
CA ASP D 170 -7.02 -17.83 2.80
C ASP D 170 -6.89 -16.53 3.59
N THR D 171 -8.03 -15.88 3.80
CA THR D 171 -8.16 -14.64 4.58
C THR D 171 -9.21 -14.95 5.65
N VAL D 172 -9.02 -14.47 6.88
CA VAL D 172 -10.03 -14.67 7.92
C VAL D 172 -11.32 -13.98 7.52
N SER D 173 -12.45 -14.68 7.62
CA SER D 173 -13.76 -14.09 7.29
C SER D 173 -14.79 -14.42 8.37
N VAL D 174 -15.36 -13.37 8.98
CA VAL D 174 -16.31 -13.52 10.06
C VAL D 174 -17.60 -14.20 9.53
N THR D 175 -18.28 -13.55 8.59
CA THR D 175 -19.53 -14.13 8.08
C THR D 175 -19.27 -15.33 7.17
N GLY D 176 -18.08 -15.43 6.60
CA GLY D 176 -17.75 -16.61 5.83
C GLY D 176 -17.68 -17.83 6.75
N THR D 177 -17.02 -17.67 7.90
CA THR D 177 -16.94 -18.73 8.87
C THR D 177 -18.35 -19.13 9.33
N GLU D 178 -19.18 -18.14 9.62
CA GLU D 178 -20.55 -18.38 10.06
C GLU D 178 -21.39 -19.12 9.02
N ASN D 179 -21.28 -18.69 7.76
CA ASN D 179 -22.05 -19.29 6.66
C ASN D 179 -21.71 -20.77 6.53
N LEU D 180 -20.41 -21.08 6.60
CA LEU D 180 -19.98 -22.47 6.42
C LEU D 180 -20.33 -23.32 7.64
N MET D 181 -20.22 -22.73 8.83
CA MET D 181 -20.63 -23.42 10.06
C MET D 181 -22.10 -23.86 9.98
N MET D 182 -22.96 -22.94 9.56
CA MET D 182 -24.38 -23.22 9.43
C MET D 182 -24.65 -24.29 8.37
N ALA D 183 -23.99 -24.18 7.23
CA ALA D 183 -24.16 -25.18 6.19
C ALA D 183 -23.65 -26.56 6.66
N ALA D 184 -22.55 -26.56 7.39
CA ALA D 184 -21.97 -27.83 7.87
C ALA D 184 -22.87 -28.55 8.88
N ALA D 185 -23.67 -27.76 9.61
CA ALA D 185 -24.48 -28.27 10.70
C ALA D 185 -25.47 -29.36 10.26
N LEU D 186 -25.92 -29.27 9.00
CA LEU D 186 -26.87 -30.26 8.46
C LEU D 186 -26.26 -31.10 7.34
N ALA D 187 -24.96 -30.96 7.12
CA ALA D 187 -24.31 -31.70 6.05
C ALA D 187 -24.11 -33.16 6.46
N ASN D 188 -23.94 -34.02 5.46
CA ASN D 188 -23.68 -35.43 5.71
CA ASN D 188 -23.67 -35.44 5.72
C ASN D 188 -22.18 -35.64 5.97
N GLY D 189 -21.82 -35.83 7.23
CA GLY D 189 -20.45 -36.09 7.58
C GLY D 189 -19.74 -34.98 8.32
N ARG D 190 -18.42 -35.10 8.40
CA ARG D 190 -17.57 -34.17 9.16
C ARG D 190 -17.04 -33.03 8.29
N THR D 191 -17.15 -31.81 8.79
CA THR D 191 -16.57 -30.63 8.15
C THR D 191 -15.47 -30.03 9.06
N VAL D 192 -14.35 -29.66 8.46
CA VAL D 192 -13.29 -28.98 9.20
C VAL D 192 -13.04 -27.62 8.58
N LEU D 193 -13.23 -26.56 9.34
CA LEU D 193 -12.94 -25.20 8.84
C LEU D 193 -11.61 -24.75 9.44
N GLN D 194 -10.64 -24.41 8.58
CA GLN D 194 -9.31 -24.00 9.05
CA GLN D 194 -9.32 -23.99 9.07
C GLN D 194 -9.09 -22.50 8.82
N ASN D 195 -8.24 -21.90 9.65
CA ASN D 195 -8.06 -20.44 9.73
C ASN D 195 -9.41 -19.75 9.91
N ALA D 196 -10.22 -20.31 10.81
CA ALA D 196 -11.55 -19.79 11.11
C ALA D 196 -11.49 -18.48 11.88
N ALA D 197 -12.52 -17.65 11.69
CA ALA D 197 -12.65 -16.44 12.48
C ALA D 197 -12.94 -16.78 13.94
N ARG D 198 -12.29 -16.06 14.85
CA ARG D 198 -12.43 -16.32 16.29
C ARG D 198 -13.33 -15.30 17.01
N GLU D 199 -13.97 -14.40 16.25
CA GLU D 199 -14.87 -13.38 16.82
C GLU D 199 -15.90 -14.00 17.76
N PRO D 200 -16.25 -13.29 18.83
CA PRO D 200 -17.17 -13.83 19.84
C PRO D 200 -18.54 -14.19 19.28
N GLU D 201 -18.91 -13.55 18.18
CA GLU D 201 -20.19 -13.78 17.54
C GLU D 201 -20.19 -15.16 16.88
N VAL D 202 -19.02 -15.58 16.41
CA VAL D 202 -18.84 -16.94 15.85
C VAL D 202 -19.05 -18.00 16.94
N VAL D 203 -18.49 -17.74 18.12
CA VAL D 203 -18.71 -18.62 19.28
C VAL D 203 -20.18 -18.68 19.67
N ASP D 204 -20.81 -17.50 19.71
CA ASP D 204 -22.23 -17.39 20.09
C ASP D 204 -23.09 -18.19 19.12
N LEU D 205 -22.79 -18.07 17.82
CA LEU D 205 -23.51 -18.86 16.81
C LEU D 205 -23.35 -20.35 17.05
N ALA D 206 -22.12 -20.80 17.30
CA ALA D 206 -21.86 -22.21 17.56
C ALA D 206 -22.66 -22.68 18.75
N ASN D 207 -22.69 -21.85 19.79
CA ASN D 207 -23.37 -22.24 21.01
C ASN D 207 -24.89 -22.35 20.81
N CYS D 208 -25.45 -21.47 19.98
CA CYS D 208 -26.87 -21.54 19.63
C CYS D 208 -27.14 -22.80 18.79
N LEU D 209 -26.29 -23.05 17.78
CA LEU D 209 -26.46 -24.26 16.96
C LEU D 209 -26.42 -25.53 17.83
N ASN D 210 -25.50 -25.57 18.79
CA ASN D 210 -25.39 -26.73 19.67
C ASN D 210 -26.64 -26.86 20.53
N ALA D 211 -27.19 -25.74 20.97
CA ALA D 211 -28.44 -25.75 21.74
C ALA D 211 -29.60 -26.31 20.89
N MET D 212 -29.52 -26.12 19.57
CA MET D 212 -30.54 -26.61 18.64
C MET D 212 -30.32 -28.08 18.27
N GLY D 213 -29.21 -28.65 18.73
CA GLY D 213 -28.93 -30.05 18.53
C GLY D 213 -27.75 -30.34 17.62
N ALA D 214 -27.01 -29.31 17.25
CA ALA D 214 -25.85 -29.50 16.36
C ALA D 214 -24.65 -30.01 17.12
N ASN D 215 -23.56 -30.22 16.39
CA ASN D 215 -22.31 -30.69 16.97
C ASN D 215 -21.18 -29.86 16.39
N VAL D 216 -21.02 -28.65 16.94
CA VAL D 216 -20.00 -27.72 16.49
C VAL D 216 -18.96 -27.58 17.59
N GLN D 217 -17.71 -27.93 17.29
CA GLN D 217 -16.66 -27.87 18.31
C GLN D 217 -15.50 -27.00 17.84
N GLY D 218 -14.86 -26.30 18.78
CA GLY D 218 -13.67 -25.53 18.45
C GLY D 218 -13.90 -24.06 18.10
N ALA D 219 -15.16 -23.62 18.10
CA ALA D 219 -15.45 -22.22 17.82
C ALA D 219 -14.73 -21.35 18.82
N GLY D 220 -14.11 -20.28 18.33
CA GLY D 220 -13.23 -19.46 19.17
C GLY D 220 -11.76 -19.75 18.94
N SER D 221 -11.48 -20.88 18.32
CA SER D 221 -10.11 -21.24 17.92
C SER D 221 -10.00 -21.12 16.40
N ASP D 222 -8.83 -21.39 15.84
CA ASP D 222 -8.72 -21.27 14.38
C ASP D 222 -9.26 -22.50 13.64
N THR D 223 -9.64 -23.55 14.37
CA THR D 223 -10.12 -24.76 13.71
C THR D 223 -11.48 -25.19 14.27
N ILE D 224 -12.49 -25.19 13.42
CA ILE D 224 -13.82 -25.60 13.81
C ILE D 224 -14.16 -26.93 13.17
N VAL D 225 -14.60 -27.88 13.99
CA VAL D 225 -14.97 -29.20 13.51
C VAL D 225 -16.47 -29.37 13.68
N ILE D 226 -17.17 -29.70 12.60
CA ILE D 226 -18.61 -29.89 12.69
C ILE D 226 -18.96 -31.33 12.31
N GLU D 227 -19.75 -31.99 13.16
CA GLU D 227 -20.34 -33.27 12.77
C GLU D 227 -21.80 -33.00 12.41
N GLY D 228 -22.14 -33.14 11.15
CA GLY D 228 -23.48 -32.80 10.69
C GLY D 228 -24.53 -33.70 11.31
N VAL D 229 -25.73 -33.17 11.48
CA VAL D 229 -26.87 -33.97 11.96
C VAL D 229 -27.99 -33.86 10.94
N LYS D 230 -28.95 -34.79 10.97
CA LYS D 230 -29.99 -34.80 9.94
C LYS D 230 -31.00 -33.67 10.12
N ARG D 231 -31.29 -33.33 11.38
CA ARG D 231 -32.27 -32.28 11.66
C ARG D 231 -31.88 -31.45 12.86
N LEU D 232 -32.40 -30.23 12.93
CA LEU D 232 -32.17 -29.35 14.07
C LEU D 232 -33.49 -28.91 14.64
N GLY D 233 -33.54 -28.81 15.96
CA GLY D 233 -34.76 -28.42 16.64
C GLY D 233 -34.76 -26.97 17.07
N GLY D 234 -35.74 -26.60 17.86
CA GLY D 234 -35.87 -25.25 18.34
C GLY D 234 -35.07 -25.00 19.60
N ALA D 235 -34.95 -23.73 19.94
CA ALA D 235 -34.26 -23.33 21.15
C ALA D 235 -34.70 -21.92 21.51
N ARG D 236 -34.42 -21.53 22.75
CA ARG D 236 -34.61 -20.18 23.21
C ARG D 236 -33.22 -19.66 23.55
N TYR D 237 -32.71 -18.71 22.77
CA TYR D 237 -31.31 -18.32 22.91
C TYR D 237 -31.13 -16.80 23.14
N ASP D 238 -30.37 -16.46 24.19
CA ASP D 238 -30.03 -15.06 24.48
CA ASP D 238 -30.03 -15.07 24.47
C ASP D 238 -28.69 -14.68 23.86
N VAL D 239 -28.69 -13.75 22.92
CA VAL D 239 -27.42 -13.36 22.27
C VAL D 239 -26.51 -12.61 23.23
N LEU D 240 -25.20 -12.74 23.04
CA LEU D 240 -24.20 -12.14 23.94
C LEU D 240 -24.20 -10.62 23.78
N PRO D 241 -23.56 -9.90 24.73
CA PRO D 241 -23.55 -8.43 24.63
C PRO D 241 -22.78 -7.92 23.44
N ASP D 242 -23.09 -6.70 23.03
CA ASP D 242 -22.42 -6.07 21.89
C ASP D 242 -21.13 -5.39 22.31
N ARG D 243 -20.00 -5.98 21.92
CA ARG D 243 -18.70 -5.46 22.26
C ARG D 243 -18.37 -4.15 21.54
N ILE D 244 -19.02 -3.89 20.40
CA ILE D 244 -18.72 -2.66 19.67
C ILE D 244 -19.52 -1.51 20.31
N GLU D 245 -20.75 -1.79 20.70
CA GLU D 245 -21.54 -0.79 21.40
C GLU D 245 -20.83 -0.47 22.72
N THR D 246 -20.34 -1.50 23.39
CA THR D 246 -19.62 -1.34 24.65
C THR D 246 -18.42 -0.42 24.44
N GLY D 247 -17.55 -0.80 23.52
CA GLY D 247 -16.37 -0.01 23.21
C GLY D 247 -16.71 1.44 22.87
N THR D 248 -17.79 1.64 22.13
CA THR D 248 -18.15 2.97 21.66
C THR D 248 -18.53 3.90 22.81
N TYR D 249 -19.33 3.39 23.76
CA TYR D 249 -19.68 4.24 24.89
C TYR D 249 -18.48 4.46 25.83
N LEU D 250 -17.58 3.48 25.93
CA LEU D 250 -16.38 3.69 26.73
C LEU D 250 -15.53 4.82 26.12
N VAL D 251 -15.34 4.82 24.80
CA VAL D 251 -14.61 5.90 24.13
C VAL D 251 -15.32 7.24 24.26
N ALA D 252 -16.65 7.26 24.11
CA ALA D 252 -17.40 8.51 24.30
C ALA D 252 -17.08 9.12 25.67
N ALA D 253 -17.13 8.28 26.71
CA ALA D 253 -16.77 8.73 28.05
C ALA D 253 -15.33 9.23 28.12
N ALA D 254 -14.40 8.40 27.64
CA ALA D 254 -12.99 8.76 27.71
C ALA D 254 -12.71 10.08 27.00
N ALA D 255 -13.23 10.23 25.80
CA ALA D 255 -12.94 11.43 25.01
C ALA D 255 -13.40 12.73 25.67
N THR D 256 -14.48 12.67 26.46
CA THR D 256 -15.01 13.86 27.12
C THR D 256 -14.42 14.03 28.49
N GLY D 257 -13.52 13.11 28.88
CA GLY D 257 -12.90 13.16 30.19
C GLY D 257 -13.87 12.81 31.31
N GLY D 258 -14.87 12.00 30.98
CA GLY D 258 -15.93 11.71 31.92
C GLY D 258 -15.82 10.33 32.53
N ARG D 259 -16.95 9.80 32.97
CA ARG D 259 -16.95 8.44 33.47
C ARG D 259 -18.25 7.76 33.03
N VAL D 260 -18.29 6.44 33.12
CA VAL D 260 -19.46 5.69 32.71
C VAL D 260 -19.37 4.28 33.26
N LYS D 261 -20.51 3.76 33.67
CA LYS D 261 -20.59 2.35 34.02
C LYS D 261 -21.50 1.67 33.02
N LEU D 262 -21.00 0.59 32.43
CA LEU D 262 -21.76 -0.18 31.44
C LEU D 262 -22.19 -1.50 32.05
N LYS D 263 -23.50 -1.74 32.07
CA LYS D 263 -24.05 -2.97 32.63
C LYS D 263 -24.43 -3.97 31.52
N ASP D 264 -24.57 -5.24 31.90
CA ASP D 264 -24.96 -6.30 30.98
C ASP D 264 -23.99 -6.41 29.80
N THR D 265 -22.70 -6.28 30.09
CA THR D 265 -21.69 -6.47 29.08
C THR D 265 -20.67 -7.53 29.58
N ASP D 266 -19.47 -7.55 29.00
CA ASP D 266 -18.51 -8.61 29.29
C ASP D 266 -17.14 -8.09 28.90
N PRO D 267 -16.28 -7.78 29.88
CA PRO D 267 -14.95 -7.24 29.54
C PRO D 267 -14.10 -8.19 28.68
N THR D 268 -14.38 -9.49 28.77
CA THR D 268 -13.52 -10.47 28.11
C THR D 268 -13.73 -10.55 26.59
N ILE D 269 -14.68 -9.80 26.05
CA ILE D 269 -14.83 -9.79 24.60
C ILE D 269 -14.33 -8.49 23.99
N LEU D 270 -13.61 -7.69 24.76
CA LEU D 270 -12.97 -6.50 24.18
C LEU D 270 -11.68 -6.12 24.91
N GLU D 271 -10.87 -7.12 25.24
CA GLU D 271 -9.62 -6.87 25.97
C GLU D 271 -8.69 -5.90 25.24
N ALA D 272 -8.62 -5.99 23.91
CA ALA D 272 -7.71 -5.11 23.14
C ALA D 272 -8.12 -3.63 23.29
N VAL D 273 -9.41 -3.41 23.25
CA VAL D 273 -9.99 -2.07 23.41
C VAL D 273 -9.77 -1.53 24.82
N LEU D 274 -9.96 -2.37 25.83
CA LEU D 274 -9.77 -1.94 27.20
C LEU D 274 -8.32 -1.54 27.45
N GLN D 275 -7.39 -2.32 26.91
CA GLN D 275 -5.98 -2.01 27.07
CA GLN D 275 -5.97 -2.01 27.04
C GLN D 275 -5.63 -0.68 26.40
N LYS D 276 -6.19 -0.42 25.22
CA LYS D 276 -5.90 0.85 24.54
C LYS D 276 -6.51 2.02 25.30
N LEU D 277 -7.66 1.82 25.92
CA LEU D 277 -8.26 2.88 26.74
C LEU D 277 -7.37 3.19 27.96
N GLU D 278 -6.78 2.14 28.56
CA GLU D 278 -5.86 2.36 29.67
C GLU D 278 -4.60 3.11 29.21
N GLU D 279 -4.14 2.80 28.00
CA GLU D 279 -3.01 3.52 27.41
C GLU D 279 -3.32 5.01 27.24
N ALA D 280 -4.58 5.30 26.97
CA ALA D 280 -5.05 6.66 26.76
C ALA D 280 -5.27 7.41 28.07
N GLY D 281 -5.11 6.69 29.18
CA GLY D 281 -5.18 7.30 30.51
C GLY D 281 -6.42 6.95 31.32
N ALA D 282 -7.27 6.08 30.78
CA ALA D 282 -8.51 5.75 31.49
C ALA D 282 -8.25 4.80 32.64
N HIS D 283 -8.98 5.02 33.73
CA HIS D 283 -8.98 4.07 34.83
C HIS D 283 -10.16 3.13 34.65
N ILE D 284 -9.88 1.83 34.59
CA ILE D 284 -10.91 0.85 34.28
C ILE D 284 -11.03 -0.18 35.38
N SER D 285 -12.27 -0.42 35.82
CA SER D 285 -12.57 -1.51 36.72
C SER D 285 -13.61 -2.40 36.07
N THR D 286 -13.58 -3.68 36.36
CA THR D 286 -14.50 -4.60 35.70
C THR D 286 -15.09 -5.57 36.69
N GLY D 287 -16.29 -6.03 36.37
CA GLY D 287 -16.91 -7.15 37.06
C GLY D 287 -17.23 -8.21 36.01
N SER D 288 -17.92 -9.26 36.43
CA SER D 288 -18.24 -10.36 35.51
C SER D 288 -19.12 -9.86 34.36
N ASN D 289 -20.03 -8.92 34.63
CA ASN D 289 -20.87 -8.39 33.56
C ASN D 289 -20.96 -6.86 33.52
N TRP D 290 -19.94 -6.17 34.04
CA TRP D 290 -19.94 -4.71 33.95
C TRP D 290 -18.54 -4.15 33.73
N ILE D 291 -18.48 -2.93 33.20
CA ILE D 291 -17.22 -2.22 33.03
C ILE D 291 -17.44 -0.80 33.47
N GLU D 292 -16.54 -0.26 34.30
CA GLU D 292 -16.60 1.16 34.66
C GLU D 292 -15.31 1.86 34.26
N LEU D 293 -15.46 3.00 33.59
CA LEU D 293 -14.31 3.76 33.12
C LEU D 293 -14.40 5.14 33.72
N ASP D 294 -13.28 5.65 34.22
CA ASP D 294 -13.23 6.99 34.77
C ASP D 294 -11.98 7.69 34.26
N MET D 295 -12.16 8.81 33.56
CA MET D 295 -11.03 9.62 33.10
C MET D 295 -10.54 10.60 34.15
N LYS D 296 -11.38 10.84 35.15
CA LYS D 296 -11.08 11.77 36.24
C LYS D 296 -10.85 13.17 35.69
N GLY D 297 -11.51 13.49 34.59
CA GLY D 297 -11.45 14.82 34.00
C GLY D 297 -10.21 15.10 33.17
N ASN D 298 -9.37 14.08 33.00
CA ASN D 298 -8.15 14.26 32.23
C ASN D 298 -8.40 14.13 30.74
N ARG D 299 -7.71 14.97 29.97
CA ARG D 299 -7.66 14.84 28.52
C ARG D 299 -6.97 13.52 28.16
N PRO D 300 -7.53 12.78 27.18
CA PRO D 300 -6.90 11.49 26.85
C PRO D 300 -5.49 11.66 26.28
N LYS D 301 -4.67 10.63 26.42
CA LYS D 301 -3.35 10.60 25.79
C LYS D 301 -3.49 9.90 24.44
N ALA D 302 -2.80 10.40 23.43
CA ALA D 302 -2.83 9.80 22.10
C ALA D 302 -2.34 8.36 22.12
N VAL D 303 -3.02 7.48 21.40
CA VAL D 303 -2.61 6.08 21.30
C VAL D 303 -2.47 5.63 19.86
N ASN D 304 -1.58 4.66 19.63
CA ASN D 304 -1.51 4.00 18.33
C ASN D 304 -2.44 2.80 18.31
N VAL D 305 -3.05 2.54 17.15
CA VAL D 305 -4.01 1.48 17.00
C VAL D 305 -3.73 0.71 15.71
N ARG D 306 -3.87 -0.61 15.73
CA ARG D 306 -3.73 -1.43 14.53
C ARG D 306 -4.86 -2.44 14.48
N THR D 307 -5.73 -2.35 13.49
CA THR D 307 -6.83 -3.29 13.41
C THR D 307 -6.38 -4.65 12.85
N ALA D 308 -7.08 -5.70 13.29
CA ALA D 308 -6.87 -7.05 12.77
C ALA D 308 -8.04 -7.90 13.27
N PRO D 309 -8.16 -9.15 12.80
CA PRO D 309 -9.29 -9.91 13.32
C PRO D 309 -9.18 -10.23 14.82
N TYR D 310 -10.32 -10.47 15.44
CA TYR D 310 -10.40 -10.82 16.87
C TYR D 310 -9.41 -11.94 17.18
N PRO D 311 -8.72 -11.86 18.33
CA PRO D 311 -8.92 -10.90 19.43
C PRO D 311 -8.16 -9.59 19.30
N ALA D 312 -7.62 -9.29 18.13
CA ALA D 312 -6.95 -8.01 17.95
C ALA D 312 -7.95 -6.86 17.99
N PHE D 313 -7.43 -5.64 17.95
CA PHE D 313 -8.27 -4.44 17.92
C PHE D 313 -9.20 -4.47 16.71
N PRO D 314 -10.51 -4.25 16.93
CA PRO D 314 -11.49 -4.37 15.82
C PRO D 314 -11.56 -3.17 14.87
N THR D 315 -11.72 -3.45 13.58
CA THR D 315 -11.94 -2.36 12.62
C THR D 315 -13.19 -1.57 13.00
N ASP D 316 -14.20 -2.23 13.60
CA ASP D 316 -15.43 -1.51 13.97
C ASP D 316 -15.24 -0.54 15.14
N MET D 317 -14.07 -0.52 15.77
CA MET D 317 -13.77 0.47 16.81
C MET D 317 -12.76 1.51 16.36
N GLN D 318 -12.26 1.38 15.14
CA GLN D 318 -11.16 2.20 14.66
C GLN D 318 -11.53 3.69 14.58
N ALA D 319 -12.67 3.98 13.97
CA ALA D 319 -13.07 5.38 13.75
C ALA D 319 -13.24 6.07 15.10
N GLN D 320 -13.84 5.35 16.04
CA GLN D 320 -14.07 5.88 17.37
C GLN D 320 -12.76 6.30 18.04
N PHE D 321 -11.69 5.51 17.84
CA PHE D 321 -10.41 5.90 18.41
C PHE D 321 -9.76 7.08 17.67
N ILE D 322 -10.07 7.25 16.38
CA ILE D 322 -9.64 8.46 15.68
C ILE D 322 -10.32 9.66 16.37
N SER D 323 -11.61 9.56 16.68
CA SER D 323 -12.28 10.73 17.27
C SER D 323 -11.74 11.02 18.69
N MET D 324 -11.38 10.00 19.45
CA MET D 324 -10.73 10.23 20.73
C MET D 324 -9.33 10.84 20.53
N ASN D 325 -8.55 10.23 19.65
CA ASN D 325 -7.21 10.79 19.35
C ASN D 325 -7.29 12.23 18.85
N ALA D 326 -8.39 12.59 18.19
CA ALA D 326 -8.53 13.93 17.64
C ALA D 326 -8.49 15.01 18.71
N VAL D 327 -8.83 14.66 19.96
CA VAL D 327 -8.77 15.65 21.05
C VAL D 327 -7.79 15.23 22.14
N ALA D 328 -6.90 14.32 21.80
CA ALA D 328 -5.95 13.77 22.77
C ALA D 328 -4.69 14.60 22.81
N GLU D 329 -3.88 14.34 23.83
CA GLU D 329 -2.56 14.94 23.92
C GLU D 329 -1.57 14.09 23.15
N GLY D 330 -1.05 14.62 22.06
CA GLY D 330 -0.02 13.93 21.29
C GLY D 330 -0.47 13.48 19.91
N THR D 331 0.35 12.64 19.29
CA THR D 331 0.09 12.13 17.95
C THR D 331 -0.10 10.63 17.98
N GLY D 332 -1.17 10.15 17.37
CA GLY D 332 -1.49 8.74 17.36
C GLY D 332 -1.64 8.22 15.95
N ALA D 333 -1.05 7.07 15.66
CA ALA D 333 -1.16 6.46 14.35
C ALA D 333 -2.22 5.39 14.40
N VAL D 334 -3.20 5.49 13.50
CA VAL D 334 -4.29 4.53 13.44
C VAL D 334 -4.21 3.76 12.13
N ILE D 335 -3.92 2.46 12.23
CA ILE D 335 -3.58 1.65 11.05
C ILE D 335 -4.60 0.55 10.81
N GLU D 336 -5.13 0.49 9.58
CA GLU D 336 -6.06 -0.58 9.22
C GLU D 336 -5.34 -1.75 8.57
N THR D 337 -5.65 -2.98 8.99
CA THR D 337 -5.23 -4.13 8.18
C THR D 337 -6.44 -4.95 7.71
N VAL D 338 -7.64 -4.51 8.05
CA VAL D 338 -8.84 -5.27 7.68
C VAL D 338 -9.58 -4.58 6.53
N PHE D 339 -10.00 -3.35 6.75
CA PHE D 339 -10.55 -2.51 5.69
C PHE D 339 -9.63 -1.31 5.50
N GLU D 340 -8.68 -1.46 4.56
CA GLU D 340 -7.54 -0.55 4.47
C GLU D 340 -7.87 0.86 3.99
N ASN D 341 -9.09 1.08 3.53
CA ASN D 341 -9.52 2.41 3.12
CA ASN D 341 -9.51 2.42 3.12
C ASN D 341 -10.76 2.88 3.85
N ARG D 342 -11.00 2.32 5.03
CA ARG D 342 -12.15 2.71 5.84
C ARG D 342 -11.84 3.97 6.66
N PHE D 343 -11.77 5.11 5.99
CA PHE D 343 -11.40 6.37 6.65
C PHE D 343 -12.31 7.56 6.31
N MET D 344 -13.49 7.32 5.74
CA MET D 344 -14.37 8.42 5.34
C MET D 344 -14.70 9.36 6.50
N HIS D 345 -14.79 8.82 7.73
CA HIS D 345 -15.03 9.64 8.92
C HIS D 345 -13.97 10.72 9.12
N VAL D 346 -12.74 10.44 8.68
CA VAL D 346 -11.66 11.41 8.84
C VAL D 346 -12.03 12.73 8.17
N TYR D 347 -12.58 12.65 6.98
CA TYR D 347 -12.81 13.86 6.21
C TYR D 347 -14.00 14.66 6.75
N GLU D 348 -14.92 13.99 7.43
CA GLU D 348 -15.94 14.72 8.18
C GLU D 348 -15.34 15.40 9.40
N MET D 349 -14.48 14.69 10.13
CA MET D 349 -13.83 15.30 11.29
C MET D 349 -12.93 16.47 10.88
N ASN D 350 -12.35 16.41 9.67
CA ASN D 350 -11.56 17.56 9.20
C ASN D 350 -12.42 18.83 9.12
N ARG D 351 -13.70 18.68 8.75
CA ARG D 351 -14.61 19.83 8.73
C ARG D 351 -14.79 20.39 10.13
N MET D 352 -14.52 19.57 11.15
CA MET D 352 -14.67 19.99 12.55
C MET D 352 -13.34 20.45 13.14
N GLY D 353 -12.35 20.68 12.27
CA GLY D 353 -11.06 21.18 12.71
C GLY D 353 -10.10 20.13 13.24
N ALA D 354 -10.38 18.86 12.98
CA ALA D 354 -9.43 17.81 13.36
C ALA D 354 -8.17 17.95 12.52
N GLN D 355 -7.06 17.48 13.06
CA GLN D 355 -5.77 17.47 12.37
C GLN D 355 -5.36 16.02 12.08
N ILE D 356 -5.70 15.55 10.89
CA ILE D 356 -5.49 14.15 10.54
C ILE D 356 -4.89 14.07 9.15
N LEU D 357 -3.81 13.30 9.01
CA LEU D 357 -3.20 13.01 7.71
C LEU D 357 -3.43 11.54 7.37
N VAL D 358 -3.96 11.26 6.18
CA VAL D 358 -4.18 9.89 5.74
C VAL D 358 -3.26 9.57 4.56
N GLU D 359 -2.53 8.46 4.69
CA GLU D 359 -1.76 7.89 3.59
C GLU D 359 -2.04 6.39 3.56
N GLY D 360 -2.72 5.93 2.52
CA GLY D 360 -3.01 4.52 2.39
C GLY D 360 -3.80 4.00 3.57
N ASN D 361 -3.25 3.00 4.26
CA ASN D 361 -3.96 2.39 5.39
C ASN D 361 -3.62 3.02 6.74
N THR D 362 -3.05 4.22 6.72
CA THR D 362 -2.63 4.88 7.96
C THR D 362 -3.23 6.27 8.13
N ALA D 363 -3.86 6.52 9.27
CA ALA D 363 -4.28 7.86 9.64
C ALA D 363 -3.40 8.36 10.77
N ILE D 364 -2.80 9.53 10.57
CA ILE D 364 -1.94 10.12 11.57
C ILE D 364 -2.68 11.27 12.22
N VAL D 365 -3.04 11.10 13.48
CA VAL D 365 -3.88 12.06 14.18
C VAL D 365 -3.08 12.92 15.15
N THR D 366 -3.14 14.23 14.98
CA THR D 366 -2.51 15.14 15.93
C THR D 366 -3.60 15.77 16.78
N GLY D 367 -3.63 15.48 18.08
CA GLY D 367 -4.73 15.91 18.91
C GLY D 367 -4.73 17.41 19.14
N VAL D 368 -5.93 17.99 19.19
CA VAL D 368 -6.12 19.41 19.58
C VAL D 368 -7.04 19.46 20.80
N PRO D 369 -7.05 20.58 21.53
CA PRO D 369 -7.83 20.56 22.78
C PRO D 369 -9.33 20.35 22.60
N LYS D 370 -9.89 20.89 21.51
CA LYS D 370 -11.30 20.70 21.21
C LYS D 370 -11.55 20.84 19.71
N LEU D 371 -12.58 20.16 19.22
CA LEU D 371 -12.98 20.32 17.84
C LEU D 371 -13.92 21.52 17.69
N LYS D 372 -14.33 21.80 16.46
CA LYS D 372 -15.21 22.92 16.18
C LYS D 372 -16.48 22.43 15.49
N GLY D 373 -17.64 22.65 16.10
CA GLY D 373 -18.90 22.16 15.57
C GLY D 373 -19.18 22.54 14.13
N ALA D 374 -19.66 21.58 13.35
CA ALA D 374 -19.99 21.80 11.95
C ALA D 374 -20.95 20.71 11.50
N PRO D 375 -21.72 20.98 10.43
CA PRO D 375 -22.57 19.89 9.93
C PRO D 375 -21.73 18.82 9.22
N VAL D 376 -22.04 17.54 9.48
CA VAL D 376 -21.26 16.45 8.92
C VAL D 376 -22.20 15.33 8.49
N MET D 377 -21.67 14.39 7.72
CA MET D 377 -22.46 13.37 7.05
C MET D 377 -22.02 11.96 7.47
N ALA D 378 -22.94 11.17 8.03
CA ALA D 378 -22.66 9.76 8.33
C ALA D 378 -22.69 8.92 7.05
N THR D 379 -21.87 7.87 7.00
CA THR D 379 -21.85 6.97 5.84
C THR D 379 -21.68 5.50 6.19
N ASP D 380 -21.41 5.19 7.46
CA ASP D 380 -20.93 3.86 7.86
C ASP D 380 -21.64 3.46 9.16
N LEU D 381 -22.45 2.41 9.12
CA LEU D 381 -23.30 2.05 10.26
C LEU D 381 -22.56 1.81 11.58
N ARG D 382 -21.26 1.51 11.52
CA ARG D 382 -20.52 1.41 12.78
C ARG D 382 -19.54 2.56 12.94
N ALA D 383 -18.78 2.89 11.88
CA ALA D 383 -17.71 3.88 12.02
C ALA D 383 -18.26 5.29 12.23
N SER D 384 -19.45 5.58 11.71
CA SER D 384 -19.95 6.95 11.83
C SER D 384 -20.35 7.31 13.26
N ALA D 385 -20.31 6.35 14.19
CA ALA D 385 -20.44 6.66 15.62
C ALA D 385 -19.32 7.60 16.05
N SER D 386 -18.21 7.60 15.30
CA SER D 386 -17.11 8.49 15.61
C SER D 386 -17.52 9.95 15.45
N LEU D 387 -18.49 10.21 14.58
CA LEU D 387 -18.94 11.58 14.36
C LEU D 387 -19.78 12.07 15.53
N VAL D 388 -20.51 11.15 16.17
CA VAL D 388 -21.22 11.48 17.39
C VAL D 388 -20.21 11.84 18.50
N ILE D 389 -19.19 10.99 18.67
CA ILE D 389 -18.15 11.24 19.67
C ILE D 389 -17.45 12.57 19.37
N ALA D 390 -17.12 12.81 18.10
CA ALA D 390 -16.48 14.09 17.71
C ALA D 390 -17.37 15.25 18.12
N GLY D 391 -18.68 15.13 17.88
CA GLY D 391 -19.59 16.19 18.28
C GLY D 391 -19.61 16.47 19.78
N LEU D 392 -19.48 15.40 20.57
CA LEU D 392 -19.43 15.53 22.03
C LEU D 392 -18.21 16.32 22.52
N VAL D 393 -17.17 16.39 21.70
CA VAL D 393 -15.96 17.10 22.10
C VAL D 393 -15.69 18.31 21.21
N ALA D 394 -16.74 18.86 20.59
CA ALA D 394 -16.58 20.02 19.74
C ALA D 394 -17.21 21.24 20.37
N GLU D 395 -16.64 22.40 20.06
CA GLU D 395 -17.20 23.67 20.47
C GLU D 395 -18.48 23.93 19.71
N GLY D 396 -19.57 24.15 20.44
CA GLY D 396 -20.83 24.48 19.80
C GLY D 396 -21.55 23.26 19.26
N ASP D 397 -22.32 23.47 18.20
CA ASP D 397 -23.25 22.46 17.69
C ASP D 397 -22.74 21.73 16.45
N THR D 398 -22.92 20.41 16.47
CA THR D 398 -22.61 19.53 15.34
C THR D 398 -23.90 18.86 14.87
N LEU D 399 -24.22 19.03 13.59
CA LEU D 399 -25.44 18.50 13.02
C LEU D 399 -25.09 17.35 12.09
N ILE D 400 -25.50 16.13 12.47
CA ILE D 400 -25.11 14.97 11.69
C ILE D 400 -26.30 14.52 10.86
N ASP D 401 -26.09 14.39 9.55
CA ASP D 401 -27.20 13.86 8.76
CA ASP D 401 -27.09 13.93 8.59
C ASP D 401 -26.89 12.45 8.25
N ARG D 402 -27.87 11.85 7.58
CA ARG D 402 -27.85 10.44 7.17
C ARG D 402 -27.64 9.53 8.38
N ILE D 403 -28.33 9.88 9.47
CA ILE D 403 -28.35 9.12 10.71
C ILE D 403 -28.86 7.70 10.51
N TYR D 404 -29.63 7.49 9.44
CA TYR D 404 -30.13 6.16 9.14
C TYR D 404 -29.01 5.11 9.15
N HIS D 405 -27.78 5.49 8.77
CA HIS D 405 -26.64 4.57 8.87
C HIS D 405 -26.43 4.14 10.31
N ILE D 406 -26.37 5.13 11.19
CA ILE D 406 -26.07 4.89 12.59
C ILE D 406 -27.20 4.06 13.22
N ASP D 407 -28.44 4.32 12.80
CA ASP D 407 -29.60 3.58 13.33
C ASP D 407 -29.60 2.09 12.95
N ARG D 408 -28.83 1.74 11.92
CA ARG D 408 -28.59 0.33 11.57
C ARG D 408 -27.71 -0.35 12.60
N GLY D 409 -26.77 0.41 13.15
CA GLY D 409 -25.68 -0.18 13.92
C GLY D 409 -25.73 0.01 15.43
N TYR D 410 -26.59 0.91 15.90
CA TYR D 410 -26.69 1.23 17.32
C TYR D 410 -28.14 1.43 17.74
N GLU D 411 -28.50 0.82 18.87
CA GLU D 411 -29.84 1.03 19.40
C GLU D 411 -29.97 2.41 20.02
N CYS D 412 -30.93 3.17 19.51
CA CYS D 412 -31.24 4.53 19.95
CA CYS D 412 -31.26 4.52 19.98
C CYS D 412 -30.10 5.28 20.63
N ILE D 413 -29.07 5.58 19.84
CA ILE D 413 -27.82 6.11 20.38
C ILE D 413 -28.00 7.42 21.18
N GLU D 414 -28.90 8.31 20.73
CA GLU D 414 -29.06 9.59 21.44
C GLU D 414 -29.74 9.36 22.78
N GLU D 415 -30.60 8.35 22.86
CA GLU D 415 -31.32 8.09 24.11
C GLU D 415 -30.35 7.57 25.17
N LYS D 416 -29.40 6.73 24.75
CA LYS D 416 -28.42 6.20 25.68
C LYS D 416 -27.46 7.30 26.11
N LEU D 417 -27.04 8.14 25.18
CA LEU D 417 -26.12 9.20 25.51
C LEU D 417 -26.76 10.27 26.40
N GLN D 418 -28.07 10.45 26.28
CA GLN D 418 -28.78 11.39 27.15
C GLN D 418 -28.69 10.96 28.60
N LEU D 419 -28.71 9.64 28.82
CA LEU D 419 -28.61 9.08 30.15
C LEU D 419 -27.25 9.35 30.76
N LEU D 420 -26.27 9.68 29.92
CA LEU D 420 -24.92 9.97 30.38
C LEU D 420 -24.69 11.49 30.46
N GLY D 421 -25.73 12.28 30.25
CA GLY D 421 -25.62 13.71 30.37
C GLY D 421 -25.23 14.43 29.10
N ALA D 422 -25.23 13.71 27.98
CA ALA D 422 -24.92 14.35 26.70
C ALA D 422 -26.03 15.31 26.30
N LYS D 423 -25.66 16.41 25.65
CA LYS D 423 -26.62 17.33 25.08
C LYS D 423 -26.77 16.93 23.62
N ILE D 424 -27.79 16.12 23.33
CA ILE D 424 -27.95 15.54 22.00
C ILE D 424 -29.44 15.32 21.78
N ARG D 425 -29.88 15.59 20.54
CA ARG D 425 -31.30 15.52 20.21
CA ARG D 425 -31.29 15.53 20.21
C ARG D 425 -31.49 14.99 18.79
N ARG D 426 -32.53 14.19 18.60
CA ARG D 426 -32.85 13.71 17.27
C ARG D 426 -33.81 14.70 16.62
N VAL D 427 -33.46 15.16 15.42
CA VAL D 427 -34.31 16.03 14.63
C VAL D 427 -35.11 15.17 13.68
N PRO D 428 -36.44 15.09 13.88
CA PRO D 428 -37.23 14.15 13.06
C PRO D 428 -37.24 14.51 11.58
N GLY D 429 -37.07 13.52 10.73
CA GLY D 429 -37.18 13.70 9.29
C GLY D 429 -38.63 13.89 8.87
#